data_3WEF
#
_entry.id   3WEF
#
_cell.length_a   85.888
_cell.length_b   153.752
_cell.length_c   91.613
_cell.angle_alpha   90.00
_cell.angle_beta   91.06
_cell.angle_gamma   90.00
#
_symmetry.space_group_name_H-M   'P 1 21 1'
#
loop_
_entity.id
_entity.type
_entity.pdbx_description
1 polymer 'Squalene synthase'
2 non-polymer 'S-[(2E,6E)-3,7,11-TRIMETHYLDODECA-2,6,10-TRIENYL] TRIHYDROGEN THIODIPHOSPHATE'
3 water water
#
_entity_poly.entity_id   1
_entity_poly.type   'polypeptide(L)'
_entity_poly.pdbx_seq_one_letter_code
;GSHMDQDSLSSSLKTCYKYLNQTSRSFAAVIQALDGEMRNAVCIFYLVLRALDTLEDDMTISVEKKVPLLHNFHSFLYQP
DWRFMESKEKDRQVLEDFPTISLEFRNLAEKYQTVIADICRRMGIGMAEFLDKHVTSEQEWDKYCHYVAGLVGIGLSRLF
SASEFEDPLVGEDTERANSMGLFLQKTNIIRDYLEDQQGGREFWPQEVWSRYVKKLGDFAKPENIDLAVQCLNELITNAL
HHIPDVITYLSRLRNQSVFNFCAIPQVMAIATLAACYNNQQVFKGAVKIRKGQAVTLMMDATNMPAVKAIIYQYMEEIYH
RIPDSDPSSSKTRQIISTIRTQN
;
_entity_poly.pdbx_strand_id   A,B,C,D,E,F
#
loop_
_chem_comp.id
_chem_comp.type
_chem_comp.name
_chem_comp.formula
FPS non-polymer 'S-[(2E,6E)-3,7,11-TRIMETHYLDODECA-2,6,10-TRIENYL] TRIHYDROGEN THIODIPHOSPHATE' 'C15 H28 O6 P2 S'
#
# COMPACT_ATOMS: atom_id res chain seq x y z
N LEU A 9 3.42 -33.22 -7.79
CA LEU A 9 3.01 -34.62 -7.51
C LEU A 9 2.39 -35.27 -8.75
N SER A 10 1.64 -34.50 -9.54
CA SER A 10 1.11 -34.98 -10.82
C SER A 10 2.27 -35.24 -11.77
N SER A 11 2.33 -36.44 -12.32
CA SER A 11 3.43 -36.86 -13.18
C SER A 11 3.39 -36.11 -14.50
N SER A 12 2.18 -35.73 -14.88
CA SER A 12 1.87 -34.91 -16.04
C SER A 12 2.44 -33.48 -15.94
N LEU A 13 2.26 -32.87 -14.78
CA LEU A 13 2.75 -31.54 -14.48
C LEU A 13 4.27 -31.50 -14.32
N LYS A 14 4.83 -32.58 -13.76
CA LYS A 14 6.28 -32.75 -13.65
C LYS A 14 6.90 -32.65 -15.04
N THR A 15 6.29 -33.35 -16.00
CA THR A 15 6.72 -33.38 -17.39
C THR A 15 6.68 -31.98 -18.00
N CYS A 16 5.62 -31.21 -17.71
CA CYS A 16 5.50 -29.84 -18.21
C CYS A 16 6.62 -28.93 -17.71
N TYR A 17 6.96 -29.01 -16.43
CA TYR A 17 8.05 -28.23 -15.87
C TYR A 17 9.40 -28.71 -16.39
N LYS A 18 9.55 -30.02 -16.60
CA LYS A 18 10.71 -30.51 -17.34
C LYS A 18 10.81 -29.77 -18.68
N TYR A 19 9.74 -29.80 -19.47
CA TYR A 19 9.74 -29.13 -20.76
C TYR A 19 10.04 -27.63 -20.68
N LEU A 20 9.44 -26.95 -19.71
CA LEU A 20 9.66 -25.53 -19.52
C LEU A 20 11.16 -25.28 -19.40
N ASN A 21 11.83 -26.10 -18.60
CA ASN A 21 13.26 -25.94 -18.37
C ASN A 21 14.14 -26.32 -19.55
N GLN A 22 13.70 -27.28 -20.35
CA GLN A 22 14.39 -27.64 -21.59
C GLN A 22 14.36 -26.53 -22.64
N THR A 23 13.23 -25.86 -22.77
CA THR A 23 12.97 -24.97 -23.89
C THR A 23 13.13 -23.50 -23.51
N SER A 24 13.07 -23.19 -22.22
CA SER A 24 13.19 -21.78 -21.83
C SER A 24 14.26 -21.50 -20.81
N ARG A 25 15.52 -21.53 -21.24
CA ARG A 25 16.66 -21.08 -20.42
C ARG A 25 16.44 -19.74 -19.70
N SER A 26 15.70 -18.82 -20.34
CA SER A 26 15.56 -17.45 -19.86
C SER A 26 14.43 -17.14 -18.88
N PHE A 27 13.24 -17.69 -19.13
CA PHE A 27 12.05 -17.37 -18.35
C PHE A 27 11.73 -18.40 -17.25
N ALA A 28 12.29 -19.60 -17.33
CA ALA A 28 11.84 -20.70 -16.46
C ALA A 28 11.87 -20.38 -14.97
N ALA A 29 12.97 -19.83 -14.49
CA ALA A 29 13.12 -19.56 -13.07
C ALA A 29 12.12 -18.53 -12.56
N VAL A 30 11.89 -17.44 -13.29
CA VAL A 30 10.87 -16.47 -12.87
C VAL A 30 9.43 -16.97 -13.06
N ILE A 31 9.19 -17.83 -14.05
CA ILE A 31 7.86 -18.43 -14.15
C ILE A 31 7.64 -19.28 -12.91
N GLN A 32 8.63 -20.09 -12.55
CA GLN A 32 8.51 -20.93 -11.35
C GLN A 32 8.40 -20.13 -10.05
N ALA A 33 8.86 -18.89 -10.06
CA ALA A 33 8.72 -18.07 -8.85
C ALA A 33 7.36 -17.37 -8.77
N LEU A 34 6.44 -17.60 -9.70
CA LEU A 34 5.20 -16.84 -9.70
C LEU A 34 4.26 -17.30 -8.59
N ASP A 35 3.59 -16.38 -7.91
CA ASP A 35 2.62 -16.74 -6.86
C ASP A 35 1.42 -17.57 -7.31
N GLY A 36 1.04 -18.54 -6.48
CA GLY A 36 -0.24 -19.24 -6.57
C GLY A 36 -0.56 -19.81 -7.94
N GLU A 37 -1.77 -19.57 -8.41
CA GLU A 37 -2.26 -20.10 -9.70
C GLU A 37 -1.53 -19.61 -10.95
N MET A 38 -0.82 -18.49 -10.87
CA MET A 38 -0.09 -17.98 -12.03
C MET A 38 1.03 -18.91 -12.49
N ARG A 39 1.61 -19.64 -11.54
CA ARG A 39 2.74 -20.50 -11.82
C ARG A 39 2.35 -21.50 -12.91
N ASN A 40 1.32 -22.32 -12.65
CA ASN A 40 0.93 -23.33 -13.63
C ASN A 40 0.39 -22.70 -14.92
N ALA A 41 -0.37 -21.61 -14.79
CA ALA A 41 -1.02 -21.00 -15.95
C ALA A 41 0.01 -20.45 -16.95
N VAL A 42 1.06 -19.84 -16.42
CA VAL A 42 2.10 -19.26 -17.25
C VAL A 42 3.01 -20.36 -17.80
N CYS A 43 3.34 -21.34 -16.96
CA CYS A 43 4.01 -22.52 -17.48
C CYS A 43 3.29 -23.09 -18.71
N ILE A 44 1.99 -23.33 -18.58
CA ILE A 44 1.24 -23.94 -19.68
C ILE A 44 1.14 -22.99 -20.87
N PHE A 45 0.88 -21.71 -20.59
CA PHE A 45 0.83 -20.73 -21.65
C PHE A 45 2.14 -20.77 -22.44
N TYR A 46 3.27 -20.75 -21.74
CA TYR A 46 4.58 -20.78 -22.39
C TYR A 46 4.81 -22.00 -23.28
N LEU A 47 4.40 -23.17 -22.80
CA LEU A 47 4.61 -24.42 -23.52
C LEU A 47 3.73 -24.50 -24.77
N VAL A 48 2.51 -23.98 -24.62
CA VAL A 48 1.56 -23.94 -25.71
C VAL A 48 2.08 -23.00 -26.80
N LEU A 49 2.58 -21.84 -26.39
CA LEU A 49 3.16 -20.90 -27.35
C LEU A 49 4.42 -21.44 -27.99
N ARG A 50 5.20 -22.20 -27.21
CA ARG A 50 6.41 -22.81 -27.73
C ARG A 50 6.08 -23.86 -28.80
N ALA A 51 5.00 -24.60 -28.59
CA ALA A 51 4.54 -25.55 -29.60
C ALA A 51 4.13 -24.84 -30.91
N LEU A 52 3.36 -23.76 -30.77
CA LEU A 52 2.92 -22.94 -31.88
C LEU A 52 4.09 -22.24 -32.62
N ASP A 53 5.06 -21.72 -31.87
CA ASP A 53 6.27 -21.17 -32.47
C ASP A 53 7.02 -22.23 -33.28
N THR A 54 7.12 -23.44 -32.74
CA THR A 54 7.87 -24.50 -33.39
C THR A 54 7.24 -24.83 -34.75
N LEU A 55 5.91 -24.89 -34.81
CA LEU A 55 5.24 -25.15 -36.09
C LEU A 55 5.52 -24.01 -37.08
N GLU A 56 5.33 -22.77 -36.65
CA GLU A 56 5.68 -21.60 -37.44
C GLU A 56 7.10 -21.66 -38.03
N ASP A 57 8.09 -21.89 -37.17
CA ASP A 57 9.51 -21.88 -37.53
C ASP A 57 9.94 -22.97 -38.50
N ASP A 58 9.24 -24.11 -38.46
CA ASP A 58 9.72 -25.31 -39.13
C ASP A 58 9.62 -25.24 -40.65
N MET A 59 10.75 -25.23 -41.32
CA MET A 59 10.76 -24.98 -42.75
C MET A 59 10.48 -26.21 -43.63
N THR A 60 10.43 -27.39 -43.00
CA THR A 60 10.13 -28.65 -43.65
C THR A 60 8.63 -28.89 -43.72
N ILE A 61 7.84 -28.01 -43.12
CA ILE A 61 6.39 -28.08 -43.23
C ILE A 61 5.98 -27.13 -44.35
N SER A 62 5.40 -27.68 -45.41
CA SER A 62 4.97 -26.88 -46.55
C SER A 62 3.94 -25.87 -46.07
N VAL A 63 3.89 -24.72 -46.74
CA VAL A 63 2.99 -23.62 -46.35
C VAL A 63 1.53 -24.11 -46.32
N GLU A 64 1.14 -24.96 -47.27
CA GLU A 64 -0.24 -25.44 -47.37
C GLU A 64 -0.65 -26.38 -46.25
N LYS A 65 0.31 -27.14 -45.73
CA LYS A 65 0.12 -27.93 -44.52
C LYS A 65 0.20 -27.01 -43.29
N LYS A 66 1.04 -25.99 -43.34
CA LYS A 66 1.28 -25.22 -42.15
C LYS A 66 0.10 -24.30 -41.83
N VAL A 67 -0.51 -23.69 -42.84
CA VAL A 67 -1.65 -22.79 -42.62
C VAL A 67 -2.79 -23.32 -41.73
N PRO A 68 -3.30 -24.54 -42.00
CA PRO A 68 -4.32 -25.13 -41.13
C PRO A 68 -3.79 -25.41 -39.73
N LEU A 69 -2.57 -25.90 -39.66
CA LEU A 69 -1.93 -26.16 -38.40
C LEU A 69 -2.02 -24.91 -37.50
N LEU A 70 -1.70 -23.76 -38.05
CA LEU A 70 -1.59 -22.53 -37.27
C LEU A 70 -3.00 -22.02 -36.99
N HIS A 71 -3.88 -22.17 -37.99
CA HIS A 71 -5.26 -21.72 -37.85
C HIS A 71 -5.97 -22.50 -36.76
N ASN A 72 -5.74 -23.80 -36.77
CA ASN A 72 -6.54 -24.69 -35.94
C ASN A 72 -5.86 -25.04 -34.63
N PHE A 73 -4.65 -24.53 -34.42
CA PHE A 73 -3.88 -24.85 -33.23
C PHE A 73 -4.65 -24.72 -31.93
N HIS A 74 -5.42 -23.64 -31.81
CA HIS A 74 -6.23 -23.38 -30.62
C HIS A 74 -7.25 -24.51 -30.35
N SER A 75 -7.76 -25.14 -31.40
CA SER A 75 -8.70 -26.26 -31.26
C SER A 75 -8.01 -27.50 -30.70
N PHE A 76 -6.72 -27.67 -31.01
CA PHE A 76 -5.98 -28.87 -30.62
C PHE A 76 -5.90 -28.93 -29.10
N LEU A 77 -5.89 -27.76 -28.46
CA LEU A 77 -5.93 -27.70 -27.00
C LEU A 77 -7.08 -28.53 -26.42
N TYR A 78 -8.16 -28.67 -27.18
CA TYR A 78 -9.32 -29.42 -26.69
C TYR A 78 -9.44 -30.82 -27.29
N GLN A 79 -8.41 -31.25 -28.01
CA GLN A 79 -8.36 -32.58 -28.64
C GLN A 79 -7.29 -33.39 -27.91
N PRO A 80 -7.71 -34.27 -26.97
CA PRO A 80 -6.78 -34.91 -26.03
C PRO A 80 -5.68 -35.74 -26.68
N ASP A 81 -5.95 -36.27 -27.86
CA ASP A 81 -5.00 -37.16 -28.51
C ASP A 81 -4.12 -36.42 -29.52
N TRP A 82 -4.40 -35.16 -29.81
CA TRP A 82 -3.61 -34.43 -30.81
C TRP A 82 -2.11 -34.27 -30.51
N ARG A 83 -1.29 -34.52 -31.52
CA ARG A 83 0.16 -34.28 -31.47
C ARG A 83 0.73 -34.13 -32.89
N PHE A 84 1.96 -33.67 -33.02
CA PHE A 84 2.62 -33.59 -34.32
C PHE A 84 3.98 -34.29 -34.23
N MET A 85 4.12 -35.34 -35.04
CA MET A 85 5.30 -36.22 -35.07
C MET A 85 6.25 -35.94 -36.23
N GLU A 86 6.02 -34.87 -36.97
CA GLU A 86 6.73 -34.67 -38.24
C GLU A 86 7.75 -33.54 -38.18
N SER A 87 7.79 -32.84 -37.05
CA SER A 87 8.69 -31.71 -36.90
C SER A 87 10.14 -32.16 -36.79
N LYS A 88 11.04 -31.32 -37.29
CA LYS A 88 12.48 -31.57 -37.21
C LYS A 88 13.18 -30.49 -36.39
N GLU A 89 12.41 -29.58 -35.79
CA GLU A 89 12.95 -28.46 -35.01
C GLU A 89 13.52 -28.96 -33.68
N LYS A 90 14.39 -28.14 -33.09
CA LYS A 90 15.02 -28.41 -31.80
C LYS A 90 14.04 -28.70 -30.66
N ASP A 91 12.97 -27.90 -30.54
CA ASP A 91 11.94 -28.07 -29.52
C ASP A 91 10.79 -29.02 -29.86
N ARG A 92 10.99 -29.92 -30.82
CA ARG A 92 9.91 -30.80 -31.28
C ARG A 92 9.23 -31.61 -30.19
N GLN A 93 9.96 -31.93 -29.12
CA GLN A 93 9.45 -32.75 -28.03
C GLN A 93 8.09 -32.30 -27.49
N VAL A 94 7.88 -30.99 -27.55
CA VAL A 94 6.71 -30.33 -27.02
C VAL A 94 5.50 -30.57 -27.91
N LEU A 95 5.75 -30.80 -29.20
CA LEU A 95 4.71 -31.17 -30.15
C LEU A 95 4.48 -32.68 -30.14
N GLU A 96 5.59 -33.42 -30.02
CA GLU A 96 5.50 -34.87 -30.00
C GLU A 96 4.76 -35.39 -28.78
N ASP A 97 4.83 -34.68 -27.66
CA ASP A 97 4.10 -35.04 -26.45
C ASP A 97 3.11 -33.92 -26.11
N PHE A 98 2.50 -33.31 -27.13
CA PHE A 98 1.45 -32.34 -26.86
C PHE A 98 0.29 -32.79 -25.95
N PRO A 99 -0.11 -34.07 -26.03
CA PRO A 99 -1.19 -34.52 -25.14
C PRO A 99 -0.96 -34.28 -23.65
N THR A 100 0.29 -34.33 -23.20
CA THR A 100 0.59 -34.15 -21.78
C THR A 100 0.42 -32.67 -21.47
N ILE A 101 0.76 -31.82 -22.44
CA ILE A 101 0.65 -30.38 -22.26
C ILE A 101 -0.81 -29.95 -22.28
N SER A 102 -1.57 -30.50 -23.21
CA SER A 102 -2.95 -30.05 -23.41
C SER A 102 -3.82 -30.55 -22.27
N LEU A 103 -3.44 -31.71 -21.72
CA LEU A 103 -4.09 -32.25 -20.54
C LEU A 103 -3.89 -31.30 -19.36
N GLU A 104 -2.67 -30.83 -19.13
CA GLU A 104 -2.47 -29.90 -18.02
C GLU A 104 -3.15 -28.56 -18.30
N PHE A 105 -3.23 -28.20 -19.57
CA PHE A 105 -4.03 -27.04 -20.01
C PHE A 105 -5.50 -27.16 -19.61
N ARG A 106 -6.06 -28.35 -19.78
CA ARG A 106 -7.46 -28.60 -19.46
C ARG A 106 -7.73 -28.74 -17.97
N ASN A 107 -6.69 -28.96 -17.18
CA ASN A 107 -6.79 -28.91 -15.70
C ASN A 107 -6.73 -27.49 -15.14
N LEU A 108 -6.37 -26.51 -15.95
CA LEU A 108 -6.41 -25.11 -15.52
C LEU A 108 -7.84 -24.65 -15.32
N ALA A 109 -8.05 -23.70 -14.42
CA ALA A 109 -9.32 -23.00 -14.34
C ALA A 109 -9.67 -22.39 -15.71
N GLU A 110 -10.95 -22.50 -16.08
CA GLU A 110 -11.50 -21.99 -17.33
C GLU A 110 -11.05 -20.56 -17.63
N LYS A 111 -11.08 -19.74 -16.59
CA LYS A 111 -10.58 -18.39 -16.58
C LYS A 111 -9.26 -18.25 -17.35
N TYR A 112 -8.34 -19.17 -17.11
CA TYR A 112 -7.03 -19.17 -17.73
C TYR A 112 -7.04 -19.76 -19.15
N GLN A 113 -7.81 -20.85 -19.31
CA GLN A 113 -8.08 -21.50 -20.59
C GLN A 113 -8.61 -20.53 -21.63
N THR A 114 -9.68 -19.82 -21.27
CA THR A 114 -10.26 -18.79 -22.12
C THR A 114 -9.20 -17.85 -22.69
N VAL A 115 -8.33 -17.31 -21.84
CA VAL A 115 -7.26 -16.43 -22.27
C VAL A 115 -6.26 -17.14 -23.17
N ILE A 116 -5.80 -18.32 -22.79
CA ILE A 116 -4.76 -18.99 -23.56
C ILE A 116 -5.24 -19.36 -24.96
N ALA A 117 -6.37 -20.04 -25.03
CA ALA A 117 -7.02 -20.36 -26.30
C ALA A 117 -7.25 -19.13 -27.15
N ASP A 118 -7.67 -18.03 -26.54
CA ASP A 118 -7.99 -16.81 -27.31
C ASP A 118 -6.74 -16.26 -27.98
N ILE A 119 -5.63 -16.26 -27.24
CA ILE A 119 -4.33 -15.82 -27.76
C ILE A 119 -3.80 -16.77 -28.82
N CYS A 120 -3.97 -18.07 -28.63
CA CYS A 120 -3.50 -19.03 -29.63
C CYS A 120 -4.22 -18.83 -30.94
N ARG A 121 -5.54 -18.71 -30.85
CA ARG A 121 -6.41 -18.50 -32.01
C ARG A 121 -5.91 -17.31 -32.82
N ARG A 122 -5.79 -16.16 -32.17
CA ARG A 122 -5.35 -14.93 -32.83
C ARG A 122 -3.90 -15.00 -33.32
N MET A 123 -3.00 -15.56 -32.53
CA MET A 123 -1.61 -15.69 -32.96
C MET A 123 -1.47 -16.54 -34.23
N GLY A 124 -2.28 -17.61 -34.29
CA GLY A 124 -2.25 -18.55 -35.40
C GLY A 124 -2.65 -17.89 -36.71
N ILE A 125 -3.68 -17.06 -36.67
CA ILE A 125 -4.11 -16.31 -37.84
C ILE A 125 -2.94 -15.44 -38.31
N GLY A 126 -2.33 -14.74 -37.37
CA GLY A 126 -1.26 -13.78 -37.63
C GLY A 126 -0.04 -14.45 -38.23
N MET A 127 0.36 -15.56 -37.60
CA MET A 127 1.51 -16.31 -38.08
C MET A 127 1.30 -16.79 -39.51
N ALA A 128 0.11 -17.30 -39.79
CA ALA A 128 -0.22 -17.83 -41.10
C ALA A 128 -0.21 -16.73 -42.16
N GLU A 129 -0.66 -15.54 -41.76
CA GLU A 129 -0.73 -14.39 -42.67
C GLU A 129 0.67 -14.00 -43.14
N PHE A 130 1.68 -14.16 -42.29
CA PHE A 130 3.02 -13.72 -42.65
C PHE A 130 3.90 -14.83 -43.24
N LEU A 131 3.37 -16.05 -43.31
CA LEU A 131 4.12 -17.14 -43.93
C LEU A 131 4.70 -16.81 -45.30
N ASP A 132 3.89 -16.23 -46.17
CA ASP A 132 4.30 -16.01 -47.55
C ASP A 132 5.19 -14.78 -47.77
N LYS A 133 5.06 -13.78 -46.91
CA LYS A 133 5.64 -12.47 -47.17
C LYS A 133 6.75 -12.16 -46.19
N HIS A 134 7.65 -11.28 -46.59
CA HIS A 134 8.59 -10.67 -45.66
C HIS A 134 7.98 -9.34 -45.19
N VAL A 135 8.38 -8.91 -44.00
CA VAL A 135 7.88 -7.66 -43.43
C VAL A 135 8.31 -6.45 -44.25
N THR A 136 7.37 -5.62 -44.71
CA THR A 136 7.75 -4.47 -45.52
C THR A 136 7.90 -3.18 -44.73
N SER A 137 6.77 -2.58 -44.38
CA SER A 137 6.75 -1.29 -43.70
C SER A 137 7.03 -1.42 -42.21
N GLU A 138 7.28 -0.28 -41.56
CA GLU A 138 7.41 -0.25 -40.12
C GLU A 138 6.08 -0.59 -39.45
N GLN A 139 4.98 -0.12 -40.05
CA GLN A 139 3.65 -0.48 -39.57
C GLN A 139 3.47 -2.00 -39.56
N GLU A 140 4.07 -2.64 -40.56
CA GLU A 140 4.05 -4.09 -40.78
C GLU A 140 4.92 -4.80 -39.75
N TRP A 141 6.08 -4.22 -39.48
CA TRP A 141 6.97 -4.74 -38.45
C TRP A 141 6.20 -4.82 -37.15
N ASP A 142 5.55 -3.70 -36.82
CA ASP A 142 4.69 -3.68 -35.63
C ASP A 142 3.60 -4.73 -35.61
N LYS A 143 3.01 -5.00 -36.78
CA LYS A 143 1.91 -5.92 -36.89
C LYS A 143 2.40 -7.34 -36.64
N TYR A 144 3.47 -7.72 -37.34
CA TYR A 144 4.08 -9.02 -37.14
C TYR A 144 4.50 -9.24 -35.68
N CYS A 145 5.13 -8.25 -35.05
CA CYS A 145 5.54 -8.37 -33.64
C CYS A 145 4.35 -8.38 -32.69
N HIS A 146 3.28 -7.71 -33.09
CA HIS A 146 2.03 -7.78 -32.35
C HIS A 146 1.58 -9.23 -32.26
N TYR A 147 1.53 -9.90 -33.42
CA TYR A 147 1.09 -11.29 -33.51
C TYR A 147 1.97 -12.30 -32.77
N VAL A 148 3.28 -12.11 -32.74
CA VAL A 148 4.10 -13.16 -32.14
C VAL A 148 4.59 -12.77 -30.76
N ALA A 149 4.40 -11.53 -30.34
CA ALA A 149 4.93 -11.10 -29.04
C ALA A 149 4.00 -10.16 -28.25
N GLY A 150 3.46 -9.13 -28.92
CA GLY A 150 2.45 -8.30 -28.30
C GLY A 150 1.32 -9.12 -27.68
N LEU A 151 0.80 -10.08 -28.44
CA LEU A 151 -0.29 -10.95 -27.95
C LEU A 151 0.11 -11.72 -26.70
N VAL A 152 1.39 -12.10 -26.64
CA VAL A 152 1.90 -12.79 -25.48
C VAL A 152 1.77 -11.84 -24.29
N GLY A 153 2.16 -10.58 -24.51
CA GLY A 153 2.12 -9.57 -23.47
C GLY A 153 0.70 -9.42 -22.95
N ILE A 154 -0.22 -9.37 -23.91
CA ILE A 154 -1.62 -9.12 -23.64
C ILE A 154 -2.21 -10.30 -22.90
N GLY A 155 -1.96 -11.51 -23.39
CA GLY A 155 -2.38 -12.73 -22.70
C GLY A 155 -1.81 -12.86 -21.29
N LEU A 156 -0.53 -12.55 -21.13
CA LEU A 156 0.08 -12.63 -19.81
C LEU A 156 -0.62 -11.68 -18.83
N SER A 157 -0.87 -10.45 -19.28
CA SER A 157 -1.52 -9.43 -18.44
C SER A 157 -2.92 -9.85 -18.07
N ARG A 158 -3.63 -10.44 -19.03
CA ARG A 158 -4.96 -10.97 -18.73
C ARG A 158 -4.89 -12.14 -17.73
N LEU A 159 -3.83 -12.94 -17.77
CA LEU A 159 -3.68 -13.99 -16.74
C LEU A 159 -3.43 -13.41 -15.34
N PHE A 160 -2.63 -12.35 -15.25
CA PHE A 160 -2.33 -11.70 -13.96
C PHE A 160 -3.60 -11.18 -13.34
N SER A 161 -4.42 -10.52 -14.15
CA SER A 161 -5.67 -9.98 -13.65
C SER A 161 -6.65 -11.10 -13.32
N ALA A 162 -6.81 -12.09 -14.19
CA ALA A 162 -7.74 -13.18 -13.90
C ALA A 162 -7.44 -13.91 -12.58
N SER A 163 -6.16 -14.04 -12.25
CA SER A 163 -5.71 -14.65 -11.00
C SER A 163 -5.94 -13.77 -9.77
N GLU A 164 -6.17 -12.48 -9.99
CA GLU A 164 -6.51 -11.54 -8.92
C GLU A 164 -5.28 -10.97 -8.22
N PHE A 165 -4.10 -11.48 -8.56
CA PHE A 165 -2.84 -10.97 -8.01
C PHE A 165 -2.49 -9.58 -8.53
N GLU A 166 -2.90 -9.28 -9.76
CA GLU A 166 -2.82 -7.90 -10.25
C GLU A 166 -4.22 -7.32 -10.36
N ASP A 167 -4.31 -6.01 -10.26
CA ASP A 167 -5.55 -5.27 -10.46
C ASP A 167 -6.15 -5.56 -11.86
N PRO A 168 -7.48 -5.45 -12.03
CA PRO A 168 -8.05 -5.59 -13.39
C PRO A 168 -7.49 -4.59 -14.41
N LEU A 169 -7.01 -3.44 -13.95
CA LEU A 169 -6.45 -2.43 -14.87
C LEU A 169 -5.23 -2.94 -15.64
N VAL A 170 -4.53 -3.95 -15.11
CA VAL A 170 -3.36 -4.49 -15.79
C VAL A 170 -3.78 -5.23 -17.07
N GLY A 171 -4.77 -6.11 -16.97
CA GLY A 171 -5.26 -6.87 -18.12
C GLY A 171 -6.01 -6.02 -19.12
N GLU A 172 -6.73 -5.03 -18.65
CA GLU A 172 -7.42 -4.12 -19.55
C GLU A 172 -6.54 -3.21 -20.43
N ASP A 173 -5.37 -2.83 -19.94
CA ASP A 173 -4.47 -2.00 -20.73
C ASP A 173 -3.69 -2.80 -21.77
N THR A 174 -4.34 -3.06 -22.90
CA THR A 174 -3.83 -3.94 -23.94
C THR A 174 -2.74 -3.23 -24.73
N GLU A 175 -2.85 -1.91 -24.88
CA GLU A 175 -1.84 -1.18 -25.64
C GLU A 175 -0.41 -1.25 -25.07
N ARG A 176 -0.28 -0.98 -23.77
CA ARG A 176 1.03 -1.08 -23.13
C ARG A 176 1.52 -2.50 -22.93
N ALA A 177 0.60 -3.44 -22.71
CA ALA A 177 0.95 -4.85 -22.73
C ALA A 177 1.54 -5.26 -24.09
N ASN A 178 0.94 -4.78 -25.17
CA ASN A 178 1.45 -5.02 -26.51
C ASN A 178 2.83 -4.41 -26.69
N SER A 179 3.02 -3.17 -26.24
CA SER A 179 4.34 -2.55 -26.30
C SER A 179 5.39 -3.33 -25.52
N MET A 180 4.99 -4.00 -24.45
CA MET A 180 5.96 -4.78 -23.71
C MET A 180 6.47 -5.89 -24.62
N GLY A 181 5.56 -6.56 -25.33
CA GLY A 181 5.96 -7.59 -26.30
C GLY A 181 6.76 -7.09 -27.50
N LEU A 182 6.31 -6.01 -28.15
CA LEU A 182 7.03 -5.38 -29.27
C LEU A 182 8.47 -5.03 -28.94
N PHE A 183 8.71 -4.53 -27.75
CA PHE A 183 10.06 -4.17 -27.34
C PHE A 183 11.01 -5.38 -27.22
N LEU A 184 10.54 -6.48 -26.64
CA LEU A 184 11.37 -7.70 -26.55
C LEU A 184 11.52 -8.28 -27.95
N GLN A 185 10.43 -8.35 -28.70
CA GLN A 185 10.56 -8.95 -30.02
C GLN A 185 11.55 -8.20 -30.92
N LYS A 186 11.42 -6.87 -31.00
CA LYS A 186 12.31 -6.03 -31.79
C LYS A 186 13.75 -6.14 -31.34
N THR A 187 13.98 -6.16 -30.04
CA THR A 187 15.35 -6.29 -29.55
C THR A 187 15.93 -7.61 -30.04
N ASN A 188 15.17 -8.69 -29.93
CA ASN A 188 15.65 -10.00 -30.33
C ASN A 188 15.92 -10.05 -31.83
N ILE A 189 15.02 -9.49 -32.61
CA ILE A 189 15.19 -9.42 -34.05
C ILE A 189 16.38 -8.55 -34.45
N ILE A 190 16.65 -7.49 -33.67
CA ILE A 190 17.82 -6.67 -33.93
C ILE A 190 19.09 -7.47 -33.62
N ARG A 191 19.15 -8.03 -32.41
CA ARG A 191 20.27 -8.85 -31.98
C ARG A 191 20.58 -10.02 -32.93
N ASP A 192 19.55 -10.69 -33.44
CA ASP A 192 19.77 -11.93 -34.16
C ASP A 192 19.83 -11.77 -35.67
N TYR A 193 20.30 -10.62 -36.15
CA TYR A 193 20.44 -10.42 -37.59
C TYR A 193 21.22 -11.58 -38.21
N LEU A 194 22.38 -11.87 -37.62
CA LEU A 194 23.32 -12.78 -38.26
C LEU A 194 22.81 -14.21 -38.18
N GLU A 195 22.43 -14.64 -36.98
CA GLU A 195 21.82 -15.95 -36.80
C GLU A 195 20.66 -16.12 -37.79
N ASP A 196 19.76 -15.13 -37.85
CA ASP A 196 18.59 -15.21 -38.73
C ASP A 196 18.97 -15.31 -40.21
N GLN A 197 20.05 -14.62 -40.60
CA GLN A 197 20.42 -14.53 -42.00
C GLN A 197 21.00 -15.84 -42.54
N GLN A 198 21.68 -16.56 -41.66
CA GLN A 198 22.32 -17.84 -41.99
C GLN A 198 21.42 -18.99 -41.58
N GLY A 199 20.13 -18.72 -41.48
CA GLY A 199 19.11 -19.74 -41.36
C GLY A 199 18.03 -19.38 -42.34
N GLY A 200 18.35 -18.42 -43.22
CA GLY A 200 17.43 -17.96 -44.25
C GLY A 200 16.12 -17.33 -43.81
N ARG A 201 16.11 -16.67 -42.66
CA ARG A 201 14.92 -15.94 -42.24
C ARG A 201 15.19 -14.44 -42.30
N GLU A 202 14.23 -13.68 -42.80
CA GLU A 202 14.33 -12.22 -42.80
C GLU A 202 13.25 -11.60 -41.92
N PHE A 203 13.68 -10.82 -40.93
CA PHE A 203 12.78 -10.11 -40.03
C PHE A 203 12.96 -8.59 -40.06
N TRP A 204 14.13 -8.09 -40.47
CA TRP A 204 14.33 -6.66 -40.63
C TRP A 204 13.39 -6.12 -41.72
N PRO A 205 12.66 -5.04 -41.39
CA PRO A 205 11.63 -4.51 -42.29
C PRO A 205 12.24 -3.95 -43.57
N GLN A 206 11.67 -4.33 -44.71
CA GLN A 206 12.36 -4.01 -45.94
C GLN A 206 12.36 -2.52 -46.26
N GLU A 207 11.28 -1.81 -45.92
CA GLU A 207 11.22 -0.39 -46.27
C GLU A 207 12.35 0.34 -45.55
N VAL A 208 12.82 -0.24 -44.45
CA VAL A 208 13.98 0.30 -43.76
C VAL A 208 15.29 -0.14 -44.41
N TRP A 209 15.58 -1.44 -44.48
CA TRP A 209 16.90 -1.84 -44.97
C TRP A 209 17.16 -1.47 -46.42
N SER A 210 16.10 -1.47 -47.23
CA SER A 210 16.23 -1.22 -48.65
C SER A 210 16.61 0.21 -48.97
N ARG A 211 16.80 1.02 -47.93
CA ARG A 211 17.32 2.36 -48.17
C ARG A 211 18.85 2.36 -48.07
N TYR A 212 19.39 1.24 -47.62
CA TYR A 212 20.83 1.13 -47.42
C TYR A 212 21.45 0.14 -48.40
N VAL A 213 20.83 -1.01 -48.58
CA VAL A 213 21.38 -2.06 -49.45
C VAL A 213 20.30 -2.71 -50.31
N LYS A 214 20.73 -3.45 -51.33
CA LYS A 214 19.83 -4.15 -52.24
C LYS A 214 19.21 -5.42 -51.68
N LYS A 215 19.96 -6.16 -50.85
CA LYS A 215 19.46 -7.38 -50.23
C LYS A 215 19.83 -7.38 -48.75
N LEU A 216 18.89 -7.77 -47.88
CA LEU A 216 19.18 -7.73 -46.45
C LEU A 216 20.46 -8.46 -46.09
N GLY A 217 20.74 -9.55 -46.80
CA GLY A 217 21.99 -10.30 -46.60
C GLY A 217 23.28 -9.54 -46.90
N ASP A 218 23.18 -8.33 -47.43
CA ASP A 218 24.38 -7.54 -47.70
C ASP A 218 25.06 -7.02 -46.44
N PHE A 219 24.31 -6.90 -45.34
CA PHE A 219 24.87 -6.39 -44.09
C PHE A 219 25.90 -7.36 -43.53
N ALA A 220 25.88 -8.60 -44.00
CA ALA A 220 26.83 -9.62 -43.55
C ALA A 220 28.25 -9.50 -44.12
N LYS A 221 28.42 -8.74 -45.20
CA LYS A 221 29.74 -8.55 -45.78
C LYS A 221 30.42 -7.24 -45.35
N PRO A 222 31.72 -7.31 -44.99
CA PRO A 222 32.56 -6.23 -44.49
C PRO A 222 32.41 -4.87 -45.17
N GLU A 223 32.30 -4.85 -46.49
CA GLU A 223 32.28 -3.59 -47.24
C GLU A 223 30.97 -2.82 -47.12
N ASN A 224 30.01 -3.40 -46.42
CA ASN A 224 28.71 -2.74 -46.21
C ASN A 224 28.47 -2.46 -44.73
N ILE A 225 29.53 -2.58 -43.94
CA ILE A 225 29.41 -2.44 -42.49
C ILE A 225 28.94 -1.04 -42.07
N ASP A 226 29.37 0.00 -42.78
CA ASP A 226 29.00 1.36 -42.40
C ASP A 226 27.49 1.50 -42.54
N LEU A 227 26.99 1.03 -43.67
CA LEU A 227 25.56 1.06 -43.96
C LEU A 227 24.79 0.21 -42.96
N ALA A 228 25.39 -0.92 -42.60
CA ALA A 228 24.79 -1.89 -41.70
C ALA A 228 24.55 -1.30 -40.32
N VAL A 229 25.57 -0.64 -39.79
CA VAL A 229 25.47 0.00 -38.47
C VAL A 229 24.48 1.18 -38.49
N GLN A 230 24.43 1.87 -39.63
CA GLN A 230 23.41 2.90 -39.88
C GLN A 230 21.98 2.38 -39.72
N CYS A 231 21.69 1.27 -40.38
CA CYS A 231 20.36 0.70 -40.37
C CYS A 231 20.07 0.12 -38.98
N LEU A 232 21.03 -0.61 -38.41
CA LEU A 232 20.96 -1.08 -37.02
C LEU A 232 20.55 0.03 -36.05
N ASN A 233 21.23 1.17 -36.17
CA ASN A 233 20.97 2.32 -35.30
C ASN A 233 19.56 2.87 -35.52
N GLU A 234 19.06 2.81 -36.75
CA GLU A 234 17.72 3.30 -37.06
C GLU A 234 16.66 2.39 -36.40
N LEU A 235 16.84 1.07 -36.54
CA LEU A 235 15.97 0.10 -35.88
C LEU A 235 15.98 0.15 -34.35
N ILE A 236 17.17 0.37 -33.77
CA ILE A 236 17.23 0.54 -32.32
C ILE A 236 16.47 1.79 -31.93
N THR A 237 16.67 2.88 -32.67
CA THR A 237 15.92 4.11 -32.41
C THR A 237 14.42 3.88 -32.40
N ASN A 238 13.90 3.16 -33.39
CA ASN A 238 12.51 2.72 -33.42
C ASN A 238 12.09 1.93 -32.17
N ALA A 239 12.86 0.91 -31.80
CA ALA A 239 12.56 0.09 -30.61
C ALA A 239 12.47 0.88 -29.31
N LEU A 240 13.27 1.94 -29.20
CA LEU A 240 13.31 2.72 -27.96
C LEU A 240 12.00 3.47 -27.74
N HIS A 241 11.23 3.72 -28.81
CA HIS A 241 9.93 4.37 -28.68
C HIS A 241 8.99 3.65 -27.71
N HIS A 242 9.23 2.36 -27.45
CA HIS A 242 8.36 1.55 -26.60
C HIS A 242 8.67 1.71 -25.13
N ILE A 243 9.81 2.33 -24.81
CA ILE A 243 10.25 2.34 -23.42
C ILE A 243 9.28 3.05 -22.48
N PRO A 244 8.69 4.19 -22.91
CA PRO A 244 7.70 4.84 -22.05
C PRO A 244 6.55 3.92 -21.66
N ASP A 245 5.93 3.28 -22.64
CA ASP A 245 4.92 2.27 -22.35
C ASP A 245 5.43 1.22 -21.37
N VAL A 246 6.66 0.73 -21.60
CA VAL A 246 7.27 -0.27 -20.72
C VAL A 246 7.31 0.25 -19.27
N ILE A 247 7.80 1.47 -19.08
CA ILE A 247 7.81 2.08 -17.75
C ILE A 247 6.44 2.24 -17.11
N THR A 248 5.46 2.76 -17.86
CA THR A 248 4.09 2.86 -17.38
C THR A 248 3.52 1.50 -17.00
N TYR A 249 3.74 0.49 -17.85
CA TYR A 249 3.16 -0.82 -17.62
C TYR A 249 3.73 -1.39 -16.33
N LEU A 250 5.06 -1.36 -16.21
CA LEU A 250 5.72 -1.89 -15.01
C LEU A 250 5.32 -1.13 -13.75
N SER A 251 5.01 0.16 -13.91
CA SER A 251 4.72 1.00 -12.76
C SER A 251 3.40 0.63 -12.11
N ARG A 252 2.54 -0.02 -12.88
CA ARG A 252 1.21 -0.38 -12.42
C ARG A 252 1.21 -1.65 -11.54
N LEU A 253 2.20 -2.51 -11.72
CA LEU A 253 2.18 -3.84 -11.11
C LEU A 253 2.38 -3.78 -9.61
N ARG A 254 1.62 -4.58 -8.86
CA ARG A 254 1.68 -4.54 -7.41
C ARG A 254 2.17 -5.84 -6.79
N ASN A 255 2.22 -6.90 -7.58
CA ASN A 255 2.65 -8.20 -7.10
C ASN A 255 4.13 -8.31 -7.40
N GLN A 256 4.90 -8.71 -6.39
CA GLN A 256 6.36 -8.77 -6.51
C GLN A 256 6.83 -9.88 -7.42
N SER A 257 6.19 -11.05 -7.39
CA SER A 257 6.57 -12.13 -8.31
C SER A 257 6.27 -11.82 -9.78
N VAL A 258 5.16 -11.14 -10.04
CA VAL A 258 4.80 -10.72 -11.39
C VAL A 258 5.76 -9.60 -11.82
N PHE A 259 6.07 -8.71 -10.88
CA PHE A 259 6.93 -7.59 -11.18
C PHE A 259 8.30 -8.10 -11.63
N ASN A 260 8.85 -9.09 -10.94
CA ASN A 260 10.15 -9.64 -11.28
C ASN A 260 10.08 -10.30 -12.65
N PHE A 261 8.98 -11.01 -12.91
CA PHE A 261 8.79 -11.75 -14.15
C PHE A 261 8.71 -10.78 -15.32
N CYS A 262 8.01 -9.65 -15.14
CA CYS A 262 7.88 -8.66 -16.21
C CYS A 262 9.14 -7.80 -16.34
N ALA A 263 9.68 -7.35 -15.22
CA ALA A 263 10.75 -6.36 -15.30
C ALA A 263 12.08 -6.91 -15.79
N ILE A 264 12.46 -8.09 -15.33
CA ILE A 264 13.79 -8.58 -15.62
C ILE A 264 14.06 -8.74 -17.12
N PRO A 265 13.13 -9.36 -17.87
CA PRO A 265 13.36 -9.50 -19.32
C PRO A 265 13.42 -8.13 -20.03
N GLN A 266 12.67 -7.14 -19.54
CA GLN A 266 12.70 -5.80 -20.16
C GLN A 266 14.05 -5.09 -20.02
N VAL A 267 14.57 -5.16 -18.80
CA VAL A 267 15.88 -4.61 -18.41
C VAL A 267 17.00 -5.33 -19.16
N MET A 268 16.91 -6.64 -19.29
CA MET A 268 17.80 -7.43 -20.16
C MET A 268 17.78 -7.03 -21.64
N ALA A 269 16.59 -6.84 -22.21
CA ALA A 269 16.46 -6.28 -23.55
C ALA A 269 17.07 -4.88 -23.67
N ILE A 270 16.81 -3.99 -22.72
CA ILE A 270 17.40 -2.64 -22.76
C ILE A 270 18.94 -2.72 -22.76
N ALA A 271 19.48 -3.61 -21.94
CA ALA A 271 20.93 -3.84 -21.88
C ALA A 271 21.43 -4.37 -23.22
N THR A 272 20.67 -5.28 -23.83
CA THR A 272 21.04 -5.80 -25.14
C THR A 272 21.14 -4.68 -26.18
N LEU A 273 20.07 -3.90 -26.30
CA LEU A 273 20.03 -2.76 -27.21
C LEU A 273 21.17 -1.81 -26.94
N ALA A 274 21.44 -1.52 -25.66
CA ALA A 274 22.58 -0.65 -25.38
C ALA A 274 23.87 -1.27 -25.88
N ALA A 275 24.06 -2.56 -25.66
CA ALA A 275 25.27 -3.25 -26.14
C ALA A 275 25.36 -3.26 -27.66
N CYS A 276 24.22 -3.33 -28.34
CA CYS A 276 24.18 -3.44 -29.80
C CYS A 276 24.33 -2.10 -30.51
N TYR A 277 24.07 -1.00 -29.81
CA TYR A 277 23.96 0.30 -30.46
C TYR A 277 25.29 0.65 -31.09
N ASN A 278 25.27 1.15 -32.33
CA ASN A 278 26.49 1.51 -33.06
C ASN A 278 27.54 0.39 -33.08
N ASN A 279 27.15 -0.84 -32.77
CA ASN A 279 28.11 -1.92 -32.60
C ASN A 279 28.28 -2.83 -33.82
N GLN A 280 29.42 -2.69 -34.49
CA GLN A 280 29.75 -3.48 -35.68
C GLN A 280 29.67 -4.98 -35.47
N GLN A 281 29.89 -5.44 -34.23
CA GLN A 281 29.85 -6.86 -33.90
C GLN A 281 28.52 -7.52 -34.26
N VAL A 282 27.44 -6.75 -34.23
CA VAL A 282 26.12 -7.27 -34.58
C VAL A 282 26.21 -8.06 -35.89
N PHE A 283 27.07 -7.60 -36.79
CA PHE A 283 27.16 -8.18 -38.12
C PHE A 283 28.29 -9.20 -38.28
N LYS A 284 29.08 -9.39 -37.22
CA LYS A 284 30.20 -10.32 -37.28
C LYS A 284 30.05 -11.52 -36.35
N GLY A 285 29.19 -11.40 -35.34
CA GLY A 285 28.89 -12.50 -34.42
C GLY A 285 27.89 -12.16 -33.32
N ALA A 286 28.11 -12.73 -32.15
CA ALA A 286 27.33 -12.42 -30.96
C ALA A 286 27.97 -11.24 -30.23
N VAL A 287 27.15 -10.53 -29.46
CA VAL A 287 27.58 -9.32 -28.76
C VAL A 287 27.64 -9.51 -27.23
N LYS A 288 28.74 -9.04 -26.65
CA LYS A 288 28.94 -9.02 -25.20
C LYS A 288 28.04 -7.99 -24.50
N ILE A 289 27.00 -8.51 -23.83
CA ILE A 289 26.19 -7.72 -22.89
C ILE A 289 27.01 -7.53 -21.62
N ARG A 290 27.42 -6.30 -21.36
CA ARG A 290 28.33 -5.99 -20.26
C ARG A 290 27.58 -5.41 -19.06
N MET A 298 24.40 0.33 -7.58
CA MET A 298 24.22 -0.55 -6.43
C MET A 298 22.79 -1.09 -6.39
N MET A 299 22.34 -1.63 -7.53
CA MET A 299 20.92 -1.90 -7.75
C MET A 299 20.62 -3.17 -8.53
N ASP A 300 19.53 -3.83 -8.17
CA ASP A 300 18.94 -4.92 -8.96
C ASP A 300 17.51 -4.60 -9.36
N ALA A 301 16.94 -5.37 -10.30
CA ALA A 301 15.72 -4.94 -10.96
C ALA A 301 14.39 -5.35 -10.30
N THR A 302 14.27 -5.18 -8.99
CA THR A 302 13.11 -5.73 -8.27
C THR A 302 12.24 -4.71 -7.53
N ASN A 303 12.48 -3.42 -7.76
CA ASN A 303 11.55 -2.36 -7.37
C ASN A 303 11.52 -1.33 -8.48
N MET A 304 10.38 -0.68 -8.70
CA MET A 304 10.24 0.19 -9.85
C MET A 304 11.25 1.35 -9.89
N PRO A 305 11.55 2.00 -8.75
CA PRO A 305 12.51 3.11 -8.88
C PRO A 305 13.92 2.67 -9.29
N ALA A 306 14.35 1.49 -8.84
CA ALA A 306 15.60 0.90 -9.31
C ALA A 306 15.53 0.57 -10.80
N VAL A 307 14.41 0.03 -11.27
CA VAL A 307 14.30 -0.32 -12.67
C VAL A 307 14.42 0.93 -13.53
N LYS A 308 13.71 1.99 -13.13
CA LYS A 308 13.83 3.27 -13.81
C LYS A 308 15.30 3.69 -13.90
N ALA A 309 16.01 3.66 -12.76
CA ALA A 309 17.41 4.11 -12.77
C ALA A 309 18.30 3.24 -13.66
N ILE A 310 18.06 1.93 -13.67
CA ILE A 310 18.82 1.05 -14.53
C ILE A 310 18.56 1.47 -15.98
N ILE A 311 17.28 1.65 -16.30
CA ILE A 311 16.89 2.04 -17.64
C ILE A 311 17.51 3.38 -18.03
N TYR A 312 17.47 4.35 -17.12
CA TYR A 312 18.03 5.65 -17.40
C TYR A 312 19.53 5.54 -17.67
N GLN A 313 20.24 4.75 -16.86
CA GLN A 313 21.66 4.55 -17.10
C GLN A 313 21.96 3.92 -18.46
N TYR A 314 21.20 2.90 -18.86
CA TYR A 314 21.44 2.31 -20.16
C TYR A 314 21.20 3.34 -21.26
N MET A 315 20.19 4.17 -21.06
CA MET A 315 19.89 5.18 -22.06
C MET A 315 21.03 6.18 -22.22
N GLU A 316 21.64 6.59 -21.10
CA GLU A 316 22.76 7.51 -21.15
C GLU A 316 23.97 6.89 -21.85
N GLU A 317 24.13 5.58 -21.69
CA GLU A 317 25.14 4.79 -22.41
C GLU A 317 24.91 4.83 -23.92
N ILE A 318 23.66 4.77 -24.35
CA ILE A 318 23.37 4.99 -25.77
C ILE A 318 23.62 6.44 -26.18
N TYR A 319 23.13 7.39 -25.39
CA TYR A 319 23.21 8.80 -25.72
C TYR A 319 24.66 9.20 -25.99
N HIS A 320 25.58 8.64 -25.21
CA HIS A 320 26.97 9.03 -25.24
C HIS A 320 27.76 8.53 -26.45
N ARG A 321 27.30 7.44 -27.07
CA ARG A 321 27.95 6.91 -28.26
C ARG A 321 27.35 7.41 -29.56
N ILE A 322 26.29 8.22 -29.49
CA ILE A 322 25.64 8.70 -30.71
C ILE A 322 26.61 9.48 -31.60
N PRO A 323 26.91 8.95 -32.81
CA PRO A 323 27.75 9.72 -33.72
C PRO A 323 26.91 10.78 -34.42
N ASP A 324 27.48 11.97 -34.57
CA ASP A 324 26.83 13.06 -35.28
C ASP A 324 26.44 12.71 -36.72
N SER A 325 27.37 12.08 -37.43
CA SER A 325 27.21 11.71 -38.82
C SER A 325 26.07 10.71 -39.04
N ASP A 326 25.75 9.89 -38.03
CA ASP A 326 24.70 8.87 -38.16
C ASP A 326 23.39 9.51 -38.58
N PRO A 327 22.77 8.99 -39.66
CA PRO A 327 21.49 9.44 -40.19
C PRO A 327 20.36 9.54 -39.16
N SER A 328 20.39 8.72 -38.12
CA SER A 328 19.31 8.75 -37.12
C SER A 328 19.66 9.51 -35.85
N SER A 329 20.80 10.22 -35.84
CA SER A 329 21.34 10.78 -34.61
C SER A 329 20.35 11.65 -33.85
N SER A 330 19.76 12.61 -34.55
CA SER A 330 18.75 13.50 -34.00
C SER A 330 17.56 12.75 -33.42
N LYS A 331 17.10 11.72 -34.11
CA LYS A 331 15.95 10.94 -33.69
C LYS A 331 16.26 10.13 -32.44
N THR A 332 17.48 9.59 -32.39
CA THR A 332 17.96 8.84 -31.23
C THR A 332 18.00 9.77 -30.02
N ARG A 333 18.53 10.98 -30.22
CA ARG A 333 18.58 11.97 -29.16
C ARG A 333 17.20 12.35 -28.67
N GLN A 334 16.27 12.51 -29.61
CA GLN A 334 14.90 12.92 -29.32
C GLN A 334 14.20 11.92 -28.44
N ILE A 335 14.18 10.66 -28.87
CA ILE A 335 13.49 9.66 -28.07
C ILE A 335 14.13 9.54 -26.68
N ILE A 336 15.46 9.64 -26.57
CA ILE A 336 16.12 9.47 -25.28
C ILE A 336 15.82 10.69 -24.41
N SER A 337 15.81 11.85 -25.05
CA SER A 337 15.47 13.08 -24.36
C SER A 337 14.05 12.95 -23.79
N THR A 338 13.15 12.39 -24.59
CA THR A 338 11.75 12.22 -24.20
C THR A 338 11.65 11.28 -23.01
N ILE A 339 12.39 10.17 -23.07
CA ILE A 339 12.33 9.21 -21.99
C ILE A 339 12.83 9.85 -20.69
N ARG A 340 13.95 10.57 -20.74
CA ARG A 340 14.55 11.18 -19.55
C ARG A 340 13.63 12.15 -18.84
N THR A 341 12.83 12.86 -19.62
CA THR A 341 12.05 13.98 -19.12
C THR A 341 10.67 13.50 -18.65
N GLN A 342 10.10 12.51 -19.34
CA GLN A 342 8.83 11.87 -18.96
C GLN A 342 8.46 12.12 -17.51
N SER B 10 26.91 0.79 28.20
CA SER B 10 27.47 -0.54 28.58
C SER B 10 28.75 -0.84 27.80
N SER B 11 29.88 -0.86 28.51
CA SER B 11 31.17 -1.26 27.94
C SER B 11 31.17 -2.77 27.65
N SER B 12 30.36 -3.48 28.43
CA SER B 12 30.19 -4.92 28.33
C SER B 12 29.53 -5.30 26.99
N LEU B 13 28.38 -4.70 26.72
CA LEU B 13 27.72 -4.93 25.44
C LEU B 13 28.57 -4.48 24.24
N LYS B 14 29.33 -3.40 24.39
CA LYS B 14 30.22 -2.96 23.31
C LYS B 14 31.34 -3.95 23.02
N THR B 15 31.90 -4.54 24.07
CA THR B 15 32.88 -5.62 23.95
C THR B 15 32.25 -6.88 23.33
N CYS B 16 30.95 -7.08 23.52
CA CYS B 16 30.32 -8.20 22.82
C CYS B 16 30.30 -7.98 21.32
N TYR B 17 30.00 -6.75 20.88
CA TYR B 17 29.91 -6.45 19.45
C TYR B 17 31.26 -6.49 18.74
N LYS B 18 32.31 -5.99 19.38
CA LYS B 18 33.67 -6.22 18.91
C LYS B 18 33.98 -7.73 18.78
N TYR B 19 33.78 -8.51 19.84
CA TYR B 19 33.98 -9.95 19.68
C TYR B 19 33.23 -10.53 18.49
N LEU B 20 32.00 -10.08 18.24
CA LEU B 20 31.23 -10.60 17.11
C LEU B 20 31.89 -10.30 15.77
N ASN B 21 32.42 -9.08 15.61
CA ASN B 21 33.06 -8.68 14.36
C ASN B 21 34.43 -9.33 14.17
N GLN B 22 35.14 -9.60 15.27
CA GLN B 22 36.39 -10.35 15.23
C GLN B 22 36.15 -11.82 14.92
N THR B 23 34.95 -12.32 15.18
CA THR B 23 34.70 -13.75 15.25
C THR B 23 33.77 -14.30 14.17
N SER B 24 32.85 -13.47 13.72
CA SER B 24 31.92 -13.84 12.66
C SER B 24 32.11 -13.03 11.39
N ARG B 25 32.95 -13.55 10.50
CA ARG B 25 33.07 -13.00 9.15
C ARG B 25 31.73 -12.93 8.44
N SER B 26 30.94 -14.00 8.58
CA SER B 26 29.74 -14.19 7.79
C SER B 26 28.48 -13.51 8.30
N PHE B 27 28.32 -13.44 9.62
CA PHE B 27 27.04 -13.01 10.17
C PHE B 27 27.11 -11.70 10.94
N ALA B 28 28.31 -11.16 11.17
CA ALA B 28 28.45 -9.98 12.03
C ALA B 28 27.58 -8.80 11.57
N ALA B 29 27.67 -8.48 10.29
CA ALA B 29 26.92 -7.39 9.71
C ALA B 29 25.40 -7.60 9.62
N VAL B 30 24.96 -8.81 9.27
CA VAL B 30 23.52 -9.07 9.11
C VAL B 30 22.87 -9.22 10.49
N ILE B 31 23.66 -9.69 11.45
CA ILE B 31 23.21 -9.78 12.84
C ILE B 31 23.01 -8.38 13.39
N GLN B 32 23.93 -7.47 13.12
CA GLN B 32 23.81 -6.10 13.62
C GLN B 32 22.69 -5.29 12.98
N ALA B 33 22.16 -5.79 11.87
CA ALA B 33 21.05 -5.13 11.16
C ALA B 33 19.69 -5.69 11.58
N LEU B 34 19.68 -6.63 12.52
CA LEU B 34 18.45 -7.23 12.96
C LEU B 34 17.64 -6.19 13.74
N ASP B 35 16.33 -6.17 13.55
CA ASP B 35 15.47 -5.22 14.25
C ASP B 35 15.35 -5.46 15.75
N GLY B 36 15.14 -4.38 16.51
CA GLY B 36 14.79 -4.46 17.94
C GLY B 36 15.55 -5.45 18.78
N GLU B 37 14.82 -6.22 19.58
CA GLU B 37 15.39 -7.14 20.58
C GLU B 37 16.18 -8.30 19.99
N MET B 38 15.90 -8.67 18.75
CA MET B 38 16.61 -9.77 18.09
C MET B 38 18.10 -9.54 17.96
N ARG B 39 18.48 -8.28 17.84
CA ARG B 39 19.87 -7.91 17.61
C ARG B 39 20.78 -8.47 18.67
N ASN B 40 20.56 -8.04 19.92
CA ASN B 40 21.36 -8.51 21.05
C ASN B 40 21.20 -9.99 21.29
N ALA B 41 19.98 -10.52 21.14
CA ALA B 41 19.75 -11.94 21.42
C ALA B 41 20.54 -12.84 20.48
N VAL B 42 20.57 -12.49 19.20
CA VAL B 42 21.34 -13.27 18.24
C VAL B 42 22.85 -13.02 18.36
N CYS B 43 23.22 -11.77 18.60
CA CYS B 43 24.63 -11.44 18.87
C CYS B 43 25.18 -12.33 19.99
N ILE B 44 24.46 -12.40 21.11
CA ILE B 44 24.88 -13.20 22.23
C ILE B 44 24.80 -14.69 21.90
N PHE B 45 23.71 -15.10 21.26
CA PHE B 45 23.55 -16.51 20.89
C PHE B 45 24.80 -16.93 20.14
N TYR B 46 25.20 -16.12 19.17
CA TYR B 46 26.37 -16.44 18.37
C TYR B 46 27.65 -16.58 19.17
N LEU B 47 27.85 -15.65 20.11
CA LEU B 47 29.06 -15.62 20.91
C LEU B 47 29.18 -16.84 21.84
N VAL B 48 28.07 -17.25 22.46
CA VAL B 48 28.11 -18.45 23.30
C VAL B 48 28.36 -19.73 22.47
N LEU B 49 27.70 -19.86 21.32
CA LEU B 49 27.98 -20.98 20.42
C LEU B 49 29.44 -20.93 19.96
N ARG B 50 29.96 -19.73 19.72
CA ARG B 50 31.34 -19.57 19.31
C ARG B 50 32.29 -20.09 20.39
N ALA B 51 31.99 -19.72 21.63
CA ALA B 51 32.75 -20.17 22.77
C ALA B 51 32.66 -21.70 22.90
N LEU B 52 31.46 -22.24 22.85
CA LEU B 52 31.23 -23.69 22.88
C LEU B 52 32.08 -24.38 21.82
N ASP B 53 32.03 -23.82 20.62
CA ASP B 53 32.75 -24.37 19.47
C ASP B 53 34.26 -24.31 19.60
N THR B 54 34.78 -23.26 20.22
CA THR B 54 36.21 -23.09 20.40
C THR B 54 36.75 -24.12 21.39
N LEU B 55 35.89 -24.49 22.34
CA LEU B 55 36.18 -25.53 23.32
C LEU B 55 36.17 -26.91 22.67
N GLU B 56 35.06 -27.22 22.01
CA GLU B 56 34.89 -28.49 21.31
C GLU B 56 35.99 -28.71 20.29
N ASP B 57 36.49 -27.58 19.79
CA ASP B 57 37.41 -27.47 18.67
C ASP B 57 38.86 -27.76 19.04
N ASP B 58 39.17 -27.49 20.29
CA ASP B 58 40.55 -27.39 20.74
C ASP B 58 41.11 -28.78 21.02
N MET B 59 42.04 -29.25 20.19
CA MET B 59 42.57 -30.61 20.34
C MET B 59 43.51 -30.78 21.55
N THR B 60 43.96 -29.64 22.07
CA THR B 60 44.74 -29.49 23.29
C THR B 60 43.99 -29.85 24.56
N ILE B 61 42.67 -29.81 24.54
CA ILE B 61 41.89 -30.13 25.74
C ILE B 61 41.55 -31.61 25.67
N SER B 62 42.02 -32.35 26.68
CA SER B 62 41.83 -33.80 26.72
C SER B 62 40.35 -34.14 26.83
N VAL B 63 39.96 -35.29 26.32
CA VAL B 63 38.55 -35.64 26.35
C VAL B 63 38.07 -35.69 27.81
N GLU B 64 38.96 -36.07 28.73
CA GLU B 64 38.61 -36.10 30.15
C GLU B 64 38.18 -34.71 30.63
N LYS B 65 38.81 -33.66 30.11
CA LYS B 65 38.35 -32.32 30.48
C LYS B 65 37.25 -31.81 29.55
N LYS B 66 37.32 -32.18 28.28
CA LYS B 66 36.35 -31.69 27.31
C LYS B 66 34.91 -32.12 27.56
N VAL B 67 34.68 -33.39 27.86
CA VAL B 67 33.31 -33.87 28.01
C VAL B 67 32.51 -33.08 29.07
N PRO B 68 33.10 -32.84 30.24
CA PRO B 68 32.40 -32.04 31.22
C PRO B 68 32.20 -30.61 30.77
N LEU B 69 33.20 -30.04 30.09
CA LEU B 69 33.07 -28.68 29.59
C LEU B 69 31.85 -28.57 28.66
N LEU B 70 31.71 -29.50 27.72
CA LEU B 70 30.58 -29.46 26.77
C LEU B 70 29.23 -29.72 27.43
N HIS B 71 29.19 -30.64 28.39
CA HIS B 71 27.95 -30.95 29.09
C HIS B 71 27.49 -29.79 29.96
N ASN B 72 28.41 -29.16 30.68
CA ASN B 72 28.04 -28.13 31.65
C ASN B 72 28.06 -26.73 31.12
N PHE B 73 28.43 -26.57 29.85
CA PHE B 73 28.55 -25.25 29.27
C PHE B 73 27.31 -24.38 29.48
N HIS B 74 26.15 -24.96 29.23
CA HIS B 74 24.89 -24.24 29.39
C HIS B 74 24.73 -23.65 30.78
N SER B 75 25.35 -24.24 31.81
CA SER B 75 25.32 -23.66 33.16
C SER B 75 26.40 -22.62 33.46
N PHE B 76 27.50 -22.65 32.71
CA PHE B 76 28.51 -21.58 32.81
C PHE B 76 27.86 -20.27 32.45
N LEU B 77 26.85 -20.33 31.60
CA LEU B 77 26.03 -19.19 31.23
C LEU B 77 25.54 -18.47 32.48
N TYR B 78 25.31 -19.23 33.55
CA TYR B 78 24.77 -18.66 34.78
C TYR B 78 25.76 -18.36 35.88
N GLN B 79 27.01 -18.75 35.71
CA GLN B 79 28.01 -18.56 36.76
C GLN B 79 28.90 -17.37 36.42
N PRO B 80 28.57 -16.19 36.98
CA PRO B 80 29.19 -14.94 36.61
C PRO B 80 30.71 -14.93 36.48
N ASP B 81 31.40 -15.77 37.25
CA ASP B 81 32.85 -15.75 37.25
C ASP B 81 33.46 -16.84 36.38
N TRP B 82 32.65 -17.62 35.69
CA TRP B 82 33.24 -18.69 34.90
C TRP B 82 33.99 -18.13 33.68
N ARG B 83 35.18 -18.67 33.42
CA ARG B 83 36.01 -18.36 32.25
C ARG B 83 36.87 -19.59 32.00
N PHE B 84 37.52 -19.67 30.84
CA PHE B 84 38.46 -20.76 30.56
C PHE B 84 39.78 -20.20 30.06
N MET B 85 40.85 -20.44 30.81
CA MET B 85 42.11 -19.74 30.57
C MET B 85 43.14 -20.55 29.80
N GLU B 86 42.82 -21.80 29.47
CA GLU B 86 43.81 -22.68 28.88
C GLU B 86 43.52 -23.03 27.44
N SER B 87 42.72 -22.21 26.76
CA SER B 87 42.49 -22.47 25.34
C SER B 87 43.67 -22.04 24.47
N LYS B 88 43.92 -22.85 23.44
CA LYS B 88 44.99 -22.64 22.48
C LYS B 88 44.44 -22.21 21.12
N GLU B 89 43.12 -22.07 21.04
CA GLU B 89 42.48 -21.69 19.79
C GLU B 89 42.62 -20.19 19.57
N LYS B 90 42.50 -19.81 18.31
CA LYS B 90 42.53 -18.44 17.85
C LYS B 90 41.41 -17.55 18.40
N ASP B 91 40.24 -18.12 18.70
CA ASP B 91 39.12 -17.33 19.20
C ASP B 91 39.04 -17.34 20.73
N ARG B 92 40.13 -17.72 21.39
CA ARG B 92 40.17 -17.96 22.84
C ARG B 92 39.80 -16.80 23.76
N GLN B 93 39.73 -15.58 23.23
CA GLN B 93 39.40 -14.40 24.02
C GLN B 93 37.96 -14.45 24.53
N VAL B 94 37.10 -15.08 23.73
CA VAL B 94 35.70 -15.31 24.03
C VAL B 94 35.54 -16.24 25.24
N LEU B 95 36.50 -17.14 25.43
CA LEU B 95 36.52 -18.00 26.62
C LEU B 95 37.21 -17.29 27.79
N GLU B 96 38.26 -16.51 27.49
CA GLU B 96 38.99 -15.86 28.57
C GLU B 96 38.22 -14.67 29.10
N ASP B 97 37.38 -14.06 28.28
CA ASP B 97 36.53 -12.98 28.77
C ASP B 97 35.07 -13.42 28.78
N PHE B 98 34.85 -14.70 29.03
CA PHE B 98 33.49 -15.20 29.13
C PHE B 98 32.60 -14.46 30.13
N PRO B 99 33.13 -14.08 31.32
CA PRO B 99 32.22 -13.37 32.21
C PRO B 99 31.53 -12.19 31.53
N THR B 100 32.18 -11.58 30.56
CA THR B 100 31.60 -10.43 29.88
C THR B 100 30.45 -10.87 28.97
N ILE B 101 30.62 -11.99 28.28
CA ILE B 101 29.58 -12.47 27.38
C ILE B 101 28.39 -12.96 28.19
N SER B 102 28.67 -13.68 29.28
CA SER B 102 27.64 -14.31 30.11
C SER B 102 26.86 -13.28 30.92
N LEU B 103 27.48 -12.13 31.19
CA LEU B 103 26.78 -11.05 31.87
C LEU B 103 25.65 -10.54 30.97
N GLU B 104 26.00 -10.18 29.75
CA GLU B 104 25.02 -9.74 28.77
C GLU B 104 23.98 -10.82 28.46
N PHE B 105 24.38 -12.09 28.43
CA PHE B 105 23.41 -13.18 28.31
C PHE B 105 22.35 -13.10 29.41
N ARG B 106 22.76 -12.98 30.66
CA ARG B 106 21.80 -12.89 31.77
C ARG B 106 20.98 -11.61 31.72
N ASN B 107 21.40 -10.65 30.89
CA ASN B 107 20.72 -9.37 30.75
C ASN B 107 19.58 -9.41 29.73
N LEU B 108 19.50 -10.51 28.97
CA LEU B 108 18.40 -10.73 28.02
C LEU B 108 17.09 -11.13 28.71
N ALA B 109 15.98 -10.73 28.09
CA ALA B 109 14.65 -11.24 28.46
C ALA B 109 14.63 -12.75 28.74
N GLU B 110 14.01 -13.15 29.83
CA GLU B 110 14.07 -14.56 30.23
C GLU B 110 13.72 -15.47 29.07
N LYS B 111 12.81 -15.03 28.20
CA LYS B 111 12.36 -15.88 27.10
C LYS B 111 13.46 -16.23 26.11
N TYR B 112 14.43 -15.33 25.92
CA TYR B 112 15.55 -15.62 25.03
C TYR B 112 16.56 -16.54 25.70
N GLN B 113 16.75 -16.36 27.01
CA GLN B 113 17.67 -17.21 27.78
C GLN B 113 17.23 -18.66 27.71
N THR B 114 15.92 -18.89 27.77
CA THR B 114 15.40 -20.25 27.72
C THR B 114 15.92 -20.87 26.42
N VAL B 115 15.75 -20.17 25.30
CA VAL B 115 16.15 -20.71 23.99
C VAL B 115 17.65 -20.96 23.92
N ILE B 116 18.45 -19.95 24.25
CA ILE B 116 19.90 -20.03 24.11
C ILE B 116 20.45 -21.18 24.98
N ALA B 117 20.01 -21.22 26.24
CA ALA B 117 20.50 -22.23 27.16
C ALA B 117 20.02 -23.64 26.77
N ASP B 118 18.81 -23.76 26.21
CA ASP B 118 18.36 -25.07 25.80
C ASP B 118 19.24 -25.60 24.67
N ILE B 119 19.55 -24.74 23.70
CA ILE B 119 20.40 -25.09 22.57
C ILE B 119 21.82 -25.43 22.99
N CYS B 120 22.44 -24.61 23.86
CA CYS B 120 23.76 -24.92 24.43
C CYS B 120 23.82 -26.29 25.10
N ARG B 121 22.77 -26.57 25.87
CA ARG B 121 22.64 -27.85 26.57
C ARG B 121 22.63 -29.03 25.60
N ARG B 122 21.79 -28.93 24.56
CA ARG B 122 21.58 -30.05 23.63
C ARG B 122 22.79 -30.17 22.70
N MET B 123 23.31 -29.03 22.28
CA MET B 123 24.51 -28.99 21.44
C MET B 123 25.68 -29.66 22.15
N GLY B 124 25.84 -29.35 23.43
CA GLY B 124 26.89 -29.88 24.29
C GLY B 124 26.85 -31.40 24.38
N ILE B 125 25.67 -31.96 24.63
CA ILE B 125 25.44 -33.39 24.66
C ILE B 125 25.78 -34.02 23.31
N GLY B 126 25.34 -33.41 22.23
CA GLY B 126 25.60 -33.93 20.89
C GLY B 126 27.07 -33.92 20.53
N MET B 127 27.72 -32.78 20.77
CA MET B 127 29.15 -32.67 20.54
C MET B 127 29.94 -33.74 21.30
N ALA B 128 29.58 -34.01 22.54
CA ALA B 128 30.31 -34.98 23.36
C ALA B 128 30.21 -36.39 22.77
N GLU B 129 29.05 -36.73 22.24
CA GLU B 129 28.80 -38.02 21.63
C GLU B 129 29.70 -38.24 20.41
N PHE B 130 29.95 -37.17 19.65
CA PHE B 130 30.69 -37.32 18.40
C PHE B 130 32.20 -37.13 18.54
N LEU B 131 32.61 -36.80 19.75
CA LEU B 131 34.01 -36.56 20.03
C LEU B 131 34.78 -37.82 19.64
N ASP B 132 34.22 -38.97 20.00
CA ASP B 132 34.88 -40.26 19.82
C ASP B 132 34.66 -40.98 18.48
N LYS B 133 33.81 -40.43 17.60
CA LYS B 133 33.46 -41.15 16.37
C LYS B 133 33.36 -40.32 15.09
N HIS B 134 33.77 -40.91 13.97
CA HIS B 134 33.50 -40.39 12.63
C HIS B 134 32.03 -40.62 12.30
N VAL B 135 31.58 -40.04 11.19
CA VAL B 135 30.23 -40.26 10.71
C VAL B 135 30.20 -41.51 9.84
N THR B 136 29.27 -42.42 10.11
CA THR B 136 29.15 -43.63 9.32
C THR B 136 28.01 -43.55 8.30
N SER B 137 26.79 -43.72 8.78
CA SER B 137 25.62 -43.72 7.92
C SER B 137 25.17 -42.30 7.58
N GLU B 138 24.31 -42.20 6.57
CA GLU B 138 23.71 -40.96 6.16
C GLU B 138 22.82 -40.43 7.29
N GLN B 139 22.13 -41.35 7.95
CA GLN B 139 21.36 -41.04 9.14
C GLN B 139 22.26 -40.39 10.19
N GLU B 140 23.47 -40.93 10.32
CA GLU B 140 24.42 -40.35 11.26
C GLU B 140 24.97 -38.99 10.76
N TRP B 141 25.03 -38.80 9.44
CA TRP B 141 25.42 -37.50 8.90
C TRP B 141 24.41 -36.46 9.37
N ASP B 142 23.14 -36.81 9.25
CA ASP B 142 22.05 -35.94 9.69
C ASP B 142 22.10 -35.60 11.18
N LYS B 143 22.48 -36.58 11.99
CA LYS B 143 22.56 -36.44 13.45
C LYS B 143 23.65 -35.46 13.83
N TYR B 144 24.81 -35.63 13.22
CA TYR B 144 25.91 -34.70 13.41
C TYR B 144 25.57 -33.26 13.02
N CYS B 145 25.05 -33.07 11.81
CA CYS B 145 24.66 -31.75 11.31
C CYS B 145 23.55 -31.14 12.14
N HIS B 146 22.67 -31.99 12.67
CA HIS B 146 21.59 -31.51 13.54
C HIS B 146 22.19 -30.86 14.80
N TYR B 147 23.13 -31.56 15.43
CA TYR B 147 23.76 -31.06 16.64
C TYR B 147 24.59 -29.79 16.43
N VAL B 148 25.26 -29.71 15.30
CA VAL B 148 26.25 -28.68 15.05
C VAL B 148 25.63 -27.48 14.32
N ALA B 149 24.51 -27.69 13.61
CA ALA B 149 23.93 -26.66 12.74
C ALA B 149 22.39 -26.60 12.75
N GLY B 150 21.74 -27.75 12.61
CA GLY B 150 20.30 -27.81 12.80
C GLY B 150 19.81 -27.10 14.06
N LEU B 151 20.40 -27.41 15.21
CA LEU B 151 20.04 -26.74 16.46
C LEU B 151 20.24 -25.22 16.44
N VAL B 152 21.27 -24.74 15.75
CA VAL B 152 21.42 -23.31 15.49
C VAL B 152 20.25 -22.73 14.71
N GLY B 153 19.84 -23.44 13.66
CA GLY B 153 18.65 -23.05 12.92
C GLY B 153 17.45 -22.99 13.85
N ILE B 154 17.27 -24.04 14.63
CA ILE B 154 16.12 -24.13 15.52
C ILE B 154 16.17 -23.05 16.57
N GLY B 155 17.35 -22.83 17.15
CA GLY B 155 17.54 -21.81 18.17
C GLY B 155 17.16 -20.44 17.63
N LEU B 156 17.75 -20.08 16.49
CA LEU B 156 17.52 -18.77 15.86
C LEU B 156 16.04 -18.59 15.61
N SER B 157 15.49 -19.66 15.07
CA SER B 157 14.13 -19.63 14.63
C SER B 157 13.20 -19.46 15.84
N ARG B 158 13.56 -20.06 16.97
CA ARG B 158 12.81 -19.83 18.21
C ARG B 158 13.00 -18.42 18.78
N LEU B 159 14.17 -17.83 18.56
CA LEU B 159 14.43 -16.45 18.92
C LEU B 159 13.58 -15.48 18.08
N PHE B 160 13.47 -15.71 16.78
CA PHE B 160 12.64 -14.84 15.94
C PHE B 160 11.20 -14.81 16.44
N SER B 161 10.64 -16.00 16.71
CA SER B 161 9.28 -16.15 17.18
C SER B 161 9.11 -15.59 18.59
N ALA B 162 10.04 -15.89 19.50
CA ALA B 162 9.93 -15.30 20.84
C ALA B 162 9.93 -13.77 20.80
N SER B 163 10.57 -13.18 19.78
CA SER B 163 10.62 -11.72 19.68
C SER B 163 9.34 -11.12 19.10
N GLU B 164 8.53 -11.98 18.47
CA GLU B 164 7.27 -11.55 17.85
C GLU B 164 7.49 -10.81 16.52
N PHE B 165 8.73 -10.72 16.07
CA PHE B 165 9.00 -10.23 14.71
C PHE B 165 8.60 -11.25 13.63
N GLU B 166 8.46 -12.51 14.03
CA GLU B 166 7.96 -13.57 13.15
C GLU B 166 6.87 -14.36 13.86
N ASP B 167 5.92 -14.90 13.11
CA ASP B 167 4.81 -15.65 13.69
C ASP B 167 5.28 -16.89 14.46
N PRO B 168 4.44 -17.42 15.37
CA PRO B 168 4.96 -18.51 16.18
C PRO B 168 5.34 -19.76 15.39
N LEU B 169 4.82 -19.91 14.18
CA LEU B 169 5.08 -21.10 13.39
C LEU B 169 6.58 -21.26 13.15
N VAL B 170 7.28 -20.13 13.11
CA VAL B 170 8.68 -20.14 12.71
C VAL B 170 9.50 -20.91 13.74
N GLY B 171 9.32 -20.60 15.02
CA GLY B 171 9.93 -21.41 16.08
C GLY B 171 9.33 -22.80 16.27
N GLU B 172 8.02 -22.92 16.09
CA GLU B 172 7.34 -24.21 16.25
C GLU B 172 7.83 -25.26 15.30
N ASP B 173 8.09 -24.88 14.05
CA ASP B 173 8.36 -25.89 13.03
C ASP B 173 9.85 -26.25 13.00
N THR B 174 10.26 -27.06 13.96
CA THR B 174 11.68 -27.38 14.14
C THR B 174 12.27 -28.17 12.97
N GLU B 175 11.42 -28.89 12.25
CA GLU B 175 11.91 -29.65 11.10
C GLU B 175 12.40 -28.78 9.95
N ARG B 176 11.65 -27.74 9.64
CA ARG B 176 12.06 -26.73 8.65
C ARG B 176 13.30 -25.95 9.12
N ALA B 177 13.34 -25.59 10.40
CA ALA B 177 14.49 -24.90 10.96
C ALA B 177 15.75 -25.78 10.92
N ASN B 178 15.60 -27.04 11.26
CA ASN B 178 16.68 -28.02 11.19
C ASN B 178 17.18 -28.14 9.76
N SER B 179 16.27 -28.17 8.79
CA SER B 179 16.67 -28.28 7.39
C SER B 179 17.54 -27.13 6.91
N MET B 180 17.31 -25.94 7.46
CA MET B 180 18.09 -24.78 7.10
C MET B 180 19.54 -24.99 7.52
N GLY B 181 19.74 -25.54 8.71
CA GLY B 181 21.08 -25.79 9.22
C GLY B 181 21.74 -26.93 8.48
N LEU B 182 21.02 -28.02 8.26
CA LEU B 182 21.60 -29.18 7.58
C LEU B 182 22.06 -28.81 6.19
N PHE B 183 21.32 -27.93 5.51
CA PHE B 183 21.70 -27.61 4.16
C PHE B 183 23.04 -26.86 4.08
N LEU B 184 23.24 -25.87 4.95
CA LEU B 184 24.49 -25.14 4.98
C LEU B 184 25.61 -26.05 5.47
N GLN B 185 25.31 -26.85 6.49
CA GLN B 185 26.33 -27.71 7.09
C GLN B 185 26.88 -28.76 6.11
N LYS B 186 25.99 -29.46 5.41
CA LYS B 186 26.40 -30.45 4.41
C LYS B 186 27.16 -29.81 3.25
N THR B 187 26.73 -28.61 2.85
CA THR B 187 27.37 -27.90 1.74
C THR B 187 28.81 -27.52 2.14
N ASN B 188 28.97 -27.07 3.37
CA ASN B 188 30.31 -26.78 3.88
C ASN B 188 31.18 -28.03 3.93
N ILE B 189 30.64 -29.12 4.48
CA ILE B 189 31.36 -30.37 4.53
C ILE B 189 31.72 -30.87 3.13
N ILE B 190 30.78 -30.82 2.20
CA ILE B 190 31.06 -31.20 0.82
C ILE B 190 32.19 -30.32 0.26
N ARG B 191 32.00 -29.00 0.30
CA ARG B 191 32.98 -28.04 -0.21
C ARG B 191 34.40 -28.21 0.32
N ASP B 192 34.54 -28.51 1.61
CA ASP B 192 35.85 -28.45 2.25
C ASP B 192 36.58 -29.79 2.31
N TYR B 193 36.22 -30.75 1.47
CA TYR B 193 36.85 -32.06 1.55
C TYR B 193 38.36 -31.96 1.74
N LEU B 194 39.04 -31.22 0.87
CA LEU B 194 40.49 -31.24 0.82
C LEU B 194 41.13 -30.56 2.02
N GLU B 195 40.66 -29.37 2.37
CA GLU B 195 41.14 -28.62 3.52
C GLU B 195 40.98 -29.38 4.83
N ASP B 196 39.94 -30.19 4.92
CA ASP B 196 39.72 -31.06 6.09
C ASP B 196 40.65 -32.27 6.05
N GLN B 197 40.89 -32.80 4.86
CA GLN B 197 41.74 -33.98 4.72
C GLN B 197 43.16 -33.59 5.09
N GLN B 198 43.58 -32.41 4.61
CA GLN B 198 44.91 -31.88 4.92
C GLN B 198 45.05 -31.59 6.42
N GLY B 199 43.93 -31.53 7.14
CA GLY B 199 43.92 -31.25 8.57
C GLY B 199 43.53 -32.40 9.49
N GLY B 200 43.54 -33.63 8.98
CA GLY B 200 43.23 -34.81 9.78
C GLY B 200 41.78 -34.91 10.23
N ARG B 201 40.88 -34.36 9.42
CA ARG B 201 39.46 -34.33 9.76
C ARG B 201 38.65 -34.95 8.63
N GLU B 202 37.69 -35.79 8.99
CA GLU B 202 36.85 -36.50 8.01
C GLU B 202 35.40 -36.31 8.39
N PHE B 203 34.61 -35.71 7.50
CA PHE B 203 33.20 -35.50 7.80
C PHE B 203 32.25 -36.17 6.82
N TRP B 204 32.78 -36.63 5.69
CA TRP B 204 32.03 -37.34 4.67
C TRP B 204 31.62 -38.71 5.21
N PRO B 205 30.31 -39.03 5.18
CA PRO B 205 29.77 -40.25 5.78
C PRO B 205 30.36 -41.55 5.23
N GLN B 206 31.01 -42.30 6.10
CA GLN B 206 31.68 -43.55 5.73
C GLN B 206 30.82 -44.54 4.95
N GLU B 207 29.58 -44.71 5.36
CA GLU B 207 28.68 -45.64 4.67
C GLU B 207 28.58 -45.25 3.19
N VAL B 208 28.82 -43.99 2.89
CA VAL B 208 28.84 -43.50 1.51
C VAL B 208 30.21 -43.63 0.83
N TRP B 209 31.27 -43.09 1.43
CA TRP B 209 32.55 -43.08 0.70
C TRP B 209 33.17 -44.47 0.54
N SER B 210 32.91 -45.37 1.49
CA SER B 210 33.49 -46.70 1.50
C SER B 210 32.93 -47.56 0.37
N ARG B 211 31.88 -47.05 -0.27
CA ARG B 211 31.34 -47.69 -1.46
C ARG B 211 32.16 -47.27 -2.68
N TYR B 212 33.10 -46.33 -2.48
CA TYR B 212 33.93 -45.92 -3.60
C TYR B 212 35.40 -46.29 -3.39
N VAL B 213 35.93 -46.05 -2.20
CA VAL B 213 37.34 -46.32 -1.91
C VAL B 213 37.53 -46.98 -0.54
N LYS B 214 38.76 -47.41 -0.24
CA LYS B 214 39.06 -48.02 1.05
C LYS B 214 39.29 -47.03 2.19
N LYS B 215 39.77 -45.83 1.86
CA LYS B 215 39.96 -44.73 2.82
C LYS B 215 39.44 -43.42 2.22
N LEU B 216 38.91 -42.54 3.07
CA LEU B 216 38.47 -41.22 2.62
C LEU B 216 39.58 -40.44 1.93
N GLY B 217 40.80 -40.52 2.47
CA GLY B 217 41.94 -39.81 1.90
C GLY B 217 42.29 -40.21 0.47
N ASP B 218 41.74 -41.33 0.02
CA ASP B 218 41.98 -41.80 -1.34
C ASP B 218 41.31 -40.88 -2.36
N PHE B 219 40.45 -39.96 -1.94
CA PHE B 219 39.85 -39.01 -2.88
C PHE B 219 40.83 -37.91 -3.32
N ALA B 220 41.93 -37.79 -2.58
CA ALA B 220 42.90 -36.74 -2.83
C ALA B 220 43.93 -37.14 -3.88
N LYS B 221 43.94 -38.42 -4.24
CA LYS B 221 44.89 -38.95 -5.22
C LYS B 221 44.34 -38.93 -6.64
N PRO B 222 45.13 -38.39 -7.60
CA PRO B 222 44.74 -38.15 -8.99
C PRO B 222 44.22 -39.37 -9.75
N GLU B 223 44.57 -40.58 -9.31
CA GLU B 223 44.07 -41.78 -9.96
C GLU B 223 42.63 -42.15 -9.56
N ASN B 224 42.14 -41.56 -8.46
CA ASN B 224 40.82 -41.85 -7.92
C ASN B 224 39.76 -40.78 -8.22
N ILE B 225 40.13 -39.81 -9.07
CA ILE B 225 39.30 -38.63 -9.30
C ILE B 225 37.90 -38.97 -9.82
N ASP B 226 37.79 -39.95 -10.71
CA ASP B 226 36.49 -40.37 -11.25
C ASP B 226 35.54 -40.89 -10.18
N LEU B 227 36.09 -41.64 -9.22
CA LEU B 227 35.34 -42.11 -8.07
C LEU B 227 34.98 -40.98 -7.11
N ALA B 228 35.96 -40.15 -6.77
CA ALA B 228 35.75 -39.01 -5.87
C ALA B 228 34.55 -38.17 -6.31
N VAL B 229 34.54 -37.79 -7.59
CA VAL B 229 33.46 -37.02 -8.19
C VAL B 229 32.11 -37.73 -8.11
N GLN B 230 32.09 -39.05 -8.34
CA GLN B 230 30.85 -39.78 -8.16
C GLN B 230 30.33 -39.67 -6.72
N CYS B 231 31.23 -39.76 -5.76
CA CYS B 231 30.85 -39.64 -4.36
C CYS B 231 30.34 -38.23 -4.08
N LEU B 232 31.08 -37.24 -4.57
CA LEU B 232 30.70 -35.83 -4.48
C LEU B 232 29.26 -35.60 -4.95
N ASN B 233 28.97 -36.09 -6.15
CA ASN B 233 27.66 -35.97 -6.78
C ASN B 233 26.54 -36.63 -5.99
N GLU B 234 26.86 -37.78 -5.40
CA GLU B 234 25.89 -38.44 -4.52
C GLU B 234 25.59 -37.58 -3.29
N LEU B 235 26.62 -37.06 -2.64
CA LEU B 235 26.40 -36.25 -1.43
C LEU B 235 25.67 -34.95 -1.74
N ILE B 236 26.02 -34.34 -2.87
CA ILE B 236 25.36 -33.13 -3.33
C ILE B 236 23.87 -33.39 -3.51
N THR B 237 23.56 -34.55 -4.08
CA THR B 237 22.19 -35.01 -4.32
C THR B 237 21.44 -35.19 -3.00
N ASN B 238 22.10 -35.81 -2.03
CA ASN B 238 21.59 -35.88 -0.66
C ASN B 238 21.23 -34.50 -0.12
N ALA B 239 22.17 -33.56 -0.23
CA ALA B 239 21.97 -32.19 0.25
C ALA B 239 20.80 -31.46 -0.40
N LEU B 240 20.55 -31.69 -1.70
CA LEU B 240 19.45 -31.03 -2.41
C LEU B 240 18.08 -31.37 -1.82
N HIS B 241 17.97 -32.49 -1.12
CA HIS B 241 16.69 -32.87 -0.52
C HIS B 241 16.12 -31.90 0.52
N HIS B 242 17.00 -31.07 1.09
CA HIS B 242 16.62 -30.01 2.00
C HIS B 242 16.04 -28.75 1.36
N ILE B 243 16.22 -28.58 0.06
CA ILE B 243 15.72 -27.39 -0.63
C ILE B 243 14.24 -27.04 -0.50
N PRO B 244 13.33 -28.03 -0.64
CA PRO B 244 11.94 -27.70 -0.38
C PRO B 244 11.71 -27.07 0.99
N ASP B 245 12.33 -27.61 2.03
CA ASP B 245 12.23 -27.02 3.37
C ASP B 245 12.86 -25.63 3.47
N VAL B 246 13.96 -25.41 2.74
CA VAL B 246 14.60 -24.09 2.72
C VAL B 246 13.62 -23.08 2.12
N ILE B 247 13.03 -23.43 0.98
CA ILE B 247 12.05 -22.58 0.33
C ILE B 247 10.84 -22.37 1.24
N THR B 248 10.30 -23.44 1.82
CA THR B 248 9.17 -23.31 2.75
C THR B 248 9.49 -22.34 3.89
N TYR B 249 10.60 -22.58 4.59
CA TYR B 249 11.07 -21.74 5.68
C TYR B 249 11.19 -20.28 5.24
N LEU B 250 12.01 -20.05 4.22
CA LEU B 250 12.23 -18.67 3.79
C LEU B 250 10.91 -17.98 3.43
N SER B 251 9.99 -18.71 2.80
CA SER B 251 8.77 -18.05 2.32
C SER B 251 7.79 -17.66 3.43
N ARG B 252 8.05 -18.09 4.65
CA ARG B 252 7.20 -17.76 5.80
C ARG B 252 7.65 -16.49 6.53
N LEU B 253 8.84 -16.00 6.23
CA LEU B 253 9.41 -14.86 6.94
C LEU B 253 8.72 -13.55 6.54
N ARG B 254 8.42 -12.69 7.52
CA ARG B 254 7.70 -11.44 7.26
C ARG B 254 8.56 -10.20 7.54
N ASN B 255 9.69 -10.41 8.22
CA ASN B 255 10.56 -9.31 8.61
C ASN B 255 11.75 -9.23 7.66
N GLN B 256 11.98 -8.06 7.09
CA GLN B 256 13.08 -7.82 6.16
C GLN B 256 14.44 -8.10 6.77
N SER B 257 14.69 -7.67 8.00
CA SER B 257 16.01 -7.89 8.58
C SER B 257 16.25 -9.37 8.84
N VAL B 258 15.20 -10.08 9.22
CA VAL B 258 15.30 -11.52 9.43
C VAL B 258 15.46 -12.22 8.09
N PHE B 259 14.70 -11.76 7.09
CA PHE B 259 14.78 -12.37 5.77
C PHE B 259 16.18 -12.26 5.16
N ASN B 260 16.80 -11.09 5.22
CA ASN B 260 18.19 -10.95 4.77
C ASN B 260 19.15 -11.90 5.48
N PHE B 261 18.96 -12.00 6.78
CA PHE B 261 19.82 -12.80 7.62
C PHE B 261 19.72 -14.29 7.23
N CYS B 262 18.51 -14.79 7.01
CA CYS B 262 18.32 -16.20 6.72
C CYS B 262 18.57 -16.57 5.26
N ALA B 263 18.18 -15.69 4.34
CA ALA B 263 18.19 -16.01 2.91
C ALA B 263 19.59 -16.04 2.30
N ILE B 264 20.38 -15.03 2.62
CA ILE B 264 21.70 -14.87 2.02
C ILE B 264 22.60 -16.11 2.17
N PRO B 265 22.77 -16.63 3.40
CA PRO B 265 23.56 -17.86 3.53
C PRO B 265 22.98 -19.01 2.75
N GLN B 266 21.66 -19.08 2.60
CA GLN B 266 21.09 -20.21 1.87
C GLN B 266 21.41 -20.14 0.38
N VAL B 267 21.26 -18.95 -0.18
CA VAL B 267 21.61 -18.67 -1.56
C VAL B 267 23.07 -19.01 -1.83
N MET B 268 23.99 -18.50 -0.99
CA MET B 268 25.42 -18.80 -1.14
C MET B 268 25.72 -20.30 -1.16
N ALA B 269 25.02 -21.05 -0.30
CA ALA B 269 25.14 -22.49 -0.24
C ALA B 269 24.65 -23.16 -1.53
N ILE B 270 23.52 -22.74 -2.07
CA ILE B 270 23.03 -23.32 -3.32
C ILE B 270 24.06 -23.07 -4.43
N ALA B 271 24.59 -21.85 -4.51
CA ALA B 271 25.63 -21.46 -5.48
C ALA B 271 26.88 -22.32 -5.39
N THR B 272 27.31 -22.56 -4.16
CA THR B 272 28.46 -23.44 -3.89
C THR B 272 28.25 -24.86 -4.42
N LEU B 273 27.12 -25.46 -4.07
CA LEU B 273 26.74 -26.76 -4.58
C LEU B 273 26.72 -26.77 -6.10
N ALA B 274 26.15 -25.74 -6.72
CA ALA B 274 26.19 -25.62 -8.17
C ALA B 274 27.63 -25.54 -8.68
N ALA B 275 28.49 -24.80 -7.99
CA ALA B 275 29.86 -24.70 -8.47
C ALA B 275 30.61 -26.01 -8.27
N CYS B 276 30.20 -26.79 -7.27
CA CYS B 276 30.90 -28.04 -6.95
C CYS B 276 30.43 -29.20 -7.81
N TYR B 277 29.17 -29.20 -8.22
CA TYR B 277 28.65 -30.38 -8.89
C TYR B 277 29.48 -30.89 -10.09
N ASN B 278 29.82 -32.17 -10.06
CA ASN B 278 30.63 -32.77 -11.13
C ASN B 278 31.94 -32.02 -11.38
N ASN B 279 32.53 -31.50 -10.31
CA ASN B 279 33.72 -30.68 -10.45
C ASN B 279 34.96 -31.30 -9.82
N GLN B 280 35.91 -31.69 -10.69
CA GLN B 280 37.20 -32.25 -10.26
C GLN B 280 37.95 -31.32 -9.31
N GLN B 281 37.72 -30.01 -9.46
CA GLN B 281 38.46 -29.00 -8.70
C GLN B 281 38.23 -29.13 -7.20
N VAL B 282 37.10 -29.70 -6.80
CA VAL B 282 36.79 -29.90 -5.38
C VAL B 282 37.93 -30.67 -4.72
N PHE B 283 38.69 -31.38 -5.54
CA PHE B 283 39.72 -32.28 -5.04
C PHE B 283 41.16 -31.80 -5.27
N LYS B 284 41.31 -30.71 -6.01
CA LYS B 284 42.62 -30.08 -6.21
C LYS B 284 42.76 -28.83 -5.32
N GLY B 285 41.64 -28.33 -4.82
CA GLY B 285 41.60 -27.17 -3.91
C GLY B 285 40.20 -26.73 -3.51
N ALA B 286 40.09 -25.48 -3.07
CA ALA B 286 38.78 -24.84 -2.87
C ALA B 286 38.21 -24.40 -4.21
N VAL B 287 36.88 -24.45 -4.32
CA VAL B 287 36.22 -24.21 -5.60
C VAL B 287 35.82 -22.75 -5.85
N LYS B 288 36.15 -22.29 -7.05
CA LYS B 288 35.68 -21.05 -7.66
C LYS B 288 34.16 -21.01 -7.90
N ILE B 289 33.48 -20.08 -7.25
CA ILE B 289 32.04 -19.86 -7.42
C ILE B 289 31.73 -19.24 -8.79
N ARG B 290 30.67 -19.72 -9.43
CA ARG B 290 30.30 -19.36 -10.81
C ARG B 290 30.07 -17.87 -11.03
N LYS B 291 29.89 -17.49 -12.30
CA LYS B 291 29.66 -16.11 -12.72
C LYS B 291 28.30 -15.57 -12.28
N GLY B 292 27.31 -16.47 -12.21
CA GLY B 292 25.92 -16.11 -11.99
C GLY B 292 25.23 -15.90 -13.32
N GLN B 293 24.13 -16.63 -13.53
CA GLN B 293 23.37 -16.61 -14.78
C GLN B 293 22.75 -15.25 -15.09
N ALA B 294 22.39 -15.03 -16.35
CA ALA B 294 21.88 -13.75 -16.82
C ALA B 294 20.61 -13.24 -16.10
N VAL B 295 19.87 -14.17 -15.50
CA VAL B 295 18.66 -13.83 -14.72
C VAL B 295 18.96 -13.56 -13.25
N THR B 296 19.90 -14.31 -12.68
CA THR B 296 20.34 -14.11 -11.30
C THR B 296 21.07 -12.77 -11.11
N LEU B 297 21.88 -12.40 -12.11
CA LEU B 297 22.67 -11.16 -12.11
C LEU B 297 21.88 -9.88 -11.87
N MET B 298 20.59 -9.89 -12.26
CA MET B 298 19.76 -8.71 -12.10
C MET B 298 18.84 -8.80 -10.88
N MET B 299 19.17 -9.73 -10.00
CA MET B 299 18.43 -9.95 -8.76
C MET B 299 19.36 -10.20 -7.57
N ASP B 300 18.99 -9.70 -6.40
CA ASP B 300 19.66 -10.09 -5.18
C ASP B 300 18.69 -10.75 -4.21
N ALA B 301 19.23 -11.28 -3.11
CA ALA B 301 18.44 -12.21 -2.30
C ALA B 301 17.66 -11.48 -1.21
N THR B 302 16.75 -10.58 -1.62
CA THR B 302 16.06 -9.71 -0.67
C THR B 302 14.53 -9.73 -0.70
N ASN B 303 13.95 -10.46 -1.64
CA ASN B 303 12.51 -10.77 -1.58
C ASN B 303 12.32 -12.22 -1.96
N MET B 304 11.25 -12.84 -1.47
CA MET B 304 11.08 -14.27 -1.71
C MET B 304 11.06 -14.68 -3.19
N PRO B 305 10.26 -14.01 -4.02
CA PRO B 305 10.23 -14.50 -5.40
C PRO B 305 11.62 -14.52 -6.05
N ALA B 306 12.45 -13.51 -5.75
CA ALA B 306 13.77 -13.45 -6.36
C ALA B 306 14.65 -14.56 -5.81
N VAL B 307 14.58 -14.79 -4.51
CA VAL B 307 15.29 -15.92 -3.94
C VAL B 307 14.88 -17.22 -4.61
N LYS B 308 13.58 -17.41 -4.80
CA LYS B 308 13.07 -18.61 -5.45
C LYS B 308 13.72 -18.76 -6.81
N ALA B 309 13.67 -17.68 -7.58
CA ALA B 309 14.20 -17.68 -8.93
C ALA B 309 15.70 -17.99 -8.92
N ILE B 310 16.41 -17.46 -7.94
CA ILE B 310 17.86 -17.69 -7.86
C ILE B 310 18.17 -19.15 -7.54
N ILE B 311 17.35 -19.73 -6.67
CA ILE B 311 17.53 -21.12 -6.33
C ILE B 311 17.20 -21.99 -7.56
N TYR B 312 16.07 -21.71 -8.21
CA TYR B 312 15.66 -22.47 -9.38
C TYR B 312 16.72 -22.44 -10.48
N GLN B 313 17.34 -21.29 -10.67
CA GLN B 313 18.40 -21.12 -11.63
C GLN B 313 19.62 -21.98 -11.31
N TYR B 314 20.03 -21.98 -10.04
CA TYR B 314 21.17 -22.80 -9.62
C TYR B 314 20.85 -24.29 -9.73
N MET B 315 19.59 -24.66 -9.50
CA MET B 315 19.13 -26.02 -9.77
C MET B 315 19.33 -26.35 -11.25
N GLU B 316 19.07 -25.38 -12.13
CA GLU B 316 19.20 -25.70 -13.54
C GLU B 316 20.66 -25.82 -13.92
N GLU B 317 21.52 -25.02 -13.30
CA GLU B 317 22.95 -25.14 -13.58
C GLU B 317 23.42 -26.55 -13.23
N ILE B 318 22.86 -27.11 -12.17
CA ILE B 318 23.14 -28.49 -11.81
C ILE B 318 22.53 -29.43 -12.85
N TYR B 319 21.22 -29.34 -13.09
CA TYR B 319 20.55 -30.24 -14.02
C TYR B 319 21.26 -30.27 -15.38
N HIS B 320 21.64 -29.10 -15.89
CA HIS B 320 22.34 -29.02 -17.18
C HIS B 320 23.59 -29.87 -17.22
N ARG B 321 24.25 -30.03 -16.07
CA ARG B 321 25.52 -30.74 -16.03
C ARG B 321 25.42 -32.22 -15.66
N ILE B 322 24.22 -32.73 -15.40
CA ILE B 322 24.09 -34.14 -15.05
C ILE B 322 24.41 -35.08 -16.21
N PRO B 323 25.52 -35.82 -16.10
CA PRO B 323 26.01 -36.74 -17.11
C PRO B 323 25.44 -38.14 -16.89
N ASP B 324 24.96 -38.74 -17.97
CA ASP B 324 24.19 -39.97 -17.85
C ASP B 324 24.95 -41.11 -17.18
N SER B 325 26.27 -41.11 -17.24
CA SER B 325 27.08 -42.22 -16.71
C SER B 325 27.28 -42.12 -15.21
N ASP B 326 26.95 -40.98 -14.62
CA ASP B 326 27.04 -40.86 -13.17
C ASP B 326 26.00 -41.77 -12.52
N PRO B 327 26.39 -42.49 -11.47
CA PRO B 327 25.49 -43.50 -10.91
C PRO B 327 24.34 -42.91 -10.07
N SER B 328 24.46 -41.63 -9.73
CA SER B 328 23.40 -40.88 -9.06
C SER B 328 22.54 -40.05 -10.01
N SER B 329 22.72 -40.22 -11.32
CA SER B 329 22.14 -39.27 -12.26
C SER B 329 20.59 -39.24 -12.19
N SER B 330 19.96 -40.41 -12.15
CA SER B 330 18.51 -40.45 -12.00
C SER B 330 18.00 -39.77 -10.74
N LYS B 331 18.70 -40.00 -9.64
CA LYS B 331 18.35 -39.46 -8.35
C LYS B 331 18.48 -37.95 -8.38
N THR B 332 19.52 -37.45 -9.08
CA THR B 332 19.79 -36.02 -9.09
C THR B 332 18.76 -35.31 -9.95
N ARG B 333 18.47 -35.91 -11.11
CA ARG B 333 17.36 -35.44 -11.94
C ARG B 333 16.07 -35.45 -11.13
N GLN B 334 15.82 -36.53 -10.38
CA GLN B 334 14.54 -36.67 -9.71
C GLN B 334 14.23 -35.64 -8.62
N ILE B 335 15.16 -35.40 -7.70
CA ILE B 335 14.91 -34.41 -6.68
C ILE B 335 14.73 -33.01 -7.27
N ILE B 336 15.63 -32.62 -8.16
CA ILE B 336 15.52 -31.32 -8.85
C ILE B 336 14.14 -31.22 -9.50
N SER B 337 13.75 -32.29 -10.18
CA SER B 337 12.47 -32.34 -10.85
C SER B 337 11.33 -32.16 -9.85
N THR B 338 11.47 -32.76 -8.66
CA THR B 338 10.46 -32.67 -7.62
C THR B 338 10.38 -31.23 -7.15
N ILE B 339 11.53 -30.64 -6.86
CA ILE B 339 11.59 -29.26 -6.40
C ILE B 339 11.00 -28.30 -7.42
N ARG B 340 11.26 -28.55 -8.69
CA ARG B 340 10.78 -27.68 -9.76
C ARG B 340 9.26 -27.66 -9.85
N THR B 341 8.63 -28.74 -9.37
CA THR B 341 7.20 -28.96 -9.59
C THR B 341 6.36 -28.47 -8.40
N GLN B 342 6.92 -28.49 -7.20
CA GLN B 342 6.21 -28.00 -6.03
C GLN B 342 5.87 -26.52 -6.19
N LEU C 9 5.75 17.41 -24.67
CA LEU C 9 6.20 18.11 -23.44
C LEU C 9 7.06 19.36 -23.68
N SER C 10 7.51 19.92 -22.57
CA SER C 10 8.29 21.15 -22.56
C SER C 10 9.72 20.96 -23.09
N SER C 11 10.10 21.74 -24.11
CA SER C 11 11.44 21.57 -24.69
C SER C 11 12.47 22.19 -23.75
N SER C 12 11.97 23.11 -22.95
CA SER C 12 12.72 23.75 -21.93
C SER C 12 13.17 22.75 -20.86
N LEU C 13 12.23 21.89 -20.46
CA LEU C 13 12.47 20.91 -19.42
C LEU C 13 13.38 19.81 -19.92
N LYS C 14 13.24 19.43 -21.19
CA LYS C 14 14.13 18.45 -21.82
C LYS C 14 15.59 18.94 -21.83
N THR C 15 15.78 20.23 -22.08
CA THR C 15 17.10 20.81 -22.06
C THR C 15 17.67 20.70 -20.65
N CYS C 16 16.84 20.99 -19.63
CA CYS C 16 17.26 20.80 -18.24
C CYS C 16 17.75 19.38 -17.93
N TYR C 17 17.03 18.38 -18.44
CA TYR C 17 17.43 17.00 -18.20
C TYR C 17 18.68 16.63 -19.01
N LYS C 18 18.90 17.24 -20.16
CA LYS C 18 20.17 17.08 -20.86
C LYS C 18 21.32 17.62 -19.98
N TYR C 19 21.15 18.83 -19.45
CA TYR C 19 22.15 19.42 -18.59
C TYR C 19 22.40 18.56 -17.37
N LEU C 20 21.33 18.00 -16.82
CA LEU C 20 21.44 17.15 -15.65
C LEU C 20 22.36 15.97 -15.96
N ASN C 21 22.14 15.30 -17.10
CA ASN C 21 22.99 14.18 -17.51
C ASN C 21 24.43 14.53 -17.90
N GLN C 22 24.66 15.75 -18.38
CA GLN C 22 25.98 16.26 -18.73
C GLN C 22 26.81 16.55 -17.47
N THR C 23 26.15 17.07 -16.45
CA THR C 23 26.82 17.56 -15.26
C THR C 23 26.86 16.53 -14.13
N SER C 24 25.80 15.76 -13.94
CA SER C 24 25.78 14.71 -12.92
C SER C 24 25.84 13.29 -13.46
N ARG C 25 27.02 12.80 -13.80
CA ARG C 25 27.18 11.40 -14.17
C ARG C 25 26.48 10.51 -13.12
N SER C 26 26.83 10.75 -11.86
CA SER C 26 26.41 9.99 -10.67
C SER C 26 24.90 9.98 -10.35
N PHE C 27 24.36 11.11 -9.88
CA PHE C 27 22.95 11.24 -9.49
C PHE C 27 21.87 11.22 -10.60
N ALA C 28 22.18 11.47 -11.87
CA ALA C 28 21.11 11.71 -12.85
C ALA C 28 19.99 10.67 -12.86
N ALA C 29 20.38 9.40 -12.98
CA ALA C 29 19.42 8.30 -13.12
C ALA C 29 18.54 8.20 -11.89
N VAL C 30 19.15 8.42 -10.74
CA VAL C 30 18.49 8.30 -9.47
C VAL C 30 17.53 9.48 -9.26
N ILE C 31 17.91 10.66 -9.74
CA ILE C 31 17.03 11.83 -9.68
C ILE C 31 15.84 11.60 -10.62
N GLN C 32 16.12 11.09 -11.81
CA GLN C 32 15.08 10.80 -12.81
C GLN C 32 14.10 9.75 -12.31
N ALA C 33 14.58 8.87 -11.43
CA ALA C 33 13.73 7.84 -10.86
C ALA C 33 12.82 8.32 -9.71
N LEU C 34 13.02 9.53 -9.20
CA LEU C 34 12.18 10.05 -8.12
C LEU C 34 10.70 10.18 -8.51
N ASP C 35 9.81 9.90 -7.56
CA ASP C 35 8.37 9.93 -7.81
C ASP C 35 7.84 11.34 -8.04
N GLY C 36 6.90 11.48 -8.97
CA GLY C 36 6.06 12.67 -9.06
C GLY C 36 6.72 14.04 -9.03
N GLU C 37 6.22 14.93 -8.19
CA GLU C 37 6.70 16.32 -8.16
C GLU C 37 8.18 16.47 -7.82
N MET C 38 8.71 15.49 -7.08
CA MET C 38 10.09 15.53 -6.63
C MET C 38 11.10 15.46 -7.76
N ARG C 39 10.72 14.83 -8.85
CA ARG C 39 11.60 14.64 -9.98
C ARG C 39 12.13 15.97 -10.52
N ASN C 40 11.24 16.80 -11.05
CA ASN C 40 11.58 18.12 -11.57
C ASN C 40 12.14 19.05 -10.49
N ALA C 41 11.61 19.00 -9.26
CA ALA C 41 12.12 19.83 -8.18
C ALA C 41 13.60 19.58 -7.90
N VAL C 42 13.99 18.32 -7.78
CA VAL C 42 15.37 17.94 -7.48
C VAL C 42 16.24 18.13 -8.73
N CYS C 43 15.67 17.93 -9.91
CA CYS C 43 16.45 18.15 -11.12
C CYS C 43 16.86 19.61 -11.18
N ILE C 44 15.91 20.51 -10.99
CA ILE C 44 16.13 21.95 -11.09
C ILE C 44 17.03 22.47 -9.96
N PHE C 45 16.82 21.93 -8.77
CA PHE C 45 17.64 22.26 -7.62
C PHE C 45 19.10 21.88 -7.88
N TYR C 46 19.32 20.67 -8.36
CA TYR C 46 20.66 20.26 -8.76
C TYR C 46 21.31 21.23 -9.75
N LEU C 47 20.60 21.60 -10.83
CA LEU C 47 21.18 22.51 -11.83
C LEU C 47 21.49 23.90 -11.31
N VAL C 48 20.62 24.42 -10.46
CA VAL C 48 20.77 25.73 -9.87
C VAL C 48 22.02 25.69 -8.97
N LEU C 49 22.11 24.65 -8.15
CA LEU C 49 23.30 24.40 -7.34
C LEU C 49 24.55 24.27 -8.21
N ARG C 50 24.42 23.55 -9.32
CA ARG C 50 25.53 23.36 -10.23
C ARG C 50 26.02 24.70 -10.79
N ALA C 51 25.08 25.58 -11.13
CA ALA C 51 25.45 26.89 -11.66
C ALA C 51 26.13 27.78 -10.62
N LEU C 52 25.65 27.70 -9.38
CA LEU C 52 26.22 28.43 -8.26
C LEU C 52 27.65 27.96 -7.96
N ASP C 53 27.85 26.65 -7.95
CA ASP C 53 29.15 26.00 -7.72
C ASP C 53 30.17 26.41 -8.77
N THR C 54 29.70 26.47 -10.02
CA THR C 54 30.53 26.90 -11.13
C THR C 54 30.97 28.34 -10.97
N LEU C 55 30.09 29.23 -10.52
CA LEU C 55 30.53 30.59 -10.21
C LEU C 55 31.62 30.56 -9.14
N GLU C 56 31.38 29.81 -8.06
CA GLU C 56 32.30 29.71 -6.93
C GLU C 56 33.69 29.20 -7.30
N ASP C 57 33.74 28.13 -8.08
CA ASP C 57 34.97 27.45 -8.42
C ASP C 57 35.83 28.18 -9.44
N ASP C 58 35.23 29.09 -10.20
CA ASP C 58 35.89 29.70 -11.34
C ASP C 58 36.89 30.76 -10.86
N MET C 59 38.18 30.46 -11.02
CA MET C 59 39.26 31.31 -10.52
C MET C 59 39.57 32.52 -11.41
N THR C 60 38.93 32.60 -12.57
CA THR C 60 39.12 33.74 -13.48
C THR C 60 38.19 34.89 -13.07
N ILE C 61 37.30 34.63 -12.13
CA ILE C 61 36.44 35.67 -11.57
C ILE C 61 37.09 36.11 -10.27
N SER C 62 37.55 37.36 -10.24
CA SER C 62 38.17 37.95 -9.05
C SER C 62 37.18 37.97 -7.89
N VAL C 63 37.70 37.89 -6.67
CA VAL C 63 36.87 37.89 -5.47
C VAL C 63 35.87 39.04 -5.45
N GLU C 64 36.33 40.25 -5.79
CA GLU C 64 35.49 41.45 -5.84
C GLU C 64 34.31 41.33 -6.81
N LYS C 65 34.54 40.77 -7.98
CA LYS C 65 33.48 40.54 -8.96
C LYS C 65 32.55 39.44 -8.46
N LYS C 66 33.15 38.41 -7.86
CA LYS C 66 32.45 37.18 -7.51
C LYS C 66 31.44 37.32 -6.38
N VAL C 67 31.81 38.04 -5.33
CA VAL C 67 31.00 38.10 -4.13
C VAL C 67 29.55 38.53 -4.40
N PRO C 68 29.34 39.62 -5.16
CA PRO C 68 28.00 40.09 -5.47
C PRO C 68 27.16 39.11 -6.29
N LEU C 69 27.80 38.35 -7.16
CA LEU C 69 27.13 37.26 -7.86
C LEU C 69 26.69 36.14 -6.90
N LEU C 70 27.55 35.76 -5.96
CA LEU C 70 27.19 34.72 -4.99
C LEU C 70 26.03 35.17 -4.11
N HIS C 71 26.15 36.39 -3.61
CA HIS C 71 25.12 37.04 -2.80
C HIS C 71 23.78 37.14 -3.52
N ASN C 72 23.78 37.46 -4.80
CA ASN C 72 22.54 37.72 -5.50
C ASN C 72 22.00 36.55 -6.34
N PHE C 73 22.70 35.43 -6.31
CA PHE C 73 22.36 34.29 -7.14
C PHE C 73 20.90 33.87 -6.92
N HIS C 74 20.51 33.74 -5.65
CA HIS C 74 19.13 33.43 -5.29
C HIS C 74 18.09 34.34 -5.96
N SER C 75 18.44 35.61 -6.19
CA SER C 75 17.53 36.54 -6.89
C SER C 75 17.58 36.49 -8.41
N PHE C 76 18.66 35.91 -8.94
CA PHE C 76 18.81 35.81 -10.38
C PHE C 76 17.76 34.84 -10.89
N LEU C 77 17.35 33.92 -10.01
CA LEU C 77 16.29 32.96 -10.27
C LEU C 77 14.99 33.59 -10.76
N TYR C 78 14.76 34.84 -10.33
CA TYR C 78 13.59 35.60 -10.73
C TYR C 78 13.90 36.66 -11.79
N GLN C 79 15.09 36.61 -12.37
CA GLN C 79 15.44 37.50 -13.47
C GLN C 79 15.50 36.64 -14.73
N PRO C 80 14.41 36.67 -15.51
CA PRO C 80 14.24 35.69 -16.58
C PRO C 80 15.36 35.81 -17.62
N ASP C 81 15.89 37.00 -17.81
CA ASP C 81 16.96 37.21 -18.80
C ASP C 81 18.39 37.00 -18.29
N TRP C 82 18.56 36.76 -16.99
CA TRP C 82 19.91 36.64 -16.44
C TRP C 82 20.66 35.41 -16.90
N ARG C 83 21.90 35.64 -17.33
CA ARG C 83 22.83 34.60 -17.76
C ARG C 83 24.27 35.04 -17.45
N PHE C 84 25.20 34.10 -17.39
CA PHE C 84 26.61 34.46 -17.24
C PHE C 84 27.48 33.93 -18.39
N MET C 85 28.15 34.84 -19.09
CA MET C 85 28.87 34.53 -20.33
C MET C 85 30.39 34.47 -20.25
N GLU C 86 30.95 34.53 -19.05
CA GLU C 86 32.38 34.80 -18.92
C GLU C 86 33.13 33.69 -18.19
N SER C 87 32.40 32.63 -17.87
CA SER C 87 32.98 31.44 -17.27
C SER C 87 33.79 30.63 -18.28
N LYS C 88 34.87 30.03 -17.81
CA LYS C 88 35.67 29.11 -18.62
C LYS C 88 35.71 27.73 -17.96
N GLU C 89 34.76 27.48 -17.06
CA GLU C 89 34.66 26.17 -16.43
C GLU C 89 33.93 25.17 -17.34
N LYS C 90 34.17 23.89 -17.11
CA LYS C 90 33.53 22.79 -17.84
C LYS C 90 32.00 22.88 -17.95
N ASP C 91 31.33 23.21 -16.86
CA ASP C 91 29.87 23.23 -16.81
C ASP C 91 29.27 24.62 -17.11
N ARG C 92 30.03 25.48 -17.77
CA ARG C 92 29.62 26.86 -18.06
C ARG C 92 28.29 27.01 -18.80
N GLN C 93 27.90 25.96 -19.51
CA GLN C 93 26.63 25.92 -20.23
C GLN C 93 25.41 26.22 -19.35
N VAL C 94 25.44 25.76 -18.10
CA VAL C 94 24.35 26.07 -17.18
C VAL C 94 24.26 27.56 -16.82
N LEU C 95 25.39 28.25 -16.79
CA LEU C 95 25.38 29.69 -16.61
C LEU C 95 25.02 30.40 -17.92
N GLU C 96 25.56 29.89 -19.02
CA GLU C 96 25.32 30.54 -20.30
C GLU C 96 23.86 30.43 -20.76
N ASP C 97 23.22 29.31 -20.44
CA ASP C 97 21.82 29.09 -20.75
C ASP C 97 20.99 29.00 -19.48
N PHE C 98 21.41 29.76 -18.47
CA PHE C 98 20.65 29.88 -17.24
C PHE C 98 19.17 30.28 -17.40
N PRO C 99 18.82 31.14 -18.37
CA PRO C 99 17.40 31.49 -18.50
C PRO C 99 16.45 30.30 -18.65
N THR C 100 16.95 29.22 -19.24
CA THR C 100 16.19 28.01 -19.48
C THR C 100 15.98 27.31 -18.14
N ILE C 101 17.03 27.25 -17.32
CA ILE C 101 16.95 26.65 -16.00
C ILE C 101 16.02 27.45 -15.10
N SER C 102 16.14 28.77 -15.12
CA SER C 102 15.36 29.57 -14.20
C SER C 102 13.90 29.60 -14.65
N LEU C 103 13.65 29.47 -15.94
CA LEU C 103 12.29 29.32 -16.44
C LEU C 103 11.61 28.11 -15.80
N GLU C 104 12.31 26.98 -15.79
CA GLU C 104 11.73 25.77 -15.25
C GLU C 104 11.63 25.81 -13.73
N PHE C 105 12.57 26.49 -13.08
CA PHE C 105 12.46 26.79 -11.66
C PHE C 105 11.17 27.54 -11.32
N ARG C 106 10.87 28.59 -12.08
CA ARG C 106 9.67 29.40 -11.86
C ARG C 106 8.37 28.65 -12.21
N ASN C 107 8.49 27.57 -12.98
CA ASN C 107 7.38 26.65 -13.21
C ASN C 107 7.09 25.65 -12.08
N LEU C 108 8.07 25.41 -11.21
CA LEU C 108 7.87 24.59 -10.03
C LEU C 108 6.78 25.19 -9.17
N ALA C 109 6.04 24.35 -8.46
CA ALA C 109 5.16 24.87 -7.41
C ALA C 109 5.94 25.81 -6.49
N GLU C 110 5.24 26.81 -5.98
CA GLU C 110 5.84 27.86 -5.17
C GLU C 110 6.49 27.35 -3.89
N LYS C 111 5.93 26.31 -3.29
CA LYS C 111 6.54 25.78 -2.08
C LYS C 111 7.92 25.17 -2.36
N TYR C 112 8.17 24.72 -3.58
CA TYR C 112 9.51 24.25 -3.95
C TYR C 112 10.46 25.40 -4.30
N GLN C 113 9.94 26.44 -4.94
CA GLN C 113 10.66 27.70 -5.15
C GLN C 113 11.21 28.29 -3.83
N THR C 114 10.34 28.42 -2.83
CA THR C 114 10.70 28.96 -1.54
C THR C 114 11.92 28.24 -0.97
N VAL C 115 11.88 26.92 -1.00
CA VAL C 115 12.97 26.08 -0.50
C VAL C 115 14.28 26.32 -1.23
N ILE C 116 14.26 26.18 -2.55
CA ILE C 116 15.42 26.30 -3.40
C ILE C 116 16.10 27.69 -3.31
N ALA C 117 15.33 28.77 -3.40
CA ALA C 117 15.79 30.14 -3.20
C ALA C 117 16.44 30.36 -1.83
N ASP C 118 15.79 29.87 -0.78
CA ASP C 118 16.28 30.04 0.58
C ASP C 118 17.67 29.42 0.74
N ILE C 119 17.82 28.17 0.28
CA ILE C 119 19.09 27.48 0.27
C ILE C 119 20.14 28.20 -0.57
N CYS C 120 19.78 28.65 -1.77
CA CYS C 120 20.70 29.39 -2.63
C CYS C 120 21.22 30.67 -2.00
N ARG C 121 20.34 31.38 -1.30
CA ARG C 121 20.70 32.59 -0.59
C ARG C 121 21.73 32.28 0.49
N ARG C 122 21.44 31.31 1.36
CA ARG C 122 22.31 30.98 2.49
C ARG C 122 23.64 30.36 2.05
N MET C 123 23.61 29.52 1.02
CA MET C 123 24.83 28.97 0.43
C MET C 123 25.74 30.08 -0.10
N GLY C 124 25.16 31.05 -0.81
CA GLY C 124 25.86 32.20 -1.34
C GLY C 124 26.62 32.99 -0.29
N ILE C 125 25.92 33.36 0.78
CA ILE C 125 26.52 33.97 1.95
C ILE C 125 27.73 33.17 2.43
N GLY C 126 27.54 31.88 2.70
CA GLY C 126 28.62 31.01 3.13
C GLY C 126 29.81 30.98 2.18
N MET C 127 29.53 30.76 0.91
CA MET C 127 30.55 30.73 -0.13
C MET C 127 31.35 32.02 -0.19
N ALA C 128 30.64 33.14 -0.05
CA ALA C 128 31.28 34.44 -0.05
C ALA C 128 32.29 34.50 1.10
N GLU C 129 31.87 34.12 2.29
CA GLU C 129 32.74 34.10 3.47
C GLU C 129 34.03 33.28 3.32
N PHE C 130 33.99 32.16 2.59
CA PHE C 130 35.19 31.34 2.47
C PHE C 130 36.02 31.58 1.21
N LEU C 131 35.67 32.61 0.47
CA LEU C 131 36.36 32.92 -0.76
C LEU C 131 37.74 33.55 -0.51
N ASP C 132 37.94 34.00 0.73
CA ASP C 132 39.09 34.85 1.10
C ASP C 132 39.92 34.24 2.23
N LYS C 133 39.37 33.20 2.86
CA LYS C 133 40.01 32.48 3.96
C LYS C 133 40.03 30.99 3.66
N HIS C 134 40.90 30.26 4.35
CA HIS C 134 40.94 28.80 4.25
C HIS C 134 40.29 28.14 5.46
N VAL C 135 40.22 26.82 5.45
CA VAL C 135 39.63 26.13 6.58
C VAL C 135 40.67 25.96 7.68
N THR C 136 40.41 26.58 8.84
CA THR C 136 41.25 26.45 10.02
C THR C 136 40.92 25.25 10.92
N SER C 137 39.98 25.44 11.84
CA SER C 137 39.57 24.42 12.81
C SER C 137 38.55 23.43 12.26
N GLU C 138 38.39 22.32 12.96
CA GLU C 138 37.38 21.32 12.67
C GLU C 138 35.98 21.90 12.72
N GLN C 139 35.77 22.80 13.68
CA GLN C 139 34.54 23.57 13.76
C GLN C 139 34.26 24.34 12.46
N GLU C 140 35.31 24.94 11.93
CA GLU C 140 35.23 25.73 10.71
C GLU C 140 35.02 24.81 9.50
N TRP C 141 35.53 23.60 9.63
CA TRP C 141 35.39 22.61 8.58
C TRP C 141 33.93 22.15 8.49
N ASP C 142 33.28 21.99 9.63
CA ASP C 142 31.85 21.69 9.66
C ASP C 142 31.00 22.83 9.10
N LYS C 143 31.45 24.07 9.32
CA LYS C 143 30.73 25.25 8.87
C LYS C 143 30.82 25.38 7.36
N TYR C 144 32.00 25.17 6.80
CA TYR C 144 32.18 25.20 5.35
C TYR C 144 31.37 24.09 4.71
N CYS C 145 31.48 22.89 5.28
CA CYS C 145 30.70 21.76 4.81
C CYS C 145 29.22 22.04 4.97
N HIS C 146 28.81 22.61 6.09
CA HIS C 146 27.43 23.09 6.23
C HIS C 146 26.99 23.93 5.03
N TYR C 147 27.81 24.91 4.66
CA TYR C 147 27.46 25.83 3.61
C TYR C 147 27.39 25.20 2.23
N VAL C 148 28.25 24.25 1.93
CA VAL C 148 28.30 23.77 0.56
C VAL C 148 27.61 22.44 0.36
N ALA C 149 27.33 21.72 1.45
CA ALA C 149 26.73 20.39 1.35
C ALA C 149 25.62 20.14 2.36
N GLY C 150 25.86 20.51 3.61
CA GLY C 150 24.86 20.40 4.67
C GLY C 150 23.53 21.05 4.29
N LEU C 151 23.61 22.23 3.73
CA LEU C 151 22.42 22.94 3.26
C LEU C 151 21.74 22.26 2.09
N VAL C 152 22.50 21.55 1.26
CA VAL C 152 21.92 20.77 0.17
C VAL C 152 21.03 19.70 0.79
N GLY C 153 21.56 19.05 1.83
CA GLY C 153 20.84 17.97 2.52
C GLY C 153 19.58 18.51 3.16
N ILE C 154 19.71 19.66 3.80
CA ILE C 154 18.58 20.39 4.34
C ILE C 154 17.57 20.74 3.25
N GLY C 155 18.05 21.25 2.12
CA GLY C 155 17.16 21.66 1.04
C GLY C 155 16.34 20.49 0.50
N LEU C 156 17.04 19.43 0.12
CA LEU C 156 16.43 18.18 -0.28
C LEU C 156 15.36 17.65 0.69
N SER C 157 15.67 17.69 1.99
CA SER C 157 14.78 17.15 3.01
C SER C 157 13.49 17.95 3.05
N ARG C 158 13.62 19.27 2.93
CA ARG C 158 12.45 20.12 2.92
C ARG C 158 11.62 19.90 1.66
N LEU C 159 12.27 19.51 0.56
CA LEU C 159 11.54 19.24 -0.67
C LEU C 159 10.72 17.96 -0.48
N PHE C 160 11.35 16.98 0.17
CA PHE C 160 10.73 15.69 0.48
C PHE C 160 9.47 15.90 1.33
N SER C 161 9.58 16.68 2.40
CA SER C 161 8.43 16.99 3.27
C SER C 161 7.32 17.80 2.63
N ALA C 162 7.73 18.79 1.82
CA ALA C 162 6.76 19.66 1.18
C ALA C 162 5.98 18.88 0.11
N SER C 163 6.60 17.89 -0.51
CA SER C 163 5.90 17.02 -1.46
C SER C 163 4.93 16.03 -0.80
N GLU C 164 5.11 15.79 0.49
CA GLU C 164 4.21 14.91 1.26
C GLU C 164 4.55 13.46 0.94
N PHE C 165 5.64 13.25 0.20
CA PHE C 165 6.14 11.90 -0.02
C PHE C 165 6.90 11.41 1.20
N GLU C 166 7.46 12.32 1.98
CA GLU C 166 8.06 11.93 3.25
C GLU C 166 7.33 12.67 4.36
N ASP C 167 7.42 12.12 5.57
CA ASP C 167 6.90 12.73 6.79
C ASP C 167 7.45 14.13 7.05
N PRO C 168 6.63 15.00 7.65
CA PRO C 168 7.09 16.35 7.98
C PRO C 168 8.40 16.36 8.77
N LEU C 169 8.63 15.31 9.57
CA LEU C 169 9.84 15.22 10.38
C LEU C 169 11.15 15.30 9.59
N VAL C 170 11.13 14.81 8.36
CA VAL C 170 12.32 14.72 7.53
C VAL C 170 12.88 16.11 7.25
N GLY C 171 11.99 17.02 6.88
CA GLY C 171 12.35 18.40 6.59
C GLY C 171 12.70 19.19 7.83
N GLU C 172 12.04 18.90 8.95
CA GLU C 172 12.24 19.60 10.21
C GLU C 172 13.56 19.30 10.92
N ASP C 173 14.01 18.06 10.86
CA ASP C 173 15.22 17.70 11.58
C ASP C 173 16.41 18.13 10.73
N THR C 174 16.74 19.41 10.87
CA THR C 174 17.78 20.03 10.05
C THR C 174 19.16 19.49 10.39
N GLU C 175 19.37 19.16 11.64
CA GLU C 175 20.62 18.56 12.07
C GLU C 175 20.94 17.22 11.39
N ARG C 176 19.97 16.32 11.32
CA ARG C 176 20.20 15.03 10.66
C ARG C 176 20.41 15.17 9.14
N ALA C 177 19.64 16.03 8.50
CA ALA C 177 19.87 16.35 7.09
C ALA C 177 21.24 17.00 6.83
N ASN C 178 21.70 17.82 7.76
CA ASN C 178 23.02 18.44 7.67
C ASN C 178 24.12 17.38 7.71
N SER C 179 23.98 16.40 8.60
CA SER C 179 24.98 15.35 8.70
C SER C 179 25.09 14.51 7.42
N MET C 180 24.02 14.40 6.64
CA MET C 180 24.09 13.60 5.43
C MET C 180 25.02 14.32 4.45
N GLY C 181 24.87 15.64 4.39
CA GLY C 181 25.69 16.44 3.49
C GLY C 181 27.13 16.50 3.97
N LEU C 182 27.31 16.78 5.26
CA LEU C 182 28.66 16.75 5.84
C LEU C 182 29.38 15.43 5.54
N PHE C 183 28.67 14.32 5.62
CA PHE C 183 29.37 13.05 5.43
C PHE C 183 29.90 12.92 4.00
N LEU C 184 29.04 13.17 3.02
CA LEU C 184 29.46 13.25 1.63
C LEU C 184 30.62 14.20 1.41
N GLN C 185 30.47 15.43 1.89
CA GLN C 185 31.41 16.49 1.55
C GLN C 185 32.78 16.21 2.16
N LYS C 186 32.80 15.78 3.40
CA LYS C 186 34.03 15.33 4.06
C LYS C 186 34.68 14.16 3.31
N THR C 187 33.86 13.21 2.88
CA THR C 187 34.41 12.11 2.08
C THR C 187 35.03 12.59 0.77
N ASN C 188 34.35 13.49 0.05
CA ASN C 188 34.93 13.98 -1.20
C ASN C 188 36.23 14.73 -0.98
N ILE C 189 36.25 15.61 0.03
CA ILE C 189 37.44 16.38 0.36
C ILE C 189 38.61 15.48 0.73
N ILE C 190 38.33 14.42 1.49
CA ILE C 190 39.35 13.46 1.92
C ILE C 190 39.88 12.72 0.70
N ARG C 191 38.98 12.19 -0.12
CA ARG C 191 39.35 11.50 -1.36
C ARG C 191 40.14 12.37 -2.34
N ASP C 192 39.80 13.65 -2.42
CA ASP C 192 40.28 14.51 -3.50
C ASP C 192 41.50 15.36 -3.13
N TYR C 193 42.23 14.94 -2.09
CA TYR C 193 43.40 15.70 -1.67
C TYR C 193 44.33 16.04 -2.83
N LEU C 194 44.66 15.04 -3.66
CA LEU C 194 45.69 15.22 -4.66
C LEU C 194 45.23 16.11 -5.82
N GLU C 195 44.03 15.86 -6.33
CA GLU C 195 43.50 16.66 -7.42
C GLU C 195 43.38 18.12 -7.01
N ASP C 196 42.94 18.34 -5.78
CA ASP C 196 42.85 19.68 -5.22
C ASP C 196 44.20 20.40 -5.10
N GLN C 197 45.24 19.69 -4.67
CA GLN C 197 46.60 20.23 -4.66
C GLN C 197 47.01 20.76 -6.03
N GLN C 198 46.94 19.89 -7.03
CA GLN C 198 47.32 20.23 -8.41
C GLN C 198 46.49 21.36 -9.00
N GLY C 199 45.43 21.75 -8.30
CA GLY C 199 44.51 22.81 -8.75
C GLY C 199 44.51 24.05 -7.87
N GLY C 200 45.38 24.07 -6.85
CA GLY C 200 45.51 25.20 -5.94
C GLY C 200 44.37 25.37 -4.96
N ARG C 201 43.70 24.27 -4.64
CA ARG C 201 42.59 24.27 -3.70
C ARG C 201 43.01 23.58 -2.41
N GLU C 202 42.72 24.21 -1.27
CA GLU C 202 43.02 23.64 0.04
C GLU C 202 41.77 23.55 0.93
N PHE C 203 41.35 22.33 1.25
CA PHE C 203 40.15 22.12 2.05
C PHE C 203 40.34 21.36 3.37
N TRP C 204 41.48 20.70 3.53
CA TRP C 204 41.83 20.06 4.80
C TRP C 204 42.03 21.10 5.88
N PRO C 205 41.39 20.89 7.05
CA PRO C 205 41.41 21.93 8.08
C PRO C 205 42.82 22.09 8.66
N GLN C 206 43.31 23.33 8.66
CA GLN C 206 44.71 23.58 8.94
C GLN C 206 45.09 23.20 10.37
N GLU C 207 44.18 23.35 11.32
CA GLU C 207 44.48 23.02 12.72
C GLU C 207 44.76 21.53 12.86
N VAL C 208 44.31 20.74 11.89
CA VAL C 208 44.58 19.31 11.83
C VAL C 208 45.88 18.96 11.11
N TRP C 209 46.09 19.51 9.92
CA TRP C 209 47.25 19.14 9.12
C TRP C 209 48.56 19.81 9.57
N SER C 210 48.43 20.90 10.33
CA SER C 210 49.59 21.67 10.75
C SER C 210 50.28 21.01 11.93
N ARG C 211 49.55 20.12 12.61
CA ARG C 211 50.11 19.28 13.66
C ARG C 211 50.95 18.12 13.10
N TYR C 212 51.07 18.06 11.77
CA TYR C 212 51.84 17.01 11.13
C TYR C 212 52.95 17.57 10.26
N VAL C 213 52.65 18.67 9.57
CA VAL C 213 53.51 19.16 8.49
C VAL C 213 53.36 20.67 8.36
N LYS C 214 54.43 21.33 7.94
CA LYS C 214 54.46 22.79 7.85
C LYS C 214 53.50 23.36 6.80
N LYS C 215 53.24 22.60 5.74
CA LYS C 215 52.48 23.07 4.59
C LYS C 215 51.70 21.93 3.92
N LEU C 216 50.38 22.06 3.89
CA LEU C 216 49.49 21.03 3.36
C LEU C 216 49.97 20.38 2.05
N GLY C 217 50.73 21.15 1.28
CA GLY C 217 51.34 20.66 0.05
C GLY C 217 52.42 19.59 0.25
N ASP C 218 52.92 19.46 1.47
CA ASP C 218 53.97 18.48 1.73
C ASP C 218 53.50 17.02 1.76
N PHE C 219 52.20 16.79 1.93
CA PHE C 219 51.70 15.41 1.91
C PHE C 219 51.88 14.77 0.54
N ALA C 220 52.08 15.60 -0.48
CA ALA C 220 52.27 15.13 -1.85
C ALA C 220 53.70 14.69 -2.11
N LYS C 221 54.58 14.95 -1.14
CA LYS C 221 55.99 14.58 -1.25
C LYS C 221 56.24 13.20 -0.63
N PRO C 222 56.85 12.29 -1.42
CA PRO C 222 57.10 10.91 -1.04
C PRO C 222 57.65 10.73 0.38
N GLU C 223 58.53 11.66 0.78
CA GLU C 223 59.20 11.63 2.07
C GLU C 223 58.28 11.57 3.29
N ASN C 224 57.16 12.31 3.25
CA ASN C 224 56.30 12.45 4.42
C ASN C 224 55.04 11.59 4.38
N ILE C 225 55.04 10.60 3.49
CA ILE C 225 53.91 9.69 3.27
C ILE C 225 53.35 9.09 4.55
N ASP C 226 54.18 8.95 5.58
CA ASP C 226 53.73 8.33 6.82
C ASP C 226 52.94 9.27 7.72
N LEU C 227 53.41 10.51 7.82
CA LEU C 227 52.72 11.59 8.52
C LEU C 227 51.44 11.98 7.77
N ALA C 228 51.50 11.86 6.45
CA ALA C 228 50.36 12.12 5.57
C ALA C 228 49.20 11.16 5.82
N VAL C 229 49.50 9.86 5.90
CA VAL C 229 48.49 8.84 6.10
C VAL C 229 47.83 9.00 7.46
N GLN C 230 48.62 9.49 8.43
CA GLN C 230 48.17 9.67 9.80
C GLN C 230 47.13 10.78 9.92
N CYS C 231 47.35 11.85 9.16
CA CYS C 231 46.36 12.90 9.01
C CYS C 231 45.14 12.36 8.27
N LEU C 232 45.38 11.73 7.11
CA LEU C 232 44.35 11.02 6.38
C LEU C 232 43.48 10.20 7.32
N ASN C 233 44.09 9.54 8.30
CA ASN C 233 43.33 8.68 9.21
C ASN C 233 42.50 9.41 10.26
N GLU C 234 43.03 10.51 10.76
CA GLU C 234 42.34 11.38 11.71
C GLU C 234 41.10 12.05 11.11
N LEU C 235 41.21 12.56 9.89
CA LEU C 235 40.08 13.11 9.15
C LEU C 235 38.99 12.09 8.85
N ILE C 236 39.40 10.92 8.36
CA ILE C 236 38.46 9.81 8.20
C ILE C 236 37.73 9.58 9.51
N THR C 237 38.46 9.55 10.63
CA THR C 237 37.88 9.32 11.95
C THR C 237 36.83 10.38 12.31
N ASN C 238 37.13 11.62 11.97
CA ASN C 238 36.20 12.73 12.09
C ASN C 238 34.91 12.51 11.29
N ALA C 239 35.02 12.06 10.02
CA ALA C 239 33.84 11.87 9.14
C ALA C 239 32.91 10.79 9.67
N LEU C 240 33.50 9.79 10.30
CA LEU C 240 32.74 8.61 10.74
C LEU C 240 31.76 8.99 11.84
N HIS C 241 31.92 10.19 12.40
CA HIS C 241 31.03 10.66 13.45
C HIS C 241 29.60 10.87 12.93
N HIS C 242 29.46 11.06 11.62
CA HIS C 242 28.16 11.40 11.04
C HIS C 242 27.29 10.17 10.79
N ILE C 243 27.93 9.01 10.72
CA ILE C 243 27.25 7.79 10.30
C ILE C 243 26.01 7.49 11.15
N PRO C 244 26.06 7.71 12.47
CA PRO C 244 24.84 7.36 13.20
C PRO C 244 23.65 8.19 12.74
N ASP C 245 23.88 9.47 12.42
CA ASP C 245 22.86 10.38 11.89
C ASP C 245 22.41 10.00 10.48
N VAL C 246 23.35 9.55 9.65
CA VAL C 246 23.03 8.99 8.35
C VAL C 246 22.06 7.83 8.48
N ILE C 247 22.42 6.83 9.28
CA ILE C 247 21.51 5.74 9.62
C ILE C 247 20.16 6.26 10.12
N THR C 248 20.15 7.10 11.15
CA THR C 248 18.88 7.67 11.62
C THR C 248 18.07 8.35 10.52
N TYR C 249 18.71 9.17 9.68
CA TYR C 249 18.01 9.83 8.58
C TYR C 249 17.41 8.82 7.60
N LEU C 250 18.24 7.90 7.13
CA LEU C 250 17.76 6.83 6.26
C LEU C 250 16.61 6.00 6.87
N SER C 251 16.68 5.77 8.18
CA SER C 251 15.69 4.93 8.86
C SER C 251 14.29 5.55 8.86
N ARG C 252 14.21 6.84 8.55
CA ARG C 252 12.93 7.56 8.54
C ARG C 252 12.21 7.61 7.19
N LEU C 253 12.93 7.25 6.13
CA LEU C 253 12.40 7.36 4.78
C LEU C 253 11.42 6.23 4.54
N ARG C 254 10.30 6.59 3.93
CA ARG C 254 9.23 5.65 3.63
C ARG C 254 9.01 5.49 2.14
N ASN C 255 9.47 6.46 1.36
CA ASN C 255 9.29 6.40 -0.09
C ASN C 255 10.52 5.74 -0.71
N GLN C 256 10.27 4.69 -1.48
CA GLN C 256 11.33 3.92 -2.12
C GLN C 256 12.26 4.74 -3.03
N SER C 257 11.69 5.58 -3.88
CA SER C 257 12.51 6.31 -4.83
C SER C 257 13.41 7.30 -4.10
N VAL C 258 12.88 7.87 -3.02
CA VAL C 258 13.62 8.80 -2.16
C VAL C 258 14.72 8.06 -1.38
N PHE C 259 14.36 6.93 -0.78
CA PHE C 259 15.30 6.04 -0.13
C PHE C 259 16.49 5.73 -1.05
N ASN C 260 16.21 5.20 -2.23
CA ASN C 260 17.24 4.89 -3.23
C ASN C 260 18.12 6.12 -3.49
N PHE C 261 17.48 7.26 -3.71
CA PHE C 261 18.19 8.50 -3.96
C PHE C 261 19.12 8.87 -2.80
N CYS C 262 18.63 8.76 -1.57
CA CYS C 262 19.41 9.12 -0.38
C CYS C 262 20.46 8.09 0.05
N ALA C 263 20.14 6.80 -0.07
CA ALA C 263 21.01 5.76 0.47
C ALA C 263 22.26 5.55 -0.38
N ILE C 264 22.06 5.49 -1.69
CA ILE C 264 23.16 5.15 -2.59
C ILE C 264 24.38 6.05 -2.50
N PRO C 265 24.20 7.38 -2.44
CA PRO C 265 25.45 8.12 -2.27
C PRO C 265 26.08 7.94 -0.88
N GLN C 266 25.28 7.71 0.15
CA GLN C 266 25.85 7.50 1.49
C GLN C 266 26.69 6.24 1.52
N VAL C 267 26.20 5.20 0.86
CA VAL C 267 26.91 3.94 0.71
C VAL C 267 28.16 4.10 -0.14
N MET C 268 28.06 4.83 -1.25
CA MET C 268 29.26 5.08 -2.04
C MET C 268 30.26 5.90 -1.23
N ALA C 269 29.77 6.77 -0.33
CA ALA C 269 30.69 7.53 0.52
C ALA C 269 31.41 6.67 1.57
N ILE C 270 30.69 5.81 2.29
CA ILE C 270 31.32 4.89 3.24
C ILE C 270 32.31 3.93 2.58
N ALA C 271 31.93 3.38 1.42
CA ALA C 271 32.80 2.55 0.60
C ALA C 271 34.09 3.28 0.25
N THR C 272 33.98 4.57 -0.04
CA THR C 272 35.17 5.36 -0.39
C THR C 272 36.10 5.57 0.80
N LEU C 273 35.55 5.81 1.99
CA LEU C 273 36.37 5.98 3.19
C LEU C 273 37.09 4.70 3.56
N ALA C 274 36.36 3.58 3.52
CA ALA C 274 36.93 2.26 3.72
C ALA C 274 38.15 2.04 2.84
N ALA C 275 38.01 2.40 1.57
CA ALA C 275 39.07 2.18 0.59
C ALA C 275 40.24 3.11 0.87
N CYS C 276 39.95 4.33 1.29
CA CYS C 276 40.99 5.33 1.53
C CYS C 276 41.69 5.14 2.87
N TYR C 277 41.09 4.36 3.76
CA TYR C 277 41.63 4.28 5.12
C TYR C 277 42.95 3.54 5.16
N ASN C 278 43.93 4.22 5.77
CA ASN C 278 45.31 3.74 5.89
C ASN C 278 45.99 3.51 4.54
N ASN C 279 45.41 4.08 3.50
CA ASN C 279 45.84 3.81 2.12
C ASN C 279 46.72 4.92 1.57
N GLN C 280 47.97 4.57 1.25
CA GLN C 280 48.97 5.52 0.76
C GLN C 280 48.68 6.07 -0.63
N GLN C 281 47.91 5.31 -1.42
CA GLN C 281 47.59 5.65 -2.80
C GLN C 281 46.74 6.92 -2.92
N VAL C 282 46.13 7.34 -1.82
CA VAL C 282 45.40 8.61 -1.75
C VAL C 282 46.30 9.78 -2.14
N PHE C 283 47.61 9.56 -2.06
CA PHE C 283 48.61 10.58 -2.42
C PHE C 283 49.39 10.31 -3.70
N LYS C 284 48.99 9.31 -4.48
CA LYS C 284 49.63 9.01 -5.77
C LYS C 284 48.68 9.09 -6.96
N GLY C 285 47.49 8.52 -6.81
CA GLY C 285 46.42 8.64 -7.82
C GLY C 285 45.05 8.70 -7.16
N ALA C 286 44.01 8.48 -7.96
CA ALA C 286 42.67 8.28 -7.42
C ALA C 286 42.61 6.85 -6.89
N VAL C 287 41.87 6.65 -5.80
CA VAL C 287 41.88 5.36 -5.11
C VAL C 287 40.97 4.36 -5.81
N LYS C 288 41.52 3.18 -6.11
CA LYS C 288 40.77 2.08 -6.72
C LYS C 288 39.56 1.71 -5.85
N ILE C 289 38.40 2.21 -6.27
CA ILE C 289 37.15 2.03 -5.52
C ILE C 289 36.62 0.60 -5.64
N ARG C 290 36.37 -0.04 -4.49
CA ARG C 290 36.22 -1.50 -4.47
C ARG C 290 35.10 -2.11 -3.61
N LYS C 291 34.91 -3.41 -3.80
CA LYS C 291 33.81 -4.21 -3.24
C LYS C 291 34.16 -4.93 -1.93
N GLY C 292 33.13 -5.29 -1.16
CA GLY C 292 33.31 -6.10 0.06
C GLY C 292 33.30 -7.59 -0.23
N GLN C 293 32.91 -8.39 0.76
CA GLN C 293 32.72 -9.83 0.52
C GLN C 293 31.42 -10.09 -0.25
N ALA C 294 31.12 -11.36 -0.50
CA ALA C 294 29.99 -11.78 -1.34
C ALA C 294 28.60 -11.37 -0.84
N VAL C 295 28.52 -10.95 0.42
CA VAL C 295 27.24 -10.56 1.04
C VAL C 295 26.78 -9.15 0.63
N THR C 296 27.73 -8.23 0.48
CA THR C 296 27.52 -6.95 -0.18
C THR C 296 27.28 -7.14 -1.68
N LEU C 297 27.84 -8.21 -2.24
CA LEU C 297 27.57 -8.60 -3.62
C LEU C 297 26.15 -9.21 -3.71
N MET C 298 25.68 -9.75 -2.60
CA MET C 298 24.37 -10.40 -2.53
C MET C 298 23.26 -9.46 -2.02
N MET C 299 23.57 -8.18 -1.92
CA MET C 299 22.65 -7.16 -1.42
C MET C 299 22.90 -5.81 -2.09
N ASP C 300 21.89 -4.95 -2.08
CA ASP C 300 22.05 -3.62 -2.63
C ASP C 300 21.23 -2.60 -1.85
N ALA C 301 21.67 -1.35 -1.84
CA ALA C 301 21.15 -0.39 -0.87
C ALA C 301 19.72 0.09 -1.09
N THR C 302 18.75 -0.81 -1.00
CA THR C 302 17.37 -0.45 -1.32
C THR C 302 16.38 -0.74 -0.20
N ASN C 303 16.86 -1.36 0.88
CA ASN C 303 16.10 -1.49 2.11
C ASN C 303 16.97 -1.13 3.31
N MET C 304 16.33 -0.78 4.42
CA MET C 304 17.11 -0.23 5.54
C MET C 304 18.04 -1.28 6.17
N PRO C 305 17.55 -2.52 6.38
CA PRO C 305 18.47 -3.50 6.98
C PRO C 305 19.65 -3.82 6.06
N ALA C 306 19.43 -3.84 4.75
CA ALA C 306 20.52 -4.11 3.82
C ALA C 306 21.57 -3.01 3.86
N VAL C 307 21.12 -1.77 3.91
CA VAL C 307 22.07 -0.67 4.03
C VAL C 307 22.82 -0.74 5.34
N LYS C 308 22.13 -1.06 6.44
CA LYS C 308 22.85 -1.17 7.70
C LYS C 308 23.93 -2.24 7.58
N ALA C 309 23.60 -3.41 7.03
CA ALA C 309 24.59 -4.47 6.91
C ALA C 309 25.76 -4.02 6.05
N ILE C 310 25.47 -3.27 5.00
CA ILE C 310 26.54 -2.84 4.10
C ILE C 310 27.45 -1.88 4.86
N ILE C 311 26.83 -0.99 5.62
CA ILE C 311 27.52 -0.03 6.46
C ILE C 311 28.42 -0.76 7.44
N TYR C 312 27.87 -1.78 8.09
CA TYR C 312 28.63 -2.53 9.08
C TYR C 312 29.78 -3.30 8.44
N GLN C 313 29.58 -3.87 7.26
CA GLN C 313 30.70 -4.54 6.58
C GLN C 313 31.86 -3.59 6.36
N TYR C 314 31.58 -2.39 5.83
CA TYR C 314 32.62 -1.40 5.60
C TYR C 314 33.22 -0.88 6.91
N MET C 315 32.40 -0.82 7.95
CA MET C 315 32.84 -0.53 9.30
C MET C 315 33.93 -1.52 9.74
N GLU C 316 33.73 -2.81 9.47
CA GLU C 316 34.70 -3.84 9.84
C GLU C 316 35.94 -3.81 8.95
N GLU C 317 35.80 -3.45 7.67
CA GLU C 317 36.97 -3.32 6.78
C GLU C 317 37.96 -2.32 7.35
N ILE C 318 37.43 -1.24 7.94
CA ILE C 318 38.25 -0.21 8.55
C ILE C 318 38.81 -0.71 9.87
N TYR C 319 37.97 -1.37 10.67
CA TYR C 319 38.37 -1.83 11.98
C TYR C 319 39.59 -2.74 11.89
N HIS C 320 39.52 -3.77 11.05
CA HIS C 320 40.61 -4.74 10.97
C HIS C 320 41.94 -4.15 10.48
N ARG C 321 41.88 -3.02 9.76
CA ARG C 321 43.07 -2.36 9.26
C ARG C 321 43.70 -1.30 10.18
N ILE C 322 43.10 -1.05 11.34
CA ILE C 322 43.62 -0.02 12.25
C ILE C 322 44.96 -0.43 12.84
N PRO C 323 46.05 0.26 12.45
CA PRO C 323 47.36 -0.05 13.01
C PRO C 323 47.49 0.55 14.41
N ASP C 324 48.13 -0.18 15.32
CA ASP C 324 48.36 0.34 16.67
C ASP C 324 49.20 1.61 16.62
N SER C 325 50.15 1.62 15.69
CA SER C 325 51.03 2.75 15.45
C SER C 325 50.30 4.08 15.35
N ASP C 326 49.09 4.07 14.80
CA ASP C 326 48.36 5.30 14.47
C ASP C 326 47.85 6.09 15.67
N PRO C 327 48.06 7.42 15.65
CA PRO C 327 47.69 8.33 16.75
C PRO C 327 46.19 8.49 16.99
N SER C 328 45.39 8.05 16.02
CA SER C 328 43.92 8.11 16.10
C SER C 328 43.32 6.73 16.39
N SER C 329 44.18 5.73 16.52
CA SER C 329 43.77 4.34 16.77
C SER C 329 42.59 4.21 17.72
N SER C 330 42.68 4.90 18.85
CA SER C 330 41.78 4.73 19.98
C SER C 330 40.44 5.38 19.72
N LYS C 331 40.46 6.51 19.03
CA LYS C 331 39.24 7.25 18.69
C LYS C 331 38.49 6.64 17.50
N THR C 332 39.24 6.11 16.54
CA THR C 332 38.68 5.35 15.44
C THR C 332 37.92 4.11 15.94
N ARG C 333 38.51 3.36 16.86
CA ARG C 333 37.86 2.19 17.47
C ARG C 333 36.61 2.54 18.26
N GLN C 334 36.69 3.61 19.05
CA GLN C 334 35.56 4.11 19.83
C GLN C 334 34.39 4.62 18.96
N ILE C 335 34.67 5.35 17.89
CA ILE C 335 33.59 5.80 17.02
C ILE C 335 32.91 4.60 16.33
N ILE C 336 33.71 3.73 15.72
CA ILE C 336 33.17 2.49 15.15
C ILE C 336 32.33 1.72 16.18
N SER C 337 32.89 1.47 17.35
CA SER C 337 32.16 0.83 18.45
C SER C 337 30.82 1.52 18.74
N THR C 338 30.82 2.85 18.71
CA THR C 338 29.61 3.65 18.92
C THR C 338 28.57 3.35 17.85
N ILE C 339 29.00 3.33 16.58
CA ILE C 339 28.15 3.01 15.45
C ILE C 339 27.54 1.61 15.60
N ARG C 340 28.29 0.68 16.17
CA ARG C 340 27.82 -0.68 16.43
C ARG C 340 26.90 -0.77 17.64
N THR C 341 26.16 0.29 17.96
CA THR C 341 25.44 0.36 19.24
C THR C 341 24.18 1.22 19.15
N SER D 10 -26.96 -13.09 -20.96
CA SER D 10 -28.03 -14.12 -21.11
C SER D 10 -29.41 -13.58 -20.73
N SER D 11 -30.41 -13.94 -21.52
CA SER D 11 -31.80 -13.61 -21.24
C SER D 11 -32.27 -14.33 -19.98
N SER D 12 -31.69 -15.50 -19.73
CA SER D 12 -31.96 -16.28 -18.52
C SER D 12 -31.46 -15.60 -17.25
N LEU D 13 -30.19 -15.14 -17.25
CA LEU D 13 -29.66 -14.34 -16.14
C LEU D 13 -30.47 -13.08 -15.88
N LYS D 14 -30.88 -12.43 -16.97
CA LYS D 14 -31.72 -11.23 -16.92
C LYS D 14 -32.95 -11.53 -16.07
N THR D 15 -33.62 -12.63 -16.39
CA THR D 15 -34.77 -13.11 -15.64
C THR D 15 -34.41 -13.45 -14.19
N CYS D 16 -33.33 -14.21 -14.00
CA CYS D 16 -32.83 -14.56 -12.67
C CYS D 16 -32.64 -13.36 -11.76
N TYR D 17 -31.97 -12.32 -12.27
CA TYR D 17 -31.73 -11.12 -11.47
C TYR D 17 -33.02 -10.33 -11.24
N LYS D 18 -33.95 -10.45 -12.19
CA LYS D 18 -35.26 -9.82 -12.04
C LYS D 18 -36.01 -10.48 -10.89
N TYR D 19 -35.98 -11.81 -10.85
CA TYR D 19 -36.64 -12.55 -9.79
C TYR D 19 -35.91 -12.24 -8.48
N LEU D 20 -34.58 -12.20 -8.56
CA LEU D 20 -33.76 -11.87 -7.41
C LEU D 20 -34.25 -10.56 -6.79
N ASN D 21 -34.41 -9.53 -7.62
CA ASN D 21 -34.91 -8.25 -7.13
C ASN D 21 -36.34 -8.33 -6.61
N GLN D 22 -37.17 -9.07 -7.32
CA GLN D 22 -38.58 -9.22 -6.93
C GLN D 22 -38.77 -10.00 -5.63
N THR D 23 -37.85 -10.89 -5.28
CA THR D 23 -38.04 -11.77 -4.11
C THR D 23 -37.19 -11.40 -2.90
N SER D 24 -36.13 -10.62 -3.12
CA SER D 24 -35.23 -10.27 -2.04
C SER D 24 -35.00 -8.77 -1.93
N ARG D 25 -35.87 -8.10 -1.19
CA ARG D 25 -35.66 -6.68 -0.93
C ARG D 25 -34.45 -6.47 -0.03
N SER D 26 -34.22 -7.38 0.91
CA SER D 26 -33.11 -7.27 1.88
C SER D 26 -31.70 -7.48 1.33
N PHE D 27 -31.57 -8.30 0.29
CA PHE D 27 -30.26 -8.82 -0.13
C PHE D 27 -29.83 -8.52 -1.55
N ALA D 28 -30.77 -8.29 -2.47
CA ALA D 28 -30.40 -8.16 -3.87
C ALA D 28 -29.27 -7.16 -4.11
N ALA D 29 -29.35 -5.98 -3.50
CA ALA D 29 -28.38 -4.92 -3.77
C ALA D 29 -26.96 -5.35 -3.44
N VAL D 30 -26.78 -5.92 -2.24
CA VAL D 30 -25.46 -6.40 -1.83
C VAL D 30 -25.03 -7.67 -2.57
N ILE D 31 -25.98 -8.48 -3.00
CA ILE D 31 -25.63 -9.66 -3.77
C ILE D 31 -25.07 -9.25 -5.14
N GLN D 32 -25.71 -8.28 -5.78
CA GLN D 32 -25.31 -7.83 -7.11
C GLN D 32 -24.02 -7.01 -7.06
N ALA D 33 -23.59 -6.62 -5.88
CA ALA D 33 -22.36 -5.86 -5.72
C ALA D 33 -21.18 -6.79 -5.46
N LEU D 34 -21.45 -8.08 -5.39
CA LEU D 34 -20.35 -9.03 -5.21
C LEU D 34 -19.38 -9.00 -6.41
N ASP D 35 -18.10 -9.18 -6.11
CA ASP D 35 -17.05 -9.28 -7.14
C ASP D 35 -17.13 -10.62 -7.87
N GLY D 36 -16.72 -10.59 -9.14
CA GLY D 36 -16.45 -11.77 -9.94
C GLY D 36 -17.46 -12.90 -9.86
N GLU D 37 -16.97 -14.13 -9.76
CA GLU D 37 -17.84 -15.32 -9.80
C GLU D 37 -18.83 -15.42 -8.65
N MET D 38 -18.55 -14.74 -7.54
CA MET D 38 -19.43 -14.75 -6.38
C MET D 38 -20.82 -14.24 -6.69
N ARG D 39 -20.91 -13.28 -7.61
CA ARG D 39 -22.17 -12.64 -7.95
C ARG D 39 -23.23 -13.64 -8.38
N ASN D 40 -23.03 -14.24 -9.56
CA ASN D 40 -23.92 -15.29 -10.05
C ASN D 40 -24.03 -16.46 -9.09
N ALA D 41 -22.93 -16.83 -8.45
CA ALA D 41 -22.92 -17.96 -7.52
C ALA D 41 -23.90 -17.74 -6.36
N VAL D 42 -23.99 -16.50 -5.88
CA VAL D 42 -24.85 -16.17 -4.76
C VAL D 42 -26.27 -15.85 -5.24
N CYS D 43 -26.39 -15.22 -6.40
CA CYS D 43 -27.70 -14.92 -6.96
C CYS D 43 -28.50 -16.22 -7.05
N ILE D 44 -27.89 -17.23 -7.65
CA ILE D 44 -28.55 -18.50 -7.90
C ILE D 44 -28.85 -19.20 -6.58
N PHE D 45 -27.88 -19.15 -5.66
CA PHE D 45 -28.00 -19.84 -4.40
C PHE D 45 -29.22 -19.24 -3.72
N TYR D 46 -29.28 -17.91 -3.72
CA TYR D 46 -30.44 -17.23 -3.19
C TYR D 46 -31.76 -17.69 -3.84
N LEU D 47 -31.80 -17.72 -5.17
CA LEU D 47 -33.04 -18.05 -5.89
C LEU D 47 -33.50 -19.46 -5.58
N VAL D 48 -32.54 -20.38 -5.55
CA VAL D 48 -32.83 -21.76 -5.21
C VAL D 48 -33.50 -21.86 -3.84
N LEU D 49 -32.85 -21.31 -2.81
CA LEU D 49 -33.39 -21.40 -1.46
C LEU D 49 -34.73 -20.68 -1.36
N ARG D 50 -34.92 -19.65 -2.17
CA ARG D 50 -36.24 -19.02 -2.27
C ARG D 50 -37.26 -20.04 -2.77
N ALA D 51 -36.89 -20.84 -3.76
CA ALA D 51 -37.80 -21.85 -4.29
C ALA D 51 -38.02 -22.95 -3.26
N LEU D 52 -36.95 -23.41 -2.64
CA LEU D 52 -37.04 -24.42 -1.59
C LEU D 52 -37.98 -24.00 -0.47
N ASP D 53 -37.85 -22.77 0.03
CA ASP D 53 -38.68 -22.40 1.16
C ASP D 53 -40.06 -21.80 0.80
N THR D 54 -40.31 -21.59 -0.48
CA THR D 54 -41.64 -21.22 -0.97
C THR D 54 -42.55 -22.45 -0.87
N LEU D 55 -41.98 -23.61 -1.20
CA LEU D 55 -42.62 -24.88 -0.93
C LEU D 55 -42.97 -25.01 0.54
N GLU D 56 -42.01 -24.78 1.43
CA GLU D 56 -42.22 -24.94 2.87
C GLU D 56 -43.33 -24.05 3.42
N ASP D 57 -43.31 -22.77 3.07
CA ASP D 57 -44.28 -21.79 3.56
C ASP D 57 -45.72 -22.07 3.12
N ASP D 58 -45.89 -22.77 1.99
CA ASP D 58 -47.18 -22.95 1.34
C ASP D 58 -48.05 -24.00 2.03
N MET D 59 -49.01 -23.52 2.82
CA MET D 59 -49.89 -24.38 3.60
C MET D 59 -50.85 -25.22 2.78
N THR D 60 -50.86 -25.02 1.46
CA THR D 60 -51.73 -25.76 0.55
C THR D 60 -51.15 -27.13 0.15
N ILE D 61 -49.84 -27.28 0.30
CA ILE D 61 -49.21 -28.55 -0.06
C ILE D 61 -49.33 -29.49 1.13
N SER D 62 -49.82 -30.70 0.89
CA SER D 62 -50.05 -31.71 1.94
C SER D 62 -48.74 -32.22 2.50
N VAL D 63 -48.65 -32.29 3.83
CA VAL D 63 -47.46 -32.83 4.51
C VAL D 63 -46.76 -33.97 3.77
N GLU D 64 -47.51 -34.98 3.33
CA GLU D 64 -46.93 -36.15 2.67
C GLU D 64 -46.77 -35.99 1.16
N LYS D 65 -47.20 -34.84 0.63
CA LYS D 65 -46.79 -34.36 -0.69
C LYS D 65 -45.56 -33.44 -0.57
N LYS D 66 -45.44 -32.81 0.61
CA LYS D 66 -44.45 -31.78 0.90
C LYS D 66 -43.06 -32.36 1.10
N VAL D 67 -42.98 -33.48 1.82
CA VAL D 67 -41.70 -34.06 2.20
C VAL D 67 -40.82 -34.51 1.03
N PRO D 68 -41.39 -35.19 0.03
CA PRO D 68 -40.50 -35.68 -1.03
C PRO D 68 -40.08 -34.57 -1.97
N LEU D 69 -40.90 -33.53 -2.07
CA LEU D 69 -40.51 -32.35 -2.83
C LEU D 69 -39.28 -31.75 -2.17
N LEU D 70 -39.36 -31.58 -0.85
CA LEU D 70 -38.25 -31.04 -0.04
C LEU D 70 -37.02 -31.97 -0.03
N HIS D 71 -37.27 -33.26 0.17
CA HIS D 71 -36.20 -34.25 0.23
C HIS D 71 -35.40 -34.34 -1.06
N ASN D 72 -36.12 -34.33 -2.18
CA ASN D 72 -35.51 -34.51 -3.50
C ASN D 72 -35.25 -33.19 -4.21
N PHE D 73 -35.22 -32.09 -3.45
CA PHE D 73 -35.05 -30.78 -4.04
C PHE D 73 -33.66 -30.57 -4.65
N HIS D 74 -32.62 -31.02 -3.96
CA HIS D 74 -31.27 -31.02 -4.49
C HIS D 74 -31.15 -31.82 -5.79
N SER D 75 -32.07 -32.76 -6.01
CA SER D 75 -32.09 -33.55 -7.25
C SER D 75 -32.59 -32.72 -8.41
N PHE D 76 -33.67 -31.96 -8.20
CA PHE D 76 -34.28 -31.14 -9.24
C PHE D 76 -33.29 -30.29 -10.02
N LEU D 77 -32.24 -29.85 -9.34
CA LEU D 77 -31.20 -29.03 -9.93
C LEU D 77 -30.65 -29.63 -11.23
N TYR D 78 -30.44 -30.93 -11.26
CA TYR D 78 -29.92 -31.62 -12.44
C TYR D 78 -31.04 -32.28 -13.25
N GLN D 79 -32.26 -31.80 -13.06
CA GLN D 79 -33.37 -32.16 -13.93
C GLN D 79 -33.82 -30.93 -14.70
N PRO D 80 -33.37 -30.81 -15.96
CA PRO D 80 -33.45 -29.61 -16.79
C PRO D 80 -34.86 -29.17 -17.21
N ASP D 81 -35.88 -29.81 -16.65
CA ASP D 81 -37.24 -29.65 -17.12
C ASP D 81 -38.25 -29.45 -15.99
N TRP D 82 -37.84 -29.79 -14.77
CA TRP D 82 -38.72 -29.72 -13.62
C TRP D 82 -39.28 -28.32 -13.35
N ARG D 83 -40.53 -28.29 -12.89
CA ARG D 83 -41.16 -27.09 -12.35
C ARG D 83 -42.34 -27.45 -11.46
N PHE D 84 -42.91 -26.47 -10.77
CA PHE D 84 -44.07 -26.71 -9.91
C PHE D 84 -45.16 -25.66 -10.06
N MET D 85 -46.26 -26.06 -10.67
CA MET D 85 -47.31 -25.14 -11.08
C MET D 85 -48.36 -24.79 -10.01
N GLU D 86 -48.37 -25.53 -8.90
CA GLU D 86 -49.52 -25.51 -7.98
C GLU D 86 -49.37 -24.67 -6.71
N SER D 87 -48.75 -23.50 -6.83
CA SER D 87 -48.47 -22.64 -5.67
C SER D 87 -49.30 -21.36 -5.61
N LYS D 88 -49.74 -20.99 -4.40
CA LYS D 88 -50.44 -19.73 -4.16
C LYS D 88 -49.61 -18.75 -3.35
N GLU D 89 -48.33 -19.07 -3.19
CA GLU D 89 -47.42 -18.15 -2.53
C GLU D 89 -47.12 -16.98 -3.47
N LYS D 90 -46.74 -15.85 -2.88
CA LYS D 90 -46.46 -14.63 -3.64
C LYS D 90 -45.28 -14.84 -4.60
N ASP D 91 -44.30 -15.63 -4.17
CA ASP D 91 -43.09 -15.91 -4.94
C ASP D 91 -43.27 -17.03 -5.98
N ARG D 92 -44.49 -17.55 -6.11
CA ARG D 92 -44.80 -18.72 -6.94
C ARG D 92 -44.08 -18.70 -8.28
N GLN D 93 -43.90 -17.47 -8.78
CA GLN D 93 -43.21 -17.14 -10.03
C GLN D 93 -41.89 -17.90 -10.20
N VAL D 94 -41.24 -18.17 -9.07
CA VAL D 94 -39.90 -18.76 -8.99
C VAL D 94 -39.89 -20.29 -9.13
N LEU D 95 -41.01 -20.94 -8.83
CA LEU D 95 -41.16 -22.38 -9.03
C LEU D 95 -41.70 -22.67 -10.42
N GLU D 96 -42.68 -21.86 -10.83
CA GLU D 96 -43.31 -22.01 -12.14
C GLU D 96 -42.29 -21.86 -13.25
N ASP D 97 -41.38 -20.90 -13.10
CA ASP D 97 -40.34 -20.71 -14.09
C ASP D 97 -38.99 -21.21 -13.59
N PHE D 98 -39.02 -22.26 -12.78
CA PHE D 98 -37.81 -22.89 -12.25
C PHE D 98 -36.83 -23.42 -13.31
N PRO D 99 -37.31 -23.85 -14.49
CA PRO D 99 -36.30 -24.27 -15.45
C PRO D 99 -35.30 -23.18 -15.79
N THR D 100 -35.72 -21.92 -15.69
CA THR D 100 -34.85 -20.78 -15.97
C THR D 100 -33.75 -20.71 -14.93
N ILE D 101 -34.13 -20.81 -13.66
CA ILE D 101 -33.21 -20.85 -12.53
C ILE D 101 -32.33 -22.10 -12.59
N SER D 102 -32.98 -23.24 -12.72
CA SER D 102 -32.30 -24.51 -12.96
C SER D 102 -31.09 -24.38 -13.89
N LEU D 103 -31.33 -23.93 -15.12
CA LEU D 103 -30.26 -23.82 -16.12
C LEU D 103 -29.04 -23.02 -15.65
N GLU D 104 -29.28 -21.80 -15.17
CA GLU D 104 -28.17 -20.96 -14.72
C GLU D 104 -27.35 -21.63 -13.62
N PHE D 105 -28.00 -22.47 -12.81
CA PHE D 105 -27.29 -23.26 -11.81
C PHE D 105 -26.29 -24.22 -12.46
N ARG D 106 -26.68 -24.86 -13.56
CA ARG D 106 -25.81 -25.78 -14.29
C ARG D 106 -24.70 -25.09 -15.08
N ASN D 107 -24.73 -23.76 -15.13
CA ASN D 107 -23.70 -22.97 -15.82
C ASN D 107 -22.56 -22.56 -14.91
N LEU D 108 -22.66 -22.96 -13.64
CA LEU D 108 -21.72 -22.55 -12.60
C LEU D 108 -20.51 -23.49 -12.58
N ALA D 109 -19.39 -22.97 -12.07
CA ALA D 109 -18.19 -23.78 -11.88
C ALA D 109 -18.47 -24.88 -10.86
N GLU D 110 -17.87 -26.05 -11.09
CA GLU D 110 -18.16 -27.22 -10.27
C GLU D 110 -18.13 -26.94 -8.79
N LYS D 111 -17.11 -26.22 -8.34
CA LYS D 111 -16.94 -25.91 -6.92
C LYS D 111 -18.23 -25.35 -6.32
N TYR D 112 -18.85 -24.38 -7.00
CA TYR D 112 -20.09 -23.76 -6.53
C TYR D 112 -21.31 -24.67 -6.66
N GLN D 113 -21.39 -25.35 -7.80
CA GLN D 113 -22.37 -26.41 -8.08
C GLN D 113 -22.55 -27.31 -6.85
N THR D 114 -21.42 -27.83 -6.38
CA THR D 114 -21.34 -28.77 -5.26
C THR D 114 -21.86 -28.17 -3.96
N VAL D 115 -21.39 -26.96 -3.65
CA VAL D 115 -21.75 -26.32 -2.39
C VAL D 115 -23.26 -26.08 -2.29
N ILE D 116 -23.85 -25.48 -3.31
CA ILE D 116 -25.29 -25.25 -3.35
C ILE D 116 -26.11 -26.54 -3.22
N ALA D 117 -25.67 -27.61 -3.87
CA ALA D 117 -26.38 -28.88 -3.86
C ALA D 117 -26.44 -29.49 -2.45
N ASP D 118 -25.30 -29.51 -1.78
CA ASP D 118 -25.19 -30.14 -0.47
C ASP D 118 -26.08 -29.42 0.54
N ILE D 119 -26.18 -28.10 0.42
CA ILE D 119 -27.03 -27.30 1.29
C ILE D 119 -28.52 -27.50 1.01
N CYS D 120 -28.91 -27.58 -0.25
CA CYS D 120 -30.30 -27.87 -0.57
C CYS D 120 -30.73 -29.20 0.02
N ARG D 121 -29.95 -30.25 -0.26
CA ARG D 121 -30.20 -31.56 0.32
C ARG D 121 -30.46 -31.41 1.81
N ARG D 122 -29.45 -30.95 2.55
CA ARG D 122 -29.52 -30.82 4.00
C ARG D 122 -30.65 -29.92 4.52
N MET D 123 -30.94 -28.85 3.80
CA MET D 123 -32.04 -27.96 4.16
C MET D 123 -33.36 -28.69 4.02
N GLY D 124 -33.49 -29.44 2.93
CA GLY D 124 -34.70 -30.20 2.66
C GLY D 124 -34.98 -31.16 3.81
N ILE D 125 -33.95 -31.88 4.22
CA ILE D 125 -34.03 -32.83 5.34
C ILE D 125 -34.56 -32.18 6.61
N GLY D 126 -33.96 -31.07 7.01
CA GLY D 126 -34.37 -30.35 8.22
C GLY D 126 -35.77 -29.79 8.14
N MET D 127 -36.06 -29.03 7.08
CA MET D 127 -37.39 -28.51 6.80
C MET D 127 -38.48 -29.58 6.91
N ALA D 128 -38.31 -30.70 6.22
CA ALA D 128 -39.30 -31.77 6.17
C ALA D 128 -39.68 -32.27 7.56
N GLU D 129 -38.67 -32.33 8.43
CA GLU D 129 -38.82 -32.88 9.76
C GLU D 129 -39.48 -31.95 10.77
N PHE D 130 -39.62 -30.67 10.41
CA PHE D 130 -40.12 -29.64 11.32
C PHE D 130 -41.52 -29.12 11.02
N LEU D 131 -42.13 -29.54 9.92
CA LEU D 131 -43.49 -29.06 9.61
C LEU D 131 -44.60 -29.70 10.43
N ASP D 132 -44.32 -30.88 11.00
CA ASP D 132 -45.27 -31.57 11.86
C ASP D 132 -45.11 -31.22 13.35
N LYS D 133 -44.08 -30.44 13.67
CA LYS D 133 -43.83 -30.04 15.05
C LYS D 133 -43.48 -28.56 15.19
N HIS D 134 -43.44 -28.10 16.43
CA HIS D 134 -43.00 -26.75 16.76
C HIS D 134 -41.70 -26.84 17.55
N VAL D 135 -41.13 -25.69 17.81
CA VAL D 135 -39.89 -25.61 18.56
C VAL D 135 -40.19 -25.74 20.05
N THR D 136 -39.53 -26.72 20.64
CA THR D 136 -39.65 -27.07 22.05
C THR D 136 -38.52 -26.41 22.85
N SER D 137 -37.36 -27.05 22.88
CA SER D 137 -36.24 -26.56 23.68
C SER D 137 -35.44 -25.46 22.98
N GLU D 138 -34.57 -24.81 23.75
CA GLU D 138 -33.66 -23.84 23.19
C GLU D 138 -32.72 -24.52 22.21
N GLN D 139 -32.25 -25.72 22.55
CA GLN D 139 -31.42 -26.52 21.65
C GLN D 139 -32.16 -26.83 20.35
N GLU D 140 -33.46 -27.02 20.46
CA GLU D 140 -34.34 -27.26 19.31
C GLU D 140 -34.56 -25.99 18.48
N TRP D 141 -34.40 -24.82 19.11
CA TRP D 141 -34.53 -23.56 18.38
C TRP D 141 -33.27 -23.34 17.53
N ASP D 142 -32.13 -23.76 18.06
CA ASP D 142 -30.87 -23.70 17.34
C ASP D 142 -30.91 -24.64 16.15
N LYS D 143 -31.32 -25.87 16.40
CA LYS D 143 -31.40 -26.88 15.36
C LYS D 143 -32.26 -26.32 14.22
N TYR D 144 -33.44 -25.83 14.58
CA TYR D 144 -34.37 -25.36 13.55
C TYR D 144 -33.71 -24.25 12.73
N CYS D 145 -33.20 -23.24 13.42
CA CYS D 145 -32.51 -22.13 12.77
C CYS D 145 -31.29 -22.59 11.99
N HIS D 146 -30.61 -23.61 12.50
CA HIS D 146 -29.51 -24.24 11.77
C HIS D 146 -29.97 -24.64 10.38
N TYR D 147 -31.11 -25.32 10.31
CA TYR D 147 -31.64 -25.82 9.04
C TYR D 147 -32.10 -24.76 8.05
N VAL D 148 -32.62 -23.63 8.54
CA VAL D 148 -33.25 -22.66 7.64
C VAL D 148 -32.41 -21.41 7.43
N ALA D 149 -31.35 -21.26 8.21
CA ALA D 149 -30.49 -20.08 8.11
C ALA D 149 -29.02 -20.37 8.38
N GLY D 150 -28.74 -21.22 9.37
CA GLY D 150 -27.36 -21.48 9.78
C GLY D 150 -26.55 -22.06 8.63
N LEU D 151 -27.10 -23.09 8.01
CA LEU D 151 -26.41 -23.67 6.87
C LEU D 151 -26.49 -22.84 5.58
N VAL D 152 -27.26 -21.75 5.61
CA VAL D 152 -27.19 -20.74 4.55
C VAL D 152 -25.92 -19.92 4.77
N GLY D 153 -25.67 -19.54 6.01
CA GLY D 153 -24.39 -18.97 6.40
C GLY D 153 -23.24 -19.86 6.00
N ILE D 154 -23.36 -21.15 6.27
CA ILE D 154 -22.33 -22.13 5.91
C ILE D 154 -22.18 -22.21 4.39
N GLY D 155 -23.31 -22.25 3.69
CA GLY D 155 -23.32 -22.28 2.23
C GLY D 155 -22.58 -21.10 1.61
N LEU D 156 -22.94 -19.90 2.04
CA LEU D 156 -22.30 -18.68 1.52
C LEU D 156 -20.80 -18.66 1.79
N SER D 157 -20.41 -19.05 3.01
CA SER D 157 -19.01 -19.08 3.41
C SER D 157 -18.20 -20.00 2.49
N ARG D 158 -18.74 -21.18 2.20
CA ARG D 158 -18.07 -22.15 1.34
C ARG D 158 -17.94 -21.62 -0.08
N LEU D 159 -18.94 -20.86 -0.52
CA LEU D 159 -18.86 -20.20 -1.81
C LEU D 159 -17.79 -19.11 -1.75
N PHE D 160 -17.65 -18.45 -0.61
CA PHE D 160 -16.60 -17.43 -0.49
C PHE D 160 -15.22 -18.06 -0.60
N SER D 161 -14.96 -19.16 0.10
CA SER D 161 -13.63 -19.75 0.03
C SER D 161 -13.28 -20.42 -1.31
N ALA D 162 -14.31 -20.79 -2.06
CA ALA D 162 -14.13 -21.47 -3.35
C ALA D 162 -13.88 -20.51 -4.52
N SER D 163 -14.52 -19.35 -4.49
CA SER D 163 -14.19 -18.32 -5.46
C SER D 163 -12.77 -17.82 -5.19
N GLU D 164 -12.27 -18.18 -4.01
CA GLU D 164 -10.94 -17.77 -3.53
C GLU D 164 -10.79 -16.31 -3.08
N PHE D 165 -11.88 -15.54 -3.22
CA PHE D 165 -11.94 -14.15 -2.76
C PHE D 165 -11.73 -14.00 -1.24
N GLU D 166 -11.99 -15.09 -0.51
CA GLU D 166 -11.69 -15.19 0.92
C GLU D 166 -10.77 -16.37 1.15
N ASP D 167 -10.20 -16.50 2.34
CA ASP D 167 -9.25 -17.58 2.66
C ASP D 167 -10.00 -18.87 2.94
N PRO D 168 -9.31 -20.03 2.82
CA PRO D 168 -9.90 -21.34 3.09
C PRO D 168 -10.71 -21.40 4.39
N LEU D 169 -10.28 -20.61 5.37
CA LEU D 169 -10.87 -20.64 6.71
C LEU D 169 -12.36 -20.25 6.76
N VAL D 170 -12.75 -19.30 5.92
CA VAL D 170 -14.12 -18.79 5.95
C VAL D 170 -15.15 -19.92 5.85
N GLY D 171 -14.92 -20.84 4.92
CA GLY D 171 -15.82 -21.98 4.70
C GLY D 171 -15.55 -23.16 5.59
N GLU D 172 -14.38 -23.19 6.23
CA GLU D 172 -14.00 -24.24 7.16
C GLU D 172 -14.59 -24.06 8.56
N ASP D 173 -14.67 -22.81 9.01
CA ASP D 173 -15.18 -22.55 10.36
C ASP D 173 -16.69 -22.65 10.39
N THR D 174 -17.15 -23.89 10.44
CA THR D 174 -18.57 -24.20 10.34
C THR D 174 -19.42 -23.51 11.40
N GLU D 175 -18.89 -23.44 12.63
CA GLU D 175 -19.60 -22.92 13.80
C GLU D 175 -19.84 -21.42 13.69
N ARG D 176 -18.85 -20.66 13.23
CA ARG D 176 -18.97 -19.22 13.09
C ARG D 176 -19.96 -18.83 12.00
N ALA D 177 -19.82 -19.47 10.85
CA ALA D 177 -20.76 -19.32 9.74
C ALA D 177 -22.21 -19.59 10.20
N ASN D 178 -22.38 -20.64 11.00
CA ASN D 178 -23.68 -21.03 11.56
C ASN D 178 -24.20 -19.98 12.52
N SER D 179 -23.34 -19.56 13.45
CA SER D 179 -23.65 -18.54 14.45
C SER D 179 -24.16 -17.29 13.77
N MET D 180 -23.59 -17.04 12.59
CA MET D 180 -23.91 -15.90 11.76
C MET D 180 -25.33 -16.00 11.20
N GLY D 181 -25.78 -17.22 10.87
CA GLY D 181 -27.13 -17.45 10.37
C GLY D 181 -28.19 -17.45 11.47
N LEU D 182 -27.89 -18.16 12.54
CA LEU D 182 -28.73 -18.15 13.73
C LEU D 182 -29.02 -16.74 14.25
N PHE D 183 -28.06 -15.82 14.15
CA PHE D 183 -28.31 -14.46 14.62
C PHE D 183 -29.38 -13.73 13.82
N LEU D 184 -29.31 -13.81 12.50
CA LEU D 184 -30.31 -13.21 11.63
C LEU D 184 -31.65 -13.90 11.86
N GLN D 185 -31.65 -15.23 11.85
CA GLN D 185 -32.90 -15.95 11.98
C GLN D 185 -33.58 -15.71 13.33
N LYS D 186 -32.82 -15.76 14.41
CA LYS D 186 -33.43 -15.49 15.72
C LYS D 186 -34.00 -14.07 15.73
N THR D 187 -33.27 -13.13 15.16
CA THR D 187 -33.75 -11.75 15.10
C THR D 187 -35.07 -11.62 14.36
N ASN D 188 -35.14 -12.19 13.16
CA ASN D 188 -36.38 -12.15 12.41
C ASN D 188 -37.50 -12.80 13.22
N ILE D 189 -37.20 -13.94 13.84
CA ILE D 189 -38.23 -14.66 14.60
C ILE D 189 -38.82 -13.81 15.72
N ILE D 190 -37.94 -13.21 16.51
CA ILE D 190 -38.35 -12.33 17.59
C ILE D 190 -39.24 -11.19 17.08
N ARG D 191 -38.77 -10.48 16.05
CA ARG D 191 -39.48 -9.31 15.51
C ARG D 191 -40.79 -9.66 14.83
N ASP D 192 -40.80 -10.78 14.10
CA ASP D 192 -41.98 -11.17 13.36
C ASP D 192 -43.02 -11.89 14.23
N TYR D 193 -42.96 -11.72 15.55
CA TYR D 193 -43.79 -12.54 16.42
C TYR D 193 -45.26 -12.48 15.98
N LEU D 194 -45.76 -11.26 15.78
CA LEU D 194 -47.17 -11.05 15.55
C LEU D 194 -47.69 -11.51 14.20
N GLU D 195 -47.07 -11.11 13.09
CA GLU D 195 -47.55 -11.52 11.78
C GLU D 195 -47.41 -13.03 11.63
N ASP D 196 -46.37 -13.59 12.23
CA ASP D 196 -46.27 -15.04 12.36
C ASP D 196 -47.50 -15.62 13.05
N GLN D 197 -47.90 -15.04 14.19
CA GLN D 197 -49.02 -15.54 14.97
C GLN D 197 -50.36 -15.37 14.26
N GLN D 198 -50.51 -14.26 13.55
CA GLN D 198 -51.70 -13.99 12.76
C GLN D 198 -51.79 -14.86 11.52
N GLY D 199 -50.65 -15.41 11.11
CA GLY D 199 -50.60 -16.35 10.00
C GLY D 199 -50.68 -17.79 10.47
N GLY D 200 -50.83 -17.96 11.78
CA GLY D 200 -50.89 -19.30 12.37
C GLY D 200 -49.54 -19.98 12.53
N ARG D 201 -48.45 -19.24 12.45
CA ARG D 201 -47.13 -19.84 12.60
C ARG D 201 -46.46 -19.58 13.94
N GLU D 202 -45.78 -20.60 14.48
CA GLU D 202 -45.22 -20.57 15.82
C GLU D 202 -43.76 -21.01 15.84
N PHE D 203 -42.88 -20.07 16.16
CA PHE D 203 -41.44 -20.34 16.14
C PHE D 203 -40.75 -20.13 17.47
N TRP D 204 -41.37 -19.39 18.39
CA TRP D 204 -40.75 -19.11 19.68
C TRP D 204 -40.69 -20.42 20.46
N PRO D 205 -39.61 -20.67 21.22
CA PRO D 205 -39.43 -21.97 21.87
C PRO D 205 -40.36 -22.22 23.06
N GLN D 206 -41.06 -23.35 23.03
CA GLN D 206 -42.03 -23.75 24.06
C GLN D 206 -41.42 -23.74 25.46
N GLU D 207 -40.18 -24.22 25.57
CA GLU D 207 -39.51 -24.28 26.86
C GLU D 207 -39.36 -22.89 27.47
N VAL D 208 -39.36 -21.85 26.64
CA VAL D 208 -39.23 -20.50 27.19
C VAL D 208 -40.58 -19.84 27.43
N TRP D 209 -41.42 -19.79 26.41
CA TRP D 209 -42.70 -19.10 26.50
C TRP D 209 -43.71 -19.73 27.46
N SER D 210 -43.62 -21.03 27.68
CA SER D 210 -44.60 -21.70 28.51
C SER D 210 -44.34 -21.48 30.00
N ARG D 211 -43.16 -20.94 30.32
CA ARG D 211 -42.84 -20.51 31.67
C ARG D 211 -43.63 -19.26 32.02
N TYR D 212 -44.12 -18.56 30.99
CA TYR D 212 -44.87 -17.33 31.17
C TYR D 212 -46.38 -17.55 30.98
N VAL D 213 -46.75 -18.21 29.90
CA VAL D 213 -48.16 -18.29 29.50
C VAL D 213 -48.55 -19.68 29.01
N LYS D 214 -49.85 -19.93 28.93
CA LYS D 214 -50.35 -21.23 28.51
C LYS D 214 -50.26 -21.56 27.02
N LYS D 215 -50.27 -20.54 26.18
CA LYS D 215 -50.21 -20.70 24.72
C LYS D 215 -49.39 -19.56 24.14
N LEU D 216 -48.52 -19.88 23.19
CA LEU D 216 -47.69 -18.85 22.57
C LEU D 216 -48.59 -17.69 22.11
N GLY D 217 -49.79 -18.04 21.69
CA GLY D 217 -50.79 -17.08 21.21
C GLY D 217 -51.22 -16.06 22.23
N ASP D 218 -51.03 -16.35 23.51
CA ASP D 218 -51.48 -15.45 24.57
C ASP D 218 -50.73 -14.12 24.58
N PHE D 219 -49.53 -14.09 24.01
CA PHE D 219 -48.78 -12.84 23.94
C PHE D 219 -49.44 -11.77 23.07
N ALA D 220 -50.37 -12.16 22.21
CA ALA D 220 -51.06 -11.17 21.38
C ALA D 220 -52.16 -10.46 22.17
N LYS D 221 -52.55 -11.06 23.29
CA LYS D 221 -53.59 -10.50 24.14
C LYS D 221 -53.07 -9.35 25.00
N PRO D 222 -53.74 -8.20 24.99
CA PRO D 222 -53.25 -7.04 25.74
C PRO D 222 -53.12 -7.26 27.24
N GLU D 223 -53.90 -8.18 27.81
CA GLU D 223 -53.78 -8.49 29.23
C GLU D 223 -52.41 -9.02 29.61
N ASN D 224 -51.76 -9.68 28.64
CA ASN D 224 -50.49 -10.37 28.85
C ASN D 224 -49.25 -9.60 28.38
N ILE D 225 -49.39 -8.29 28.20
CA ILE D 225 -48.29 -7.53 27.61
C ILE D 225 -47.00 -7.57 28.42
N ASP D 226 -47.10 -7.51 29.76
CA ASP D 226 -45.89 -7.48 30.59
C ASP D 226 -45.18 -8.82 30.59
N LEU D 227 -45.93 -9.93 30.58
CA LEU D 227 -45.32 -11.25 30.41
C LEU D 227 -44.69 -11.39 29.02
N ALA D 228 -45.34 -10.83 28.00
CA ALA D 228 -44.84 -10.88 26.65
C ALA D 228 -43.45 -10.26 26.55
N VAL D 229 -43.30 -9.08 27.13
CA VAL D 229 -42.06 -8.32 27.05
C VAL D 229 -40.92 -8.97 27.82
N GLN D 230 -41.23 -9.60 28.95
CA GLN D 230 -40.27 -10.41 29.68
C GLN D 230 -39.75 -11.57 28.83
N CYS D 231 -40.64 -12.27 28.14
CA CYS D 231 -40.24 -13.39 27.28
C CYS D 231 -39.45 -12.88 26.07
N LEU D 232 -39.91 -11.74 25.56
CA LEU D 232 -39.25 -11.00 24.51
C LEU D 232 -37.79 -10.77 24.89
N ASN D 233 -37.58 -10.20 26.08
CA ASN D 233 -36.26 -9.91 26.61
C ASN D 233 -35.41 -11.14 26.83
N GLU D 234 -36.01 -12.24 27.25
CA GLU D 234 -35.27 -13.47 27.45
C GLU D 234 -34.79 -14.00 26.12
N LEU D 235 -35.62 -13.92 25.08
CA LEU D 235 -35.19 -14.47 23.79
C LEU D 235 -34.16 -13.58 23.12
N ILE D 236 -34.29 -12.26 23.30
CA ILE D 236 -33.31 -11.33 22.77
C ILE D 236 -31.94 -11.59 23.39
N THR D 237 -31.93 -11.87 24.69
CA THR D 237 -30.73 -12.24 25.44
C THR D 237 -30.11 -13.54 24.92
N ASN D 238 -30.94 -14.51 24.55
CA ASN D 238 -30.47 -15.72 23.88
C ASN D 238 -29.77 -15.32 22.59
N ALA D 239 -30.42 -14.49 21.77
CA ALA D 239 -29.86 -14.07 20.49
C ALA D 239 -28.50 -13.37 20.62
N LEU D 240 -28.34 -12.49 21.61
CA LEU D 240 -27.09 -11.76 21.76
C LEU D 240 -25.86 -12.66 21.93
N HIS D 241 -26.09 -13.91 22.34
CA HIS D 241 -24.99 -14.85 22.55
C HIS D 241 -24.22 -15.14 21.27
N HIS D 242 -24.79 -14.84 20.12
CA HIS D 242 -24.09 -15.15 18.88
C HIS D 242 -23.23 -13.99 18.41
N ILE D 243 -23.26 -12.89 19.12
CA ILE D 243 -22.54 -11.69 18.67
C ILE D 243 -21.02 -11.87 18.63
N PRO D 244 -20.43 -12.53 19.66
CA PRO D 244 -18.98 -12.78 19.57
C PRO D 244 -18.59 -13.46 18.26
N ASP D 245 -19.28 -14.53 17.92
CA ASP D 245 -19.07 -15.24 16.66
C ASP D 245 -19.23 -14.36 15.43
N VAL D 246 -20.27 -13.53 15.42
CA VAL D 246 -20.50 -12.53 14.36
C VAL D 246 -19.30 -11.59 14.20
N ILE D 247 -18.83 -11.02 15.31
CA ILE D 247 -17.65 -10.17 15.26
C ILE D 247 -16.47 -10.97 14.71
N THR D 248 -16.23 -12.15 15.26
CA THR D 248 -15.11 -12.96 14.80
C THR D 248 -15.21 -13.30 13.32
N TYR D 249 -16.39 -13.66 12.88
CA TYR D 249 -16.58 -14.04 11.48
C TYR D 249 -16.26 -12.86 10.60
N LEU D 250 -16.82 -11.70 10.93
CA LEU D 250 -16.60 -10.49 10.11
C LEU D 250 -15.16 -10.02 10.14
N SER D 251 -14.50 -10.22 11.27
CA SER D 251 -13.15 -9.66 11.50
C SER D 251 -12.13 -10.33 10.59
N ARG D 252 -12.48 -11.50 10.10
CA ARG D 252 -11.61 -12.27 9.21
C ARG D 252 -11.75 -11.97 7.72
N LEU D 253 -12.86 -11.39 7.31
CA LEU D 253 -13.09 -11.16 5.89
C LEU D 253 -12.07 -10.18 5.29
N ARG D 254 -11.69 -10.45 4.04
CA ARG D 254 -10.68 -9.69 3.31
C ARG D 254 -11.21 -8.94 2.09
N ASN D 255 -12.29 -9.43 1.51
CA ASN D 255 -12.90 -8.82 0.34
C ASN D 255 -13.97 -7.81 0.75
N GLN D 256 -13.88 -6.63 0.16
CA GLN D 256 -14.78 -5.54 0.50
C GLN D 256 -16.22 -5.90 0.16
N SER D 257 -16.44 -6.43 -1.05
CA SER D 257 -17.79 -6.74 -1.49
C SER D 257 -18.42 -7.84 -0.62
N VAL D 258 -17.60 -8.79 -0.16
CA VAL D 258 -18.07 -9.84 0.73
C VAL D 258 -18.29 -9.23 2.10
N PHE D 259 -17.42 -8.29 2.48
CA PHE D 259 -17.60 -7.69 3.79
C PHE D 259 -18.92 -6.95 3.90
N ASN D 260 -19.20 -6.12 2.91
CA ASN D 260 -20.45 -5.36 2.90
C ASN D 260 -21.62 -6.32 2.98
N PHE D 261 -21.55 -7.37 2.16
CA PHE D 261 -22.61 -8.36 2.07
C PHE D 261 -22.90 -8.99 3.43
N CYS D 262 -21.86 -9.34 4.18
CA CYS D 262 -22.07 -10.03 5.45
C CYS D 262 -22.48 -9.09 6.57
N ALA D 263 -21.83 -7.94 6.66
CA ALA D 263 -21.92 -7.08 7.84
C ALA D 263 -23.17 -6.22 7.87
N ILE D 264 -23.65 -5.82 6.69
CA ILE D 264 -24.85 -5.00 6.65
C ILE D 264 -26.11 -5.70 7.21
N PRO D 265 -26.41 -6.94 6.78
CA PRO D 265 -27.55 -7.55 7.47
C PRO D 265 -27.31 -7.75 8.97
N GLN D 266 -26.10 -8.11 9.39
CA GLN D 266 -25.86 -8.29 10.82
C GLN D 266 -26.08 -6.99 11.61
N VAL D 267 -25.58 -5.87 11.11
CA VAL D 267 -25.83 -4.60 11.78
C VAL D 267 -27.30 -4.17 11.73
N MET D 268 -27.99 -4.47 10.63
CA MET D 268 -29.46 -4.36 10.60
C MET D 268 -30.10 -5.21 11.70
N ALA D 269 -29.69 -6.47 11.83
CA ALA D 269 -30.28 -7.31 12.87
C ALA D 269 -29.98 -6.74 14.27
N ILE D 270 -28.75 -6.34 14.54
CA ILE D 270 -28.43 -5.80 15.86
C ILE D 270 -29.29 -4.59 16.20
N ALA D 271 -29.37 -3.64 15.26
CA ALA D 271 -30.28 -2.50 15.43
C ALA D 271 -31.72 -2.94 15.67
N THR D 272 -32.14 -4.02 15.03
CA THR D 272 -33.49 -4.49 15.20
C THR D 272 -33.71 -5.03 16.61
N LEU D 273 -32.81 -5.90 17.06
CA LEU D 273 -32.83 -6.38 18.45
C LEU D 273 -32.81 -5.24 19.46
N ALA D 274 -31.91 -4.28 19.27
CA ALA D 274 -31.88 -3.09 20.11
C ALA D 274 -33.20 -2.33 20.13
N ALA D 275 -33.88 -2.23 18.99
CA ALA D 275 -35.15 -1.50 18.95
C ALA D 275 -36.25 -2.30 19.65
N CYS D 276 -36.16 -3.62 19.52
CA CYS D 276 -37.17 -4.51 20.07
C CYS D 276 -36.98 -4.67 21.57
N TYR D 277 -35.79 -4.36 22.07
CA TYR D 277 -35.52 -4.67 23.47
C TYR D 277 -36.52 -3.98 24.41
N ASN D 278 -37.12 -4.76 25.31
CA ASN D 278 -38.06 -4.26 26.31
C ASN D 278 -39.15 -3.39 25.69
N ASN D 279 -39.58 -3.75 24.48
CA ASN D 279 -40.47 -2.89 23.72
C ASN D 279 -41.84 -3.52 23.44
N GLN D 280 -42.88 -2.95 24.05
CA GLN D 280 -44.25 -3.40 23.86
C GLN D 280 -44.73 -3.41 22.42
N GLN D 281 -44.12 -2.59 21.57
CA GLN D 281 -44.61 -2.51 20.19
C GLN D 281 -44.48 -3.86 19.48
N VAL D 282 -43.49 -4.67 19.85
CA VAL D 282 -43.30 -5.99 19.23
C VAL D 282 -44.61 -6.78 19.17
N PHE D 283 -45.48 -6.58 20.16
CA PHE D 283 -46.72 -7.33 20.25
C PHE D 283 -47.93 -6.60 19.68
N LYS D 284 -47.71 -5.41 19.12
CA LYS D 284 -48.76 -4.60 18.49
C LYS D 284 -48.54 -4.36 16.99
N GLY D 285 -47.29 -4.35 16.53
CA GLY D 285 -46.95 -4.21 15.11
C GLY D 285 -45.51 -4.59 14.81
N ALA D 286 -45.05 -4.31 13.60
CA ALA D 286 -43.65 -4.54 13.24
C ALA D 286 -42.81 -3.30 13.61
N VAL D 287 -41.65 -3.51 14.24
CA VAL D 287 -40.95 -2.43 14.93
C VAL D 287 -40.10 -1.49 14.06
N LYS D 288 -40.20 -0.19 14.35
CA LYS D 288 -39.44 0.86 13.65
C LYS D 288 -38.00 1.04 14.17
N ILE D 289 -37.04 0.84 13.27
CA ILE D 289 -35.62 0.81 13.65
C ILE D 289 -34.98 2.19 13.77
N ARG D 290 -34.54 2.52 14.99
CA ARG D 290 -33.92 3.80 15.30
C ARG D 290 -32.40 3.71 15.48
N VAL D 295 -21.70 9.66 18.87
CA VAL D 295 -20.50 9.04 18.31
C VAL D 295 -20.85 8.19 17.08
N THR D 296 -21.78 7.25 17.27
CA THR D 296 -22.25 6.36 16.20
C THR D 296 -23.23 7.08 15.28
N LEU D 297 -23.42 8.38 15.51
CA LEU D 297 -24.10 9.25 14.55
C LEU D 297 -23.27 9.37 13.27
N MET D 298 -21.95 9.36 13.43
CA MET D 298 -20.99 9.60 12.34
C MET D 298 -20.01 8.47 12.05
N MET D 299 -20.55 7.31 11.68
CA MET D 299 -19.83 6.25 10.96
C MET D 299 -20.73 5.33 10.14
N ASP D 300 -20.11 4.42 9.37
CA ASP D 300 -20.81 3.55 8.41
C ASP D 300 -20.25 2.13 8.35
N ALA D 301 -21.03 1.16 7.88
CA ALA D 301 -20.80 -0.24 8.24
C ALA D 301 -19.88 -1.05 7.31
N THR D 302 -18.86 -0.41 6.77
CA THR D 302 -18.08 -1.00 5.70
C THR D 302 -16.59 -1.14 6.05
N ASN D 303 -16.26 -0.93 7.32
CA ASN D 303 -14.97 -1.33 7.85
C ASN D 303 -15.13 -1.94 9.24
N MET D 304 -14.27 -2.89 9.57
CA MET D 304 -14.48 -3.70 10.78
C MET D 304 -14.54 -2.91 12.10
N PRO D 305 -13.61 -1.97 12.33
CA PRO D 305 -13.70 -1.16 13.55
C PRO D 305 -14.97 -0.33 13.62
N ALA D 306 -15.45 0.19 12.49
CA ALA D 306 -16.72 0.91 12.52
C ALA D 306 -17.87 0.00 12.95
N VAL D 307 -17.89 -1.21 12.38
CA VAL D 307 -18.95 -2.16 12.66
C VAL D 307 -18.93 -2.54 14.14
N LYS D 308 -17.74 -2.74 14.67
CA LYS D 308 -17.59 -3.00 16.10
C LYS D 308 -18.17 -1.85 16.90
N ALA D 309 -17.79 -0.62 16.55
CA ALA D 309 -18.24 0.51 17.35
C ALA D 309 -19.75 0.59 17.34
N ILE D 310 -20.35 0.30 16.18
CA ILE D 310 -21.79 0.42 16.01
C ILE D 310 -22.44 -0.67 16.82
N ILE D 311 -21.86 -1.86 16.76
CA ILE D 311 -22.39 -2.98 17.52
C ILE D 311 -22.32 -2.63 18.99
N TYR D 312 -21.20 -2.04 19.42
CA TYR D 312 -21.03 -1.73 20.85
C TYR D 312 -22.02 -0.71 21.36
N GLN D 313 -22.31 0.31 20.53
CA GLN D 313 -23.32 1.30 20.86
C GLN D 313 -24.70 0.68 21.00
N TYR D 314 -25.05 -0.29 20.16
CA TYR D 314 -26.33 -0.97 20.32
C TYR D 314 -26.48 -1.79 21.60
N MET D 315 -25.40 -2.48 21.97
CA MET D 315 -25.34 -3.20 23.23
C MET D 315 -25.60 -2.24 24.40
N GLU D 316 -25.02 -1.04 24.31
CA GLU D 316 -25.16 -0.05 25.37
C GLU D 316 -26.57 0.51 25.42
N GLU D 317 -27.16 0.71 24.25
CA GLU D 317 -28.59 1.02 24.12
C GLU D 317 -29.42 -0.04 24.87
N ILE D 318 -29.09 -1.32 24.71
CA ILE D 318 -29.81 -2.37 25.44
C ILE D 318 -29.50 -2.36 26.93
N TYR D 319 -28.22 -2.28 27.29
CA TYR D 319 -27.77 -2.31 28.69
C TYR D 319 -28.51 -1.27 29.53
N HIS D 320 -28.67 -0.08 28.97
CA HIS D 320 -29.25 1.07 29.64
C HIS D 320 -30.75 0.90 29.91
N ARG D 321 -31.42 0.01 29.19
CA ARG D 321 -32.86 -0.15 29.34
C ARG D 321 -33.26 -1.40 30.12
N ILE D 322 -32.28 -2.16 30.59
CA ILE D 322 -32.52 -3.39 31.36
C ILE D 322 -33.23 -3.05 32.67
N PRO D 323 -34.48 -3.49 32.85
CA PRO D 323 -35.15 -3.24 34.14
C PRO D 323 -34.57 -4.14 35.21
N ASP D 324 -34.35 -3.62 36.41
CA ASP D 324 -33.82 -4.43 37.52
C ASP D 324 -34.62 -5.68 37.82
N SER D 325 -35.94 -5.56 37.82
CA SER D 325 -36.82 -6.68 38.16
C SER D 325 -37.04 -7.68 37.01
N ASP D 326 -36.53 -7.38 35.82
CA ASP D 326 -36.61 -8.29 34.68
C ASP D 326 -35.93 -9.63 34.98
N PRO D 327 -36.65 -10.74 34.79
CA PRO D 327 -36.21 -12.11 35.03
C PRO D 327 -34.85 -12.44 34.42
N SER D 328 -34.50 -11.83 33.30
CA SER D 328 -33.27 -12.19 32.60
C SER D 328 -32.19 -11.14 32.79
N SER D 329 -32.44 -10.16 33.66
CA SER D 329 -31.55 -9.00 33.75
C SER D 329 -30.08 -9.40 33.95
N SER D 330 -29.79 -10.27 34.91
CA SER D 330 -28.40 -10.65 35.15
C SER D 330 -27.76 -11.35 33.95
N LYS D 331 -28.53 -12.19 33.27
CA LYS D 331 -28.09 -12.88 32.06
C LYS D 331 -27.79 -11.91 30.92
N THR D 332 -28.62 -10.88 30.78
CA THR D 332 -28.46 -9.86 29.75
C THR D 332 -27.25 -9.01 30.07
N ARG D 333 -27.09 -8.67 31.34
CA ARG D 333 -25.91 -7.96 31.80
C ARG D 333 -24.64 -8.79 31.57
N GLN D 334 -24.73 -10.10 31.80
CA GLN D 334 -23.56 -10.95 31.65
C GLN D 334 -23.17 -11.06 30.19
N ILE D 335 -24.13 -11.28 29.31
CA ILE D 335 -23.77 -11.39 27.90
C ILE D 335 -23.19 -10.09 27.37
N ILE D 336 -23.80 -8.97 27.73
CA ILE D 336 -23.33 -7.69 27.23
C ILE D 336 -21.94 -7.42 27.77
N SER D 337 -21.69 -7.90 28.98
CA SER D 337 -20.38 -7.70 29.60
C SER D 337 -19.32 -8.62 28.99
N THR D 338 -19.75 -9.74 28.42
CA THR D 338 -18.83 -10.63 27.74
C THR D 338 -18.44 -9.97 26.42
N ILE D 339 -19.44 -9.55 25.65
CA ILE D 339 -19.25 -8.76 24.44
C ILE D 339 -18.31 -7.56 24.58
N ARG D 340 -18.44 -6.80 25.68
CA ARG D 340 -17.56 -5.66 25.93
C ARG D 340 -16.11 -6.03 26.22
N THR D 341 -15.88 -7.23 26.72
CA THR D 341 -14.55 -7.56 27.21
C THR D 341 -13.75 -8.48 26.29
N GLN D 342 -14.44 -9.28 25.48
CA GLN D 342 -13.78 -10.22 24.57
C GLN D 342 -12.81 -9.54 23.62
N SER E 10 0.52 31.70 -0.52
CA SER E 10 0.31 32.73 -1.60
C SER E 10 -0.97 33.53 -1.38
N SER E 11 -0.85 34.86 -1.36
CA SER E 11 -2.04 35.72 -1.34
C SER E 11 -2.88 35.45 -2.60
N SER E 12 -2.21 35.37 -3.74
CA SER E 12 -2.81 34.92 -4.99
C SER E 12 -3.60 33.60 -4.88
N LEU E 13 -2.97 32.58 -4.31
CA LEU E 13 -3.61 31.26 -4.24
C LEU E 13 -4.72 31.24 -3.19
N LYS E 14 -4.45 31.89 -2.05
CA LYS E 14 -5.43 32.04 -1.00
C LYS E 14 -6.73 32.63 -1.55
N THR E 15 -6.59 33.66 -2.37
CA THR E 15 -7.73 34.35 -2.97
C THR E 15 -8.50 33.40 -3.87
N CYS E 16 -7.80 32.55 -4.60
CA CYS E 16 -8.48 31.56 -5.43
C CYS E 16 -9.37 30.64 -4.60
N TYR E 17 -8.83 30.14 -3.49
CA TYR E 17 -9.58 29.19 -2.66
C TYR E 17 -10.75 29.89 -1.96
N LYS E 18 -10.58 31.16 -1.65
CA LYS E 18 -11.69 31.99 -1.21
C LYS E 18 -12.74 32.03 -2.32
N TYR E 19 -12.33 32.40 -3.52
CA TYR E 19 -13.27 32.39 -4.64
C TYR E 19 -13.98 31.06 -4.77
N LEU E 20 -13.24 29.96 -4.61
CA LEU E 20 -13.79 28.62 -4.75
C LEU E 20 -14.95 28.44 -3.78
N ASN E 21 -14.74 28.84 -2.53
CA ASN E 21 -15.73 28.68 -1.50
C ASN E 21 -17.01 29.51 -1.64
N GLN E 22 -16.88 30.73 -2.15
CA GLN E 22 -18.04 31.60 -2.36
C GLN E 22 -18.89 31.07 -3.49
N THR E 23 -18.22 30.47 -4.47
CA THR E 23 -18.86 30.17 -5.74
C THR E 23 -19.32 28.72 -5.88
N SER E 24 -18.85 27.85 -5.01
CA SER E 24 -19.21 26.43 -5.08
C SER E 24 -19.71 25.88 -3.74
N ARG E 25 -21.02 25.62 -3.64
CA ARG E 25 -21.55 24.95 -2.46
C ARG E 25 -21.39 23.44 -2.58
N SER E 26 -21.49 22.92 -3.80
CA SER E 26 -21.39 21.49 -4.04
C SER E 26 -19.97 20.91 -3.91
N PHE E 27 -18.98 21.62 -4.43
CA PHE E 27 -17.69 20.98 -4.68
C PHE E 27 -16.52 21.51 -3.85
N ALA E 28 -16.66 22.69 -3.23
CA ALA E 28 -15.51 23.30 -2.56
C ALA E 28 -14.78 22.35 -1.60
N ALA E 29 -15.54 21.74 -0.71
CA ALA E 29 -15.00 20.83 0.29
C ALA E 29 -14.29 19.62 -0.32
N VAL E 30 -14.93 18.92 -1.25
CA VAL E 30 -14.32 17.75 -1.87
C VAL E 30 -13.11 18.08 -2.76
N ILE E 31 -13.10 19.26 -3.37
CA ILE E 31 -11.96 19.72 -4.18
C ILE E 31 -10.77 19.97 -3.28
N GLN E 32 -11.01 20.71 -2.20
CA GLN E 32 -10.00 21.01 -1.21
C GLN E 32 -9.47 19.75 -0.50
N ALA E 33 -10.22 18.67 -0.62
CA ALA E 33 -9.84 17.38 -0.04
C ALA E 33 -8.99 16.53 -1.00
N LEU E 34 -8.82 16.97 -2.23
CA LEU E 34 -8.06 16.19 -3.22
C LEU E 34 -6.58 16.09 -2.84
N ASP E 35 -5.95 14.94 -3.03
CA ASP E 35 -4.53 14.79 -2.69
C ASP E 35 -3.65 15.67 -3.57
N GLY E 36 -2.61 16.24 -2.95
CA GLY E 36 -1.43 16.74 -3.64
C GLY E 36 -1.72 17.64 -4.81
N GLU E 37 -1.04 17.36 -5.92
CA GLU E 37 -1.10 18.16 -7.14
C GLU E 37 -2.51 18.49 -7.60
N MET E 38 -3.41 17.51 -7.54
CA MET E 38 -4.77 17.64 -8.08
C MET E 38 -5.55 18.82 -7.50
N ARG E 39 -5.24 19.17 -6.26
CA ARG E 39 -5.97 20.18 -5.50
C ARG E 39 -5.99 21.50 -6.25
N ASN E 40 -4.83 22.14 -6.41
CA ASN E 40 -4.74 23.41 -7.11
C ASN E 40 -5.29 23.26 -8.53
N ALA E 41 -4.97 22.14 -9.18
CA ALA E 41 -5.39 21.93 -10.56
C ALA E 41 -6.91 21.96 -10.72
N VAL E 42 -7.63 21.14 -9.95
CA VAL E 42 -9.09 21.18 -9.98
C VAL E 42 -9.63 22.53 -9.48
N CYS E 43 -9.06 23.07 -8.40
CA CYS E 43 -9.48 24.39 -7.93
C CYS E 43 -9.53 25.43 -9.04
N ILE E 44 -8.48 25.50 -9.86
CA ILE E 44 -8.37 26.52 -10.89
C ILE E 44 -9.31 26.19 -12.06
N PHE E 45 -9.32 24.93 -12.46
CA PHE E 45 -10.20 24.47 -13.52
C PHE E 45 -11.64 24.87 -13.19
N TYR E 46 -12.05 24.64 -11.93
CA TYR E 46 -13.39 25.02 -11.49
C TYR E 46 -13.64 26.51 -11.65
N LEU E 47 -12.67 27.31 -11.22
CA LEU E 47 -12.82 28.76 -11.24
C LEU E 47 -12.84 29.28 -12.67
N VAL E 48 -11.95 28.73 -13.48
CA VAL E 48 -11.90 29.10 -14.89
C VAL E 48 -13.27 28.82 -15.50
N LEU E 49 -13.78 27.59 -15.37
CA LEU E 49 -15.11 27.26 -15.89
C LEU E 49 -16.20 28.16 -15.31
N ARG E 50 -16.06 28.46 -14.01
CA ARG E 50 -17.03 29.31 -13.33
C ARG E 50 -17.05 30.70 -13.95
N ALA E 51 -15.87 31.26 -14.22
CA ALA E 51 -15.77 32.57 -14.85
C ALA E 51 -16.43 32.51 -16.20
N LEU E 52 -16.09 31.49 -16.98
CA LEU E 52 -16.71 31.26 -18.29
C LEU E 52 -18.24 31.23 -18.21
N ASP E 53 -18.80 30.43 -17.32
CA ASP E 53 -20.26 30.39 -17.17
C ASP E 53 -20.89 31.68 -16.68
N THR E 54 -20.15 32.46 -15.90
CA THR E 54 -20.66 33.77 -15.46
C THR E 54 -20.79 34.72 -16.66
N LEU E 55 -19.98 34.48 -17.68
CA LEU E 55 -20.02 35.24 -18.92
C LEU E 55 -21.20 34.77 -19.75
N GLU E 56 -21.31 33.46 -19.94
CA GLU E 56 -22.39 32.85 -20.71
C GLU E 56 -23.79 33.20 -20.18
N ASP E 57 -23.92 33.33 -18.88
CA ASP E 57 -25.20 33.57 -18.22
C ASP E 57 -25.70 35.00 -18.31
N ASP E 58 -24.77 35.96 -18.32
CA ASP E 58 -25.12 37.36 -18.12
C ASP E 58 -25.91 37.91 -19.31
N MET E 59 -27.21 38.07 -19.14
CA MET E 59 -28.09 38.52 -20.22
C MET E 59 -27.95 40.02 -20.52
N THR E 60 -27.36 40.74 -19.57
CA THR E 60 -27.00 42.15 -19.70
C THR E 60 -25.95 42.40 -20.79
N ILE E 61 -25.23 41.35 -21.16
CA ILE E 61 -24.20 41.42 -22.19
C ILE E 61 -24.77 41.20 -23.59
N SER E 62 -24.48 42.12 -24.50
CA SER E 62 -24.82 41.99 -25.91
C SER E 62 -24.23 40.72 -26.54
N VAL E 63 -25.07 40.03 -27.32
CA VAL E 63 -24.68 38.84 -28.08
C VAL E 63 -23.43 39.04 -28.94
N GLU E 64 -23.34 40.18 -29.60
CA GLU E 64 -22.16 40.52 -30.41
C GLU E 64 -20.89 40.66 -29.57
N LYS E 65 -21.02 41.17 -28.36
CA LYS E 65 -19.91 41.18 -27.42
C LYS E 65 -19.60 39.76 -26.92
N LYS E 66 -20.64 38.98 -26.68
CA LYS E 66 -20.55 37.73 -25.92
C LYS E 66 -19.90 36.59 -26.70
N VAL E 67 -20.29 36.43 -27.96
CA VAL E 67 -19.80 35.30 -28.77
C VAL E 67 -18.27 35.24 -28.89
N PRO E 68 -17.63 36.37 -29.23
CA PRO E 68 -16.17 36.34 -29.22
C PRO E 68 -15.57 36.10 -27.84
N LEU E 69 -16.18 36.65 -26.80
CA LEU E 69 -15.62 36.50 -25.45
C LEU E 69 -15.60 35.04 -25.00
N LEU E 70 -16.65 34.29 -25.26
CA LEU E 70 -16.53 32.89 -24.92
C LEU E 70 -15.78 32.03 -25.94
N HIS E 71 -15.69 32.49 -27.19
CA HIS E 71 -14.80 31.86 -28.15
C HIS E 71 -13.34 32.10 -27.76
N ASN E 72 -13.06 33.26 -27.16
CA ASN E 72 -11.67 33.61 -26.90
C ASN E 72 -11.24 33.44 -25.45
N PHE E 73 -12.18 33.02 -24.60
CA PHE E 73 -11.92 32.97 -23.17
C PHE E 73 -10.68 32.14 -22.87
N HIS E 74 -10.52 31.01 -23.56
CA HIS E 74 -9.39 30.14 -23.29
C HIS E 74 -8.07 30.86 -23.42
N SER E 75 -8.02 31.87 -24.29
CA SER E 75 -6.78 32.59 -24.51
C SER E 75 -6.43 33.61 -23.41
N PHE E 76 -7.43 34.13 -22.71
CA PHE E 76 -7.23 35.11 -21.64
C PHE E 76 -6.38 34.59 -20.48
N LEU E 77 -6.45 33.28 -20.26
CA LEU E 77 -5.63 32.55 -19.31
C LEU E 77 -4.17 32.91 -19.44
N TYR E 78 -3.71 33.14 -20.66
CA TYR E 78 -2.33 33.48 -20.92
C TYR E 78 -2.02 34.98 -20.87
N GLN E 79 -3.09 35.78 -20.80
CA GLN E 79 -3.00 37.24 -20.84
C GLN E 79 -3.11 37.83 -19.43
N PRO E 80 -1.96 38.20 -18.84
CA PRO E 80 -1.94 38.51 -17.41
C PRO E 80 -2.92 39.60 -16.96
N ASP E 81 -3.18 40.59 -17.82
CA ASP E 81 -4.01 41.74 -17.47
C ASP E 81 -5.51 41.58 -17.72
N TRP E 82 -5.91 40.55 -18.46
CA TRP E 82 -7.30 40.43 -18.86
C TRP E 82 -8.31 40.37 -17.71
N ARG E 83 -9.37 41.16 -17.83
CA ARG E 83 -10.46 41.17 -16.87
C ARG E 83 -11.75 41.61 -17.58
N PHE E 84 -12.89 41.20 -17.05
CA PHE E 84 -14.15 41.70 -17.58
C PHE E 84 -14.91 42.47 -16.50
N MET E 85 -14.98 43.79 -16.68
CA MET E 85 -15.51 44.68 -15.65
C MET E 85 -17.00 45.02 -15.76
N GLU E 86 -17.74 44.34 -16.62
CA GLU E 86 -19.13 44.74 -16.89
C GLU E 86 -20.19 43.74 -16.43
N SER E 87 -19.81 42.75 -15.65
CA SER E 87 -20.77 41.72 -15.23
C SER E 87 -21.75 42.20 -14.17
N LYS E 88 -22.95 41.62 -14.20
CA LYS E 88 -24.02 41.95 -13.24
C LYS E 88 -24.48 40.71 -12.48
N GLU E 89 -23.84 39.56 -12.75
CA GLU E 89 -24.19 38.31 -12.09
C GLU E 89 -23.52 38.24 -10.72
N LYS E 90 -24.13 37.49 -9.80
CA LYS E 90 -23.63 37.39 -8.43
C LYS E 90 -22.14 37.05 -8.35
N ASP E 91 -21.65 36.26 -9.30
CA ASP E 91 -20.28 35.79 -9.30
C ASP E 91 -19.32 36.68 -10.09
N ARG E 92 -19.77 37.89 -10.42
CA ARG E 92 -18.97 38.90 -11.12
C ARG E 92 -17.51 38.98 -10.69
N GLN E 93 -17.24 38.67 -9.43
CA GLN E 93 -15.93 38.87 -8.83
C GLN E 93 -14.85 37.97 -9.47
N VAL E 94 -15.24 36.87 -10.11
CA VAL E 94 -14.24 36.03 -10.77
C VAL E 94 -13.80 36.59 -12.11
N LEU E 95 -14.66 37.38 -12.74
CA LEU E 95 -14.33 38.07 -13.98
C LEU E 95 -13.60 39.37 -13.68
N GLU E 96 -14.02 40.05 -12.62
CA GLU E 96 -13.41 41.31 -12.20
C GLU E 96 -11.97 41.08 -11.78
N ASP E 97 -11.73 39.97 -11.08
CA ASP E 97 -10.41 39.63 -10.59
C ASP E 97 -9.80 38.44 -11.31
N PHE E 98 -10.15 38.26 -12.58
CA PHE E 98 -9.57 37.18 -13.37
C PHE E 98 -8.03 37.09 -13.39
N PRO E 99 -7.31 38.23 -13.35
CA PRO E 99 -5.85 38.14 -13.26
C PRO E 99 -5.31 37.25 -12.12
N THR E 100 -6.00 37.24 -10.99
CA THR E 100 -5.63 36.38 -9.87
C THR E 100 -5.75 34.90 -10.27
N ILE E 101 -6.88 34.56 -10.87
CA ILE E 101 -7.14 33.22 -11.38
C ILE E 101 -6.15 32.82 -12.48
N SER E 102 -6.02 33.65 -13.51
CA SER E 102 -5.13 33.32 -14.63
C SER E 102 -3.68 33.20 -14.16
N LEU E 103 -3.29 34.06 -13.21
CA LEU E 103 -1.94 33.94 -12.68
C LEU E 103 -1.69 32.57 -12.07
N GLU E 104 -2.62 32.08 -11.24
CA GLU E 104 -2.44 30.75 -10.64
C GLU E 104 -2.57 29.61 -11.66
N PHE E 105 -3.32 29.85 -12.73
CA PHE E 105 -3.36 28.87 -13.81
C PHE E 105 -1.98 28.73 -14.46
N ARG E 106 -1.32 29.86 -14.70
CA ARG E 106 0.01 29.88 -15.31
C ARG E 106 1.09 29.35 -14.35
N ASN E 107 0.77 29.23 -13.06
CA ASN E 107 1.64 28.64 -12.06
C ASN E 107 1.50 27.14 -11.96
N LEU E 108 0.43 26.65 -12.57
CA LEU E 108 0.13 25.24 -12.61
C LEU E 108 1.15 24.58 -13.54
N ALA E 109 1.41 23.30 -13.31
CA ALA E 109 2.29 22.55 -14.19
C ALA E 109 1.73 22.56 -15.62
N GLU E 110 2.65 22.62 -16.57
CA GLU E 110 2.25 22.70 -17.97
C GLU E 110 1.18 21.69 -18.39
N LYS E 111 1.35 20.44 -17.97
CA LYS E 111 0.45 19.36 -18.33
C LYS E 111 -1.02 19.65 -17.93
N TYR E 112 -1.22 20.39 -16.85
CA TYR E 112 -2.56 20.77 -16.41
C TYR E 112 -3.10 21.99 -17.16
N GLN E 113 -2.25 22.98 -17.42
CA GLN E 113 -2.59 24.13 -18.25
C GLN E 113 -3.14 23.69 -19.61
N THR E 114 -2.40 22.83 -20.31
CA THR E 114 -2.84 22.20 -21.56
C THR E 114 -4.27 21.67 -21.46
N VAL E 115 -4.56 20.89 -20.43
CA VAL E 115 -5.88 20.31 -20.28
C VAL E 115 -6.97 21.36 -20.08
N ILE E 116 -6.77 22.23 -19.10
CA ILE E 116 -7.70 23.31 -18.82
C ILE E 116 -7.96 24.25 -20.00
N ALA E 117 -6.91 24.66 -20.68
CA ALA E 117 -7.06 25.57 -21.83
C ALA E 117 -7.82 24.88 -22.94
N ASP E 118 -7.49 23.62 -23.19
CA ASP E 118 -8.13 22.87 -24.26
C ASP E 118 -9.63 22.74 -24.05
N ILE E 119 -10.02 22.28 -22.87
CA ILE E 119 -11.43 22.11 -22.53
C ILE E 119 -12.17 23.44 -22.59
N CYS E 120 -11.57 24.46 -21.99
CA CYS E 120 -12.16 25.78 -21.95
C CYS E 120 -12.34 26.32 -23.37
N ARG E 121 -11.44 25.97 -24.28
CA ARG E 121 -11.60 26.38 -25.68
C ARG E 121 -12.79 25.68 -26.32
N ARG E 122 -12.91 24.38 -26.10
CA ARG E 122 -14.01 23.63 -26.72
C ARG E 122 -15.36 23.96 -26.10
N MET E 123 -15.39 24.23 -24.78
CA MET E 123 -16.63 24.56 -24.10
C MET E 123 -17.20 25.85 -24.65
N GLY E 124 -16.31 26.82 -24.87
CA GLY E 124 -16.69 28.12 -25.39
C GLY E 124 -17.36 28.03 -26.75
N ILE E 125 -16.88 27.12 -27.59
CA ILE E 125 -17.44 26.91 -28.91
C ILE E 125 -18.86 26.37 -28.80
N GLY E 126 -19.08 25.46 -27.86
CA GLY E 126 -20.40 24.83 -27.75
C GLY E 126 -21.39 25.77 -27.11
N MET E 127 -20.89 26.57 -26.15
CA MET E 127 -21.69 27.54 -25.43
C MET E 127 -22.21 28.60 -26.40
N ALA E 128 -21.30 29.16 -27.20
CA ALA E 128 -21.67 30.08 -28.27
C ALA E 128 -22.69 29.49 -29.26
N GLU E 129 -22.62 28.19 -29.46
CA GLU E 129 -23.48 27.48 -30.41
C GLU E 129 -24.88 27.34 -29.82
N PHE E 130 -24.96 27.16 -28.49
CA PHE E 130 -26.27 27.04 -27.87
C PHE E 130 -26.82 28.28 -27.20
N LEU E 131 -26.28 29.45 -27.54
CA LEU E 131 -26.74 30.68 -26.92
C LEU E 131 -28.24 30.96 -27.14
N ASP E 132 -28.62 31.19 -28.39
CA ASP E 132 -30.01 31.47 -28.71
C ASP E 132 -30.88 30.20 -28.67
N LYS E 133 -30.62 29.27 -29.58
CA LYS E 133 -31.45 28.09 -29.80
C LYS E 133 -31.57 27.15 -28.59
N HIS E 134 -32.75 26.56 -28.45
CA HIS E 134 -32.97 25.51 -27.46
C HIS E 134 -32.64 24.14 -28.04
N VAL E 135 -32.80 23.12 -27.20
CA VAL E 135 -32.51 21.74 -27.56
C VAL E 135 -33.60 21.13 -28.44
N THR E 136 -33.16 20.45 -29.49
CA THR E 136 -34.06 19.95 -30.53
C THR E 136 -34.26 18.43 -30.42
N SER E 137 -33.43 17.65 -31.10
CA SER E 137 -33.44 16.18 -31.01
C SER E 137 -32.83 15.70 -29.69
N GLU E 138 -32.90 14.39 -29.48
CA GLU E 138 -32.15 13.73 -28.39
C GLU E 138 -30.64 13.80 -28.61
N GLN E 139 -30.20 13.65 -29.86
CA GLN E 139 -28.78 13.76 -30.21
C GLN E 139 -28.23 15.13 -29.88
N GLU E 140 -29.06 16.16 -30.05
CA GLU E 140 -28.66 17.53 -29.77
C GLU E 140 -28.63 17.77 -28.25
N TRP E 141 -29.51 17.07 -27.54
CA TRP E 141 -29.44 17.02 -26.08
C TRP E 141 -28.13 16.44 -25.56
N ASP E 142 -27.63 15.37 -26.20
CA ASP E 142 -26.33 14.82 -25.83
C ASP E 142 -25.23 15.82 -26.14
N LYS E 143 -25.40 16.55 -27.25
CA LYS E 143 -24.38 17.51 -27.68
C LYS E 143 -24.28 18.70 -26.73
N TYR E 144 -25.42 19.23 -26.30
CA TYR E 144 -25.45 20.32 -25.32
C TYR E 144 -24.85 19.90 -23.98
N CYS E 145 -25.31 18.77 -23.44
CA CYS E 145 -24.77 18.26 -22.19
C CYS E 145 -23.26 17.96 -22.30
N HIS E 146 -22.84 17.49 -23.47
CA HIS E 146 -21.44 17.21 -23.73
C HIS E 146 -20.64 18.48 -23.52
N TYR E 147 -21.08 19.55 -24.16
CA TYR E 147 -20.37 20.83 -24.13
C TYR E 147 -20.32 21.47 -22.74
N VAL E 148 -21.38 21.36 -21.94
CA VAL E 148 -21.42 22.04 -20.67
C VAL E 148 -21.05 21.13 -19.50
N ALA E 149 -21.06 19.83 -19.75
CA ALA E 149 -20.89 18.84 -18.70
C ALA E 149 -19.95 17.66 -19.02
N GLY E 150 -20.09 17.07 -20.21
CA GLY E 150 -19.23 15.95 -20.62
C GLY E 150 -17.77 16.38 -20.63
N LEU E 151 -17.52 17.56 -21.20
CA LEU E 151 -16.18 18.13 -21.33
C LEU E 151 -15.54 18.38 -19.98
N VAL E 152 -16.34 18.81 -19.00
CA VAL E 152 -15.86 18.90 -17.62
C VAL E 152 -15.37 17.55 -17.09
N GLY E 153 -16.10 16.49 -17.41
CA GLY E 153 -15.85 15.17 -16.87
C GLY E 153 -14.57 14.68 -17.51
N ILE E 154 -14.50 14.90 -18.82
CA ILE E 154 -13.30 14.61 -19.59
C ILE E 154 -12.07 15.40 -19.12
N GLY E 155 -12.21 16.72 -18.97
CA GLY E 155 -11.14 17.54 -18.43
C GLY E 155 -10.67 17.02 -17.08
N LEU E 156 -11.61 16.71 -16.17
CA LEU E 156 -11.22 16.17 -14.87
C LEU E 156 -10.45 14.87 -14.99
N SER E 157 -10.96 13.93 -15.78
CA SER E 157 -10.29 12.65 -15.96
C SER E 157 -8.87 12.87 -16.45
N ARG E 158 -8.70 13.81 -17.38
CA ARG E 158 -7.36 14.08 -17.93
C ARG E 158 -6.46 14.68 -16.87
N LEU E 159 -6.99 15.55 -15.99
CA LEU E 159 -6.20 16.02 -14.84
C LEU E 159 -5.83 14.88 -13.88
N PHE E 160 -6.79 14.02 -13.55
CA PHE E 160 -6.53 12.89 -12.66
C PHE E 160 -5.40 12.01 -13.17
N SER E 161 -5.44 11.65 -14.45
CA SER E 161 -4.38 10.84 -15.04
C SER E 161 -3.04 11.55 -15.12
N ALA E 162 -3.07 12.86 -15.40
CA ALA E 162 -1.83 13.61 -15.55
C ALA E 162 -1.13 13.70 -14.21
N SER E 163 -1.90 13.67 -13.11
CA SER E 163 -1.32 13.75 -11.78
C SER E 163 -0.65 12.45 -11.39
N GLU E 164 -0.93 11.36 -12.10
CA GLU E 164 -0.50 10.00 -11.73
C GLU E 164 -1.25 9.35 -10.56
N PHE E 165 -2.24 10.06 -10.03
CA PHE E 165 -3.04 9.54 -8.92
C PHE E 165 -4.06 8.52 -9.40
N GLU E 166 -4.45 8.62 -10.65
CA GLU E 166 -5.33 7.63 -11.25
C GLU E 166 -4.65 7.06 -12.49
N ASP E 167 -5.13 5.89 -12.94
CA ASP E 167 -4.56 5.16 -14.05
C ASP E 167 -4.62 5.98 -15.35
N PRO E 168 -3.71 5.72 -16.30
CA PRO E 168 -3.78 6.37 -17.61
C PRO E 168 -5.09 6.18 -18.34
N LEU E 169 -5.73 5.02 -18.15
CA LEU E 169 -7.03 4.70 -18.73
C LEU E 169 -8.11 5.71 -18.37
N VAL E 170 -8.03 6.32 -17.20
CA VAL E 170 -9.13 7.20 -16.79
C VAL E 170 -9.17 8.40 -17.75
N GLY E 171 -8.03 9.03 -18.00
CA GLY E 171 -7.93 10.11 -18.97
C GLY E 171 -8.23 9.66 -20.40
N GLU E 172 -7.84 8.45 -20.78
CA GLU E 172 -8.01 8.04 -22.17
C GLU E 172 -9.44 7.67 -22.51
N ASP E 173 -10.18 7.12 -21.55
CA ASP E 173 -11.53 6.67 -21.86
C ASP E 173 -12.52 7.82 -21.81
N THR E 174 -12.53 8.53 -22.92
CA THR E 174 -13.34 9.73 -23.14
C THR E 174 -14.86 9.51 -23.13
N GLU E 175 -15.34 8.38 -23.63
CA GLU E 175 -16.79 8.13 -23.59
C GLU E 175 -17.29 7.95 -22.16
N ARG E 176 -16.52 7.24 -21.34
CA ARG E 176 -16.90 7.02 -19.94
C ARG E 176 -16.93 8.34 -19.16
N ALA E 177 -15.87 9.14 -19.28
CA ALA E 177 -15.84 10.43 -18.61
C ALA E 177 -17.02 11.27 -19.10
N ASN E 178 -17.31 11.19 -20.38
CA ASN E 178 -18.43 11.95 -20.95
C ASN E 178 -19.79 11.63 -20.34
N SER E 179 -20.17 10.35 -20.35
CA SER E 179 -21.46 9.89 -19.83
C SER E 179 -21.59 10.34 -18.38
N MET E 180 -20.45 10.39 -17.72
CA MET E 180 -20.44 10.77 -16.31
C MET E 180 -21.00 12.18 -16.12
N GLY E 181 -20.64 13.08 -17.04
CA GLY E 181 -21.10 14.46 -17.08
C GLY E 181 -22.52 14.54 -17.61
N LEU E 182 -22.82 13.73 -18.63
CA LEU E 182 -24.18 13.73 -19.17
C LEU E 182 -25.16 13.27 -18.12
N PHE E 183 -24.75 12.27 -17.35
CA PHE E 183 -25.59 11.83 -16.25
C PHE E 183 -25.99 12.90 -15.25
N LEU E 184 -25.03 13.71 -14.77
CA LEU E 184 -25.37 14.81 -13.87
C LEU E 184 -26.23 15.85 -14.59
N GLN E 185 -25.82 16.25 -15.78
CA GLN E 185 -26.46 17.36 -16.47
C GLN E 185 -27.91 17.09 -16.84
N LYS E 186 -28.18 15.92 -17.41
CA LYS E 186 -29.56 15.51 -17.68
C LYS E 186 -30.40 15.48 -16.41
N THR E 187 -29.83 14.91 -15.36
CA THR E 187 -30.52 14.85 -14.07
C THR E 187 -30.94 16.25 -13.65
N ASN E 188 -29.98 17.17 -13.55
CA ASN E 188 -30.28 18.55 -13.13
C ASN E 188 -31.36 19.16 -14.00
N ILE E 189 -31.21 19.01 -15.31
CA ILE E 189 -32.18 19.52 -16.28
C ILE E 189 -33.57 18.95 -16.01
N ILE E 190 -33.66 17.63 -15.85
CA ILE E 190 -34.94 16.99 -15.59
C ILE E 190 -35.53 17.57 -14.32
N ARG E 191 -34.69 17.68 -13.28
CA ARG E 191 -35.10 18.21 -11.98
C ARG E 191 -35.54 19.66 -12.05
N ASP E 192 -34.67 20.53 -12.55
CA ASP E 192 -34.89 21.97 -12.48
C ASP E 192 -35.93 22.48 -13.48
N TYR E 193 -36.80 21.58 -13.97
CA TYR E 193 -37.76 21.96 -15.00
C TYR E 193 -38.45 23.28 -14.73
N LEU E 194 -39.11 23.39 -13.59
CA LEU E 194 -39.92 24.58 -13.29
C LEU E 194 -39.03 25.79 -13.05
N GLU E 195 -37.89 25.58 -12.40
CA GLU E 195 -36.93 26.65 -12.19
C GLU E 195 -36.57 27.25 -13.56
N ASP E 196 -36.15 26.39 -14.49
CA ASP E 196 -35.92 26.74 -15.88
C ASP E 196 -37.01 27.63 -16.47
N GLN E 197 -38.25 27.13 -16.48
CA GLN E 197 -39.37 27.78 -17.15
C GLN E 197 -39.67 29.20 -16.68
N GLN E 198 -39.84 29.38 -15.38
CA GLN E 198 -40.07 30.70 -14.79
C GLN E 198 -38.94 31.65 -15.17
N GLY E 199 -37.71 31.14 -15.12
CA GLY E 199 -36.55 31.88 -15.55
C GLY E 199 -36.51 32.14 -17.04
N GLY E 200 -37.32 31.42 -17.79
CA GLY E 200 -37.38 31.57 -19.25
C GLY E 200 -36.36 30.70 -19.96
N ARG E 201 -36.15 29.51 -19.42
CA ARG E 201 -35.19 28.55 -19.96
C ARG E 201 -35.91 27.28 -20.39
N GLU E 202 -35.51 26.75 -21.55
CA GLU E 202 -36.07 25.51 -22.07
C GLU E 202 -34.93 24.58 -22.48
N PHE E 203 -34.70 23.59 -21.64
CA PHE E 203 -33.58 22.68 -21.84
C PHE E 203 -34.07 21.31 -22.27
N TRP E 204 -35.33 21.01 -21.97
CA TRP E 204 -35.93 19.74 -22.34
C TRP E 204 -36.01 19.61 -23.86
N PRO E 205 -35.58 18.46 -24.39
CA PRO E 205 -35.54 18.27 -25.84
C PRO E 205 -36.91 18.33 -26.52
N GLN E 206 -37.03 19.24 -27.48
CA GLN E 206 -38.18 19.42 -28.37
C GLN E 206 -38.85 18.14 -28.83
N GLU E 207 -38.05 17.28 -29.48
CA GLU E 207 -38.55 16.11 -30.18
C GLU E 207 -39.23 15.10 -29.26
N VAL E 208 -39.07 15.30 -27.95
CA VAL E 208 -39.78 14.53 -26.95
C VAL E 208 -41.00 15.29 -26.44
N TRP E 209 -40.78 16.46 -25.84
CA TRP E 209 -41.90 17.16 -25.22
C TRP E 209 -42.99 17.54 -26.23
N SER E 210 -42.62 17.76 -27.48
CA SER E 210 -43.55 18.15 -28.53
C SER E 210 -44.60 17.07 -28.80
N ARG E 211 -44.18 15.81 -28.72
CA ARG E 211 -45.08 14.68 -28.83
C ARG E 211 -46.20 14.70 -27.78
N TYR E 212 -46.01 15.48 -26.72
CA TYR E 212 -46.99 15.55 -25.65
C TYR E 212 -47.87 16.80 -25.70
N VAL E 213 -47.22 17.96 -25.76
CA VAL E 213 -47.89 19.27 -25.67
C VAL E 213 -47.40 20.23 -26.75
N LYS E 214 -48.12 21.33 -26.93
CA LYS E 214 -47.80 22.34 -27.94
C LYS E 214 -46.55 23.16 -27.62
N LYS E 215 -46.53 23.80 -26.45
CA LYS E 215 -45.37 24.53 -25.94
C LYS E 215 -44.79 23.77 -24.75
N LEU E 216 -43.51 23.99 -24.43
CA LEU E 216 -42.92 23.35 -23.26
C LEU E 216 -43.46 23.95 -21.96
N GLY E 217 -43.84 25.22 -22.01
CA GLY E 217 -44.49 25.88 -20.88
C GLY E 217 -45.80 25.24 -20.48
N ASP E 218 -46.35 24.42 -21.36
CA ASP E 218 -47.62 23.72 -21.13
C ASP E 218 -47.61 22.72 -19.99
N PHE E 219 -46.46 22.12 -19.71
CA PHE E 219 -46.34 21.12 -18.65
C PHE E 219 -46.59 21.67 -17.25
N ALA E 220 -46.61 23.00 -17.12
CA ALA E 220 -46.92 23.65 -15.87
C ALA E 220 -48.43 23.69 -15.61
N LYS E 221 -49.22 23.68 -16.68
CA LYS E 221 -50.69 23.75 -16.61
C LYS E 221 -51.27 22.46 -16.02
N PRO E 222 -52.30 22.59 -15.16
CA PRO E 222 -52.74 21.53 -14.25
C PRO E 222 -53.38 20.29 -14.87
N GLU E 223 -54.10 20.43 -15.97
CA GLU E 223 -54.75 19.29 -16.63
C GLU E 223 -53.77 18.38 -17.36
N ASN E 224 -52.66 18.96 -17.82
CA ASN E 224 -51.68 18.24 -18.62
C ASN E 224 -50.71 17.40 -17.79
N ILE E 225 -51.00 17.25 -16.50
CA ILE E 225 -50.14 16.50 -15.58
C ILE E 225 -49.84 15.09 -16.08
N ASP E 226 -50.87 14.36 -16.49
CA ASP E 226 -50.72 13.02 -17.06
C ASP E 226 -49.66 13.02 -18.16
N LEU E 227 -49.80 13.96 -19.09
CA LEU E 227 -48.89 14.07 -20.22
C LEU E 227 -47.47 14.46 -19.79
N ALA E 228 -47.38 15.35 -18.81
CA ALA E 228 -46.10 15.82 -18.30
C ALA E 228 -45.29 14.73 -17.63
N VAL E 229 -45.98 13.88 -16.87
CA VAL E 229 -45.32 12.80 -16.13
C VAL E 229 -44.80 11.73 -17.08
N GLN E 230 -45.60 11.40 -18.10
CA GLN E 230 -45.20 10.47 -19.14
C GLN E 230 -43.89 10.89 -19.80
N CYS E 231 -43.79 12.20 -20.05
CA CYS E 231 -42.62 12.81 -20.69
C CYS E 231 -41.44 12.85 -19.74
N LEU E 232 -41.74 13.09 -18.46
CA LEU E 232 -40.77 13.05 -17.38
C LEU E 232 -40.15 11.67 -17.30
N ASN E 233 -41.01 10.65 -17.31
CA ASN E 233 -40.56 9.27 -17.28
C ASN E 233 -39.68 8.91 -18.47
N GLU E 234 -40.01 9.44 -19.65
CA GLU E 234 -39.27 9.13 -20.86
C GLU E 234 -37.85 9.67 -20.78
N LEU E 235 -37.72 10.91 -20.32
CA LEU E 235 -36.42 11.56 -20.12
C LEU E 235 -35.56 10.86 -19.08
N ILE E 236 -36.17 10.45 -17.97
CA ILE E 236 -35.45 9.73 -16.91
C ILE E 236 -34.95 8.40 -17.46
N THR E 237 -35.80 7.73 -18.22
CA THR E 237 -35.40 6.51 -18.93
C THR E 237 -34.14 6.75 -19.76
N ASN E 238 -34.19 7.68 -20.70
CA ASN E 238 -33.00 8.17 -21.41
C ASN E 238 -31.77 8.37 -20.52
N ALA E 239 -31.94 9.13 -19.43
CA ALA E 239 -30.84 9.48 -18.54
C ALA E 239 -30.23 8.23 -17.95
N LEU E 240 -31.07 7.22 -17.72
CA LEU E 240 -30.65 5.97 -17.09
C LEU E 240 -29.62 5.23 -17.93
N HIS E 241 -29.66 5.45 -19.24
CA HIS E 241 -28.74 4.74 -20.12
C HIS E 241 -27.27 5.02 -19.78
N HIS E 242 -27.00 6.01 -18.93
CA HIS E 242 -25.61 6.39 -18.66
C HIS E 242 -24.98 5.65 -17.49
N ILE E 243 -25.81 4.96 -16.72
CA ILE E 243 -25.40 4.31 -15.48
C ILE E 243 -24.36 3.19 -15.63
N PRO E 244 -24.44 2.35 -16.68
CA PRO E 244 -23.34 1.39 -16.86
C PRO E 244 -21.98 2.09 -17.03
N ASP E 245 -21.94 3.16 -17.83
CA ASP E 245 -20.69 3.94 -17.92
C ASP E 245 -20.23 4.57 -16.59
N VAL E 246 -21.17 5.02 -15.79
CA VAL E 246 -20.87 5.65 -14.51
C VAL E 246 -20.24 4.61 -13.59
N ILE E 247 -20.84 3.44 -13.54
CA ILE E 247 -20.32 2.31 -12.75
C ILE E 247 -18.94 1.94 -13.24
N THR E 248 -18.80 1.78 -14.55
CA THR E 248 -17.51 1.48 -15.14
C THR E 248 -16.46 2.52 -14.81
N TYR E 249 -16.76 3.78 -15.09
CA TYR E 249 -15.88 4.89 -14.70
C TYR E 249 -15.46 4.80 -13.24
N LEU E 250 -16.44 4.76 -12.34
CA LEU E 250 -16.15 4.80 -10.91
C LEU E 250 -15.36 3.58 -10.45
N SER E 251 -15.56 2.45 -11.10
CA SER E 251 -14.87 1.23 -10.69
C SER E 251 -13.39 1.20 -11.11
N ARG E 252 -12.96 2.14 -11.96
CA ARG E 252 -11.54 2.25 -12.31
C ARG E 252 -10.74 3.07 -11.33
N LEU E 253 -11.40 3.83 -10.47
CA LEU E 253 -10.74 4.78 -9.59
C LEU E 253 -10.08 4.08 -8.42
N ARG E 254 -8.87 4.52 -8.07
CA ARG E 254 -8.08 3.91 -7.01
C ARG E 254 -7.71 4.87 -5.89
N ASN E 255 -7.82 6.17 -6.14
CA ASN E 255 -7.45 7.15 -5.12
C ASN E 255 -8.71 7.54 -4.33
N GLN E 256 -8.68 7.40 -3.02
CA GLN E 256 -9.83 7.80 -2.19
C GLN E 256 -10.36 9.23 -2.39
N SER E 257 -9.47 10.22 -2.38
CA SER E 257 -9.77 11.61 -2.74
C SER E 257 -10.66 11.72 -3.97
N VAL E 258 -10.23 11.04 -5.05
CA VAL E 258 -10.83 11.24 -6.36
C VAL E 258 -12.14 10.50 -6.30
N PHE E 259 -12.12 9.35 -5.63
CA PHE E 259 -13.31 8.55 -5.52
C PHE E 259 -14.46 9.29 -4.83
N ASN E 260 -14.22 9.83 -3.64
CA ASN E 260 -15.21 10.66 -2.97
C ASN E 260 -15.69 11.79 -3.86
N PHE E 261 -14.75 12.49 -4.48
CA PHE E 261 -15.07 13.62 -5.35
C PHE E 261 -16.02 13.17 -6.46
N CYS E 262 -15.63 12.12 -7.17
CA CYS E 262 -16.42 11.53 -8.26
C CYS E 262 -17.71 10.81 -7.88
N ALA E 263 -17.68 10.03 -6.79
CA ALA E 263 -18.83 9.18 -6.45
C ALA E 263 -20.06 9.92 -5.95
N ILE E 264 -19.85 10.87 -5.05
CA ILE E 264 -20.95 11.52 -4.37
C ILE E 264 -21.94 12.16 -5.35
N PRO E 265 -21.48 13.08 -6.22
CA PRO E 265 -22.42 13.67 -7.17
C PRO E 265 -23.25 12.65 -7.93
N GLN E 266 -22.62 11.54 -8.32
CA GLN E 266 -23.33 10.50 -9.07
C GLN E 266 -24.43 9.81 -8.29
N VAL E 267 -24.15 9.43 -7.04
CA VAL E 267 -25.13 8.78 -6.17
C VAL E 267 -26.28 9.75 -5.88
N MET E 268 -25.95 11.01 -5.62
CA MET E 268 -26.92 12.10 -5.53
C MET E 268 -27.86 12.10 -6.73
N ALA E 269 -27.29 12.00 -7.94
CA ALA E 269 -28.06 11.99 -9.17
C ALA E 269 -28.98 10.78 -9.27
N ILE E 270 -28.46 9.59 -8.99
CA ILE E 270 -29.31 8.40 -8.96
C ILE E 270 -30.50 8.65 -8.04
N ALA E 271 -30.22 9.17 -6.85
CA ALA E 271 -31.26 9.42 -5.85
C ALA E 271 -32.26 10.48 -6.29
N THR E 272 -31.75 11.50 -6.96
CA THR E 272 -32.58 12.59 -7.46
C THR E 272 -33.50 12.03 -8.53
N LEU E 273 -32.95 11.20 -9.42
CA LEU E 273 -33.74 10.56 -10.47
C LEU E 273 -34.79 9.64 -9.89
N ALA E 274 -34.42 8.90 -8.85
CA ALA E 274 -35.35 7.94 -8.26
C ALA E 274 -36.47 8.62 -7.49
N ALA E 275 -36.20 9.81 -6.96
CA ALA E 275 -37.20 10.59 -6.24
C ALA E 275 -38.13 11.26 -7.24
N CYS E 276 -37.54 11.78 -8.32
CA CYS E 276 -38.30 12.42 -9.38
C CYS E 276 -39.19 11.43 -10.14
N TYR E 277 -38.78 10.17 -10.26
CA TYR E 277 -39.49 9.24 -11.14
C TYR E 277 -40.95 9.00 -10.80
N ASN E 278 -41.82 9.32 -11.76
CA ASN E 278 -43.28 9.28 -11.60
C ASN E 278 -43.77 10.25 -10.53
N ASN E 279 -43.00 11.31 -10.29
CA ASN E 279 -43.36 12.30 -9.29
C ASN E 279 -43.92 13.56 -9.95
N GLN E 280 -45.23 13.76 -9.78
CA GLN E 280 -45.91 14.93 -10.32
C GLN E 280 -45.41 16.24 -9.70
N GLN E 281 -44.86 16.14 -8.49
CA GLN E 281 -44.36 17.31 -7.75
C GLN E 281 -43.21 18.05 -8.41
N VAL E 282 -42.57 17.43 -9.41
CA VAL E 282 -41.50 18.10 -10.13
C VAL E 282 -42.07 19.19 -11.05
N PHE E 283 -43.36 19.07 -11.37
CA PHE E 283 -44.07 20.09 -12.13
C PHE E 283 -44.81 21.10 -11.26
N LYS E 284 -44.58 21.02 -9.95
CA LYS E 284 -45.19 21.91 -8.96
C LYS E 284 -44.16 22.58 -8.04
N GLY E 285 -43.08 21.85 -7.77
CA GLY E 285 -41.99 22.35 -6.92
C GLY E 285 -40.67 21.63 -7.19
N ALA E 286 -39.73 21.76 -6.26
CA ALA E 286 -38.45 21.07 -6.37
C ALA E 286 -38.41 19.88 -5.42
N VAL E 287 -38.15 18.70 -5.98
CA VAL E 287 -38.01 17.48 -5.17
C VAL E 287 -36.65 17.51 -4.47
N LYS E 288 -36.62 17.01 -3.24
CA LYS E 288 -35.36 16.88 -2.50
C LYS E 288 -35.24 15.55 -1.76
N ILE E 289 -34.02 15.01 -1.72
CA ILE E 289 -33.73 13.70 -1.15
C ILE E 289 -33.89 13.64 0.38
N ALA E 294 -33.38 2.34 2.39
CA ALA E 294 -33.57 1.00 2.92
C ALA E 294 -32.26 0.42 3.47
N VAL E 295 -31.40 -0.03 2.57
CA VAL E 295 -30.05 -0.50 2.91
C VAL E 295 -29.04 0.65 2.91
N THR E 296 -29.34 1.67 2.11
CA THR E 296 -28.54 2.89 1.96
C THR E 296 -28.25 3.64 3.26
N LEU E 297 -29.22 3.65 4.18
CA LEU E 297 -29.07 4.32 5.47
C LEU E 297 -27.79 3.93 6.20
N MET E 298 -27.43 2.65 6.12
CA MET E 298 -26.18 2.15 6.72
C MET E 298 -25.08 1.84 5.71
N MET E 299 -24.99 2.63 4.64
CA MET E 299 -23.91 2.53 3.64
C MET E 299 -23.50 3.87 3.02
N ASP E 300 -22.21 4.19 3.08
CA ASP E 300 -21.69 5.39 2.43
C ASP E 300 -21.04 5.10 1.08
N ALA E 301 -21.09 6.10 0.21
CA ALA E 301 -20.52 6.02 -1.13
C ALA E 301 -19.02 6.31 -1.09
N THR E 302 -18.31 5.38 -0.43
CA THR E 302 -16.92 5.56 -0.08
C THR E 302 -16.05 4.35 -0.47
N ASN E 303 -16.72 3.26 -0.83
CA ASN E 303 -16.06 2.14 -1.51
C ASN E 303 -16.91 1.70 -2.72
N MET E 304 -16.27 1.18 -3.75
CA MET E 304 -17.01 0.85 -4.98
C MET E 304 -18.14 -0.14 -4.76
N PRO E 305 -17.92 -1.19 -3.95
CA PRO E 305 -19.08 -2.07 -3.73
C PRO E 305 -20.28 -1.40 -3.05
N ALA E 306 -20.03 -0.56 -2.05
CA ALA E 306 -21.13 0.16 -1.41
C ALA E 306 -21.90 0.99 -2.44
N VAL E 307 -21.17 1.66 -3.33
CA VAL E 307 -21.76 2.52 -4.35
C VAL E 307 -22.58 1.69 -5.32
N LYS E 308 -22.08 0.51 -5.65
CA LYS E 308 -22.87 -0.41 -6.47
C LYS E 308 -24.22 -0.69 -5.82
N ALA E 309 -24.17 -1.16 -4.58
CA ALA E 309 -25.37 -1.52 -3.81
C ALA E 309 -26.36 -0.36 -3.73
N ILE E 310 -25.87 0.82 -3.35
CA ILE E 310 -26.71 2.01 -3.28
C ILE E 310 -27.41 2.22 -4.62
N ILE E 311 -26.63 2.23 -5.70
CA ILE E 311 -27.18 2.32 -7.05
C ILE E 311 -28.25 1.26 -7.31
N TYR E 312 -27.98 -0.01 -7.00
CA TYR E 312 -28.98 -1.04 -7.27
C TYR E 312 -30.29 -0.85 -6.51
N GLN E 313 -30.24 -0.25 -5.31
CA GLN E 313 -31.48 0.00 -4.57
C GLN E 313 -32.32 1.06 -5.28
N TYR E 314 -31.67 2.18 -5.60
CA TYR E 314 -32.32 3.24 -6.33
C TYR E 314 -32.86 2.71 -7.67
N MET E 315 -32.15 1.76 -8.27
CA MET E 315 -32.65 1.09 -9.46
C MET E 315 -33.95 0.38 -9.13
N GLU E 316 -33.93 -0.49 -8.11
CA GLU E 316 -35.10 -1.28 -7.75
C GLU E 316 -36.23 -0.39 -7.22
N GLU E 317 -35.88 0.76 -6.64
CA GLU E 317 -36.91 1.69 -6.17
C GLU E 317 -37.68 2.32 -7.34
N ILE E 318 -37.00 2.58 -8.45
CA ILE E 318 -37.68 3.02 -9.67
C ILE E 318 -38.41 1.84 -10.30
N TYR E 319 -37.73 0.69 -10.39
CA TYR E 319 -38.33 -0.51 -10.95
C TYR E 319 -39.65 -0.92 -10.30
N HIS E 320 -39.74 -0.81 -8.97
CA HIS E 320 -40.97 -1.13 -8.27
C HIS E 320 -42.13 -0.20 -8.64
N ARG E 321 -41.81 1.04 -8.99
CA ARG E 321 -42.81 2.09 -9.16
C ARG E 321 -43.22 2.34 -10.61
N ILE E 322 -42.85 1.42 -11.50
CA ILE E 322 -43.22 1.53 -12.91
C ILE E 322 -44.70 1.19 -13.10
N PRO E 323 -45.50 2.15 -13.60
CA PRO E 323 -46.87 1.78 -13.96
C PRO E 323 -46.89 1.08 -15.31
N ASP E 324 -47.72 0.05 -15.43
CA ASP E 324 -47.88 -0.66 -16.70
C ASP E 324 -48.55 0.24 -17.75
N SER E 325 -49.19 1.30 -17.26
CA SER E 325 -49.84 2.30 -18.10
C SER E 325 -48.87 3.18 -18.89
N ASP E 326 -47.65 3.34 -18.40
CA ASP E 326 -46.69 4.30 -18.96
C ASP E 326 -46.15 3.93 -20.35
N PRO E 327 -46.21 4.89 -21.29
CA PRO E 327 -45.84 4.68 -22.69
C PRO E 327 -44.32 4.58 -22.91
N SER E 328 -43.61 4.13 -21.88
CA SER E 328 -42.17 3.85 -21.96
C SER E 328 -41.83 2.75 -20.97
N SER E 329 -42.84 2.35 -20.19
CA SER E 329 -42.70 1.38 -19.10
C SER E 329 -41.81 0.18 -19.41
N SER E 330 -41.97 -0.39 -20.60
CA SER E 330 -41.21 -1.57 -21.00
C SER E 330 -39.72 -1.24 -21.14
N LYS E 331 -39.42 -0.10 -21.76
CA LYS E 331 -38.04 0.29 -21.99
C LYS E 331 -37.34 0.76 -20.73
N THR E 332 -38.10 1.37 -19.83
CA THR E 332 -37.63 1.74 -18.49
C THR E 332 -37.21 0.49 -17.74
N ARG E 333 -37.96 -0.58 -17.93
CA ARG E 333 -37.63 -1.86 -17.33
C ARG E 333 -36.41 -2.46 -18.03
N GLN E 334 -36.35 -2.34 -19.36
CA GLN E 334 -35.25 -2.92 -20.13
C GLN E 334 -33.89 -2.41 -19.66
N ILE E 335 -33.77 -1.10 -19.55
CA ILE E 335 -32.51 -0.50 -19.14
C ILE E 335 -32.18 -0.83 -17.68
N ILE E 336 -33.17 -0.78 -16.80
CA ILE E 336 -32.94 -1.20 -15.41
C ILE E 336 -32.49 -2.65 -15.36
N SER E 337 -33.10 -3.49 -16.19
CA SER E 337 -32.69 -4.88 -16.31
C SER E 337 -31.25 -5.03 -16.77
N THR E 338 -30.85 -4.25 -17.79
CA THR E 338 -29.51 -4.33 -18.36
C THR E 338 -28.45 -3.76 -17.42
N ILE E 339 -28.85 -2.87 -16.52
CA ILE E 339 -27.94 -2.30 -15.53
C ILE E 339 -27.58 -3.37 -14.49
N ARG E 340 -28.42 -4.38 -14.39
CA ARG E 340 -28.24 -5.51 -13.47
C ARG E 340 -27.37 -6.64 -14.03
N THR E 341 -27.04 -6.56 -15.33
CA THR E 341 -26.22 -7.57 -16.01
C THR E 341 -24.89 -7.87 -15.33
N GLN E 342 -23.96 -6.91 -15.38
CA GLN E 342 -22.60 -7.11 -14.91
C GLN E 342 -22.19 -6.07 -13.86
N SER F 11 -12.81 -11.40 36.25
CA SER F 11 -13.94 -10.44 36.17
C SER F 11 -13.38 -9.03 36.35
N SER F 12 -12.06 -8.96 36.51
CA SER F 12 -11.38 -7.69 36.70
C SER F 12 -11.37 -6.82 35.43
N LEU F 13 -11.14 -7.44 34.29
CA LEU F 13 -11.23 -6.75 33.02
C LEU F 13 -12.69 -6.36 32.77
N LYS F 14 -13.60 -7.27 33.08
CA LYS F 14 -15.03 -7.03 32.91
C LYS F 14 -15.46 -5.80 33.71
N THR F 15 -15.02 -5.73 34.97
CA THR F 15 -15.25 -4.56 35.81
C THR F 15 -14.70 -3.26 35.20
N CYS F 16 -13.48 -3.30 34.66
CA CYS F 16 -12.89 -2.15 33.99
C CYS F 16 -13.72 -1.63 32.82
N TYR F 17 -14.15 -2.53 31.93
CA TYR F 17 -15.00 -2.14 30.81
C TYR F 17 -16.41 -1.71 31.24
N LYS F 18 -16.89 -2.25 32.36
CA LYS F 18 -18.12 -1.76 32.98
C LYS F 18 -17.95 -0.28 33.34
N TYR F 19 -16.80 0.05 33.93
CA TYR F 19 -16.52 1.43 34.28
C TYR F 19 -16.34 2.32 33.07
N LEU F 20 -15.69 1.81 32.03
CA LEU F 20 -15.56 2.57 30.79
C LEU F 20 -16.88 3.14 30.29
N ASN F 21 -17.91 2.30 30.29
CA ASN F 21 -19.22 2.66 29.73
C ASN F 21 -20.04 3.53 30.67
N GLN F 22 -19.81 3.41 31.98
CA GLN F 22 -20.44 4.30 32.94
C GLN F 22 -19.98 5.73 32.69
N THR F 23 -18.68 5.90 32.47
CA THR F 23 -18.05 7.22 32.48
C THR F 23 -18.29 8.07 31.22
N SER F 24 -17.99 7.52 30.05
CA SER F 24 -18.22 8.24 28.81
C SER F 24 -19.15 7.45 27.90
N ARG F 25 -20.26 8.07 27.50
CA ARG F 25 -21.12 7.49 26.48
C ARG F 25 -20.45 7.49 25.10
N SER F 26 -19.54 8.44 24.87
CA SER F 26 -18.96 8.64 23.54
C SER F 26 -17.85 7.65 23.21
N PHE F 27 -16.73 7.79 23.91
CA PHE F 27 -15.50 7.05 23.64
C PHE F 27 -15.56 5.53 23.82
N ALA F 28 -16.47 5.03 24.65
CA ALA F 28 -16.45 3.60 24.96
C ALA F 28 -16.52 2.75 23.69
N ALA F 29 -17.54 2.96 22.89
CA ALA F 29 -17.70 2.22 21.64
C ALA F 29 -16.40 2.23 20.83
N VAL F 30 -15.80 3.41 20.71
CA VAL F 30 -14.65 3.52 19.83
C VAL F 30 -13.38 2.95 20.45
N ILE F 31 -13.25 3.03 21.76
CA ILE F 31 -12.12 2.40 22.44
C ILE F 31 -12.17 0.87 22.30
N GLN F 32 -13.36 0.31 22.52
CA GLN F 32 -13.52 -1.15 22.43
C GLN F 32 -13.26 -1.60 20.99
N ALA F 33 -13.24 -0.65 20.06
CA ALA F 33 -12.99 -0.99 18.64
C ALA F 33 -11.51 -1.00 18.22
N LEU F 34 -10.62 -0.58 19.11
CA LEU F 34 -9.18 -0.58 18.83
C LEU F 34 -8.62 -1.99 18.59
N ASP F 35 -7.68 -2.12 17.65
CA ASP F 35 -7.10 -3.41 17.28
C ASP F 35 -6.22 -3.98 18.40
N GLY F 36 -6.20 -5.30 18.53
CA GLY F 36 -5.23 -6.02 19.36
C GLY F 36 -4.95 -5.43 20.73
N GLU F 37 -3.67 -5.28 21.07
CA GLU F 37 -3.28 -4.87 22.42
C GLU F 37 -3.74 -3.46 22.84
N MET F 38 -4.06 -2.62 21.85
CA MET F 38 -4.40 -1.22 22.11
C MET F 38 -5.69 -1.06 22.92
N ARG F 39 -6.67 -1.89 22.60
CA ARG F 39 -7.93 -1.98 23.32
C ARG F 39 -7.79 -1.82 24.84
N ASN F 40 -7.26 -2.84 25.53
CA ASN F 40 -7.08 -2.78 26.98
C ASN F 40 -6.18 -1.61 27.46
N ALA F 41 -5.16 -1.24 26.70
CA ALA F 41 -4.28 -0.17 27.15
C ALA F 41 -4.96 1.20 27.22
N VAL F 42 -5.65 1.61 26.16
CA VAL F 42 -6.44 2.83 26.16
C VAL F 42 -7.61 2.80 27.17
N CYS F 43 -8.38 1.73 27.17
CA CYS F 43 -9.42 1.55 28.18
C CYS F 43 -8.91 1.86 29.60
N ILE F 44 -7.87 1.15 30.03
CA ILE F 44 -7.29 1.39 31.34
C ILE F 44 -6.74 2.81 31.45
N PHE F 45 -6.08 3.27 30.38
CA PHE F 45 -5.57 4.63 30.33
C PHE F 45 -6.69 5.63 30.64
N TYR F 46 -7.82 5.48 29.94
CA TYR F 46 -8.99 6.30 30.20
C TYR F 46 -9.44 6.25 31.64
N LEU F 47 -9.52 5.03 32.18
CA LEU F 47 -10.01 4.86 33.54
C LEU F 47 -9.06 5.46 34.59
N VAL F 48 -7.77 5.33 34.34
CA VAL F 48 -6.77 5.90 35.24
C VAL F 48 -6.87 7.41 35.15
N LEU F 49 -7.07 7.92 33.94
CA LEU F 49 -7.27 9.33 33.70
C LEU F 49 -8.52 9.85 34.38
N ARG F 50 -9.61 9.10 34.33
CA ARG F 50 -10.83 9.58 34.97
C ARG F 50 -10.73 9.62 36.49
N ALA F 51 -9.98 8.69 37.08
CA ALA F 51 -9.80 8.70 38.52
C ALA F 51 -9.06 9.97 38.90
N LEU F 52 -7.89 10.16 38.29
CA LEU F 52 -7.06 11.34 38.48
C LEU F 52 -7.85 12.65 38.38
N ASP F 53 -8.66 12.77 37.33
CA ASP F 53 -9.50 13.95 37.13
C ASP F 53 -10.61 14.07 38.17
N THR F 54 -11.07 12.93 38.69
CA THR F 54 -12.13 12.91 39.70
C THR F 54 -11.57 13.32 41.06
N LEU F 55 -10.24 13.43 41.15
CA LEU F 55 -9.61 14.03 42.33
C LEU F 55 -9.65 15.56 42.19
N GLU F 56 -9.45 16.03 40.96
CA GLU F 56 -9.52 17.46 40.63
C GLU F 56 -10.89 18.09 40.83
N ASP F 57 -11.90 17.54 40.14
CA ASP F 57 -13.23 18.14 40.09
C ASP F 57 -13.92 18.22 41.46
N ASP F 58 -13.39 17.48 42.42
CA ASP F 58 -13.98 17.35 43.75
C ASP F 58 -13.67 18.59 44.60
N MET F 59 -14.72 19.24 45.10
CA MET F 59 -14.58 20.50 45.82
C MET F 59 -14.67 20.35 47.33
N THR F 60 -15.10 19.18 47.77
CA THR F 60 -15.12 18.81 49.19
C THR F 60 -13.71 18.60 49.75
N ILE F 61 -12.77 18.31 48.86
CA ILE F 61 -11.36 18.10 49.22
C ILE F 61 -10.55 19.41 49.15
N SER F 62 -9.87 19.70 50.25
CA SER F 62 -9.14 20.95 50.46
C SER F 62 -7.81 21.01 49.71
N VAL F 63 -7.14 22.16 49.82
CA VAL F 63 -5.99 22.50 48.97
C VAL F 63 -4.72 21.70 49.28
N GLU F 64 -4.35 21.63 50.55
CA GLU F 64 -3.05 21.08 50.93
C GLU F 64 -2.99 19.56 51.05
N LYS F 65 -4.09 18.88 50.76
CA LYS F 65 -4.11 17.41 50.70
C LYS F 65 -4.32 16.89 49.28
N LYS F 66 -4.79 17.74 48.38
CA LYS F 66 -4.99 17.34 46.99
C LYS F 66 -3.65 17.26 46.27
N VAL F 67 -2.77 18.22 46.54
CA VAL F 67 -1.43 18.27 45.94
C VAL F 67 -0.68 16.94 46.06
N PRO F 68 -0.59 16.39 47.28
CA PRO F 68 0.02 15.08 47.46
C PRO F 68 -0.67 13.96 46.67
N LEU F 69 -2.00 14.01 46.58
CA LEU F 69 -2.75 13.00 45.82
C LEU F 69 -2.51 13.15 44.32
N LEU F 70 -2.51 14.39 43.86
CA LEU F 70 -2.19 14.71 42.48
C LEU F 70 -0.78 14.23 42.14
N HIS F 71 0.17 14.57 43.01
CA HIS F 71 1.59 14.30 42.79
C HIS F 71 1.94 12.82 42.76
N ASN F 72 1.43 12.08 43.74
CA ASN F 72 1.81 10.68 43.94
C ASN F 72 1.00 9.71 43.09
N PHE F 73 0.00 10.25 42.40
CA PHE F 73 -0.94 9.43 41.65
C PHE F 73 -0.27 8.33 40.86
N HIS F 74 0.74 8.68 40.06
CA HIS F 74 1.41 7.72 39.19
C HIS F 74 2.02 6.52 39.91
N SER F 75 2.36 6.69 41.20
CA SER F 75 2.90 5.59 41.98
C SER F 75 1.79 4.72 42.55
N PHE F 76 0.58 5.28 42.62
CA PHE F 76 -0.58 4.57 43.16
C PHE F 76 -0.90 3.32 42.35
N LEU F 77 -0.53 3.36 41.07
CA LEU F 77 -0.70 2.25 40.14
C LEU F 77 -0.02 0.97 40.61
N TYR F 78 1.13 1.12 41.26
CA TYR F 78 1.99 0.00 41.64
C TYR F 78 1.85 -0.47 43.09
N GLN F 79 0.91 0.10 43.84
CA GLN F 79 0.58 -0.43 45.18
C GLN F 79 -0.85 -0.94 45.28
N PRO F 80 -1.02 -2.28 45.22
CA PRO F 80 -2.29 -2.97 45.00
C PRO F 80 -3.52 -2.63 45.85
N ASP F 81 -3.34 -2.09 47.05
CA ASP F 81 -4.50 -1.87 47.94
C ASP F 81 -5.02 -0.43 48.06
N TRP F 82 -4.44 0.49 47.30
CA TRP F 82 -4.83 1.90 47.32
C TRP F 82 -6.21 2.18 46.73
N ARG F 83 -7.00 2.95 47.47
CA ARG F 83 -8.33 3.38 47.02
C ARG F 83 -8.69 4.73 47.62
N PHE F 84 -9.67 5.42 47.05
CA PHE F 84 -10.19 6.65 47.65
C PHE F 84 -11.69 6.55 47.88
N MET F 85 -12.07 6.39 49.14
CA MET F 85 -13.48 6.20 49.51
C MET F 85 -14.05 7.48 50.11
N GLU F 86 -13.47 8.61 49.74
CA GLU F 86 -13.82 9.90 50.35
C GLU F 86 -14.25 10.96 49.34
N SER F 87 -14.42 10.56 48.09
CA SER F 87 -14.87 11.50 47.06
C SER F 87 -16.39 11.55 46.96
N LYS F 88 -16.92 12.77 46.86
CA LYS F 88 -18.35 13.01 46.72
C LYS F 88 -18.71 13.40 45.27
N GLU F 89 -18.22 12.63 44.31
CA GLU F 89 -18.49 12.89 42.90
C GLU F 89 -19.39 11.84 42.26
N LYS F 90 -19.87 12.13 41.05
CA LYS F 90 -20.66 11.20 40.25
C LYS F 90 -19.89 9.92 39.91
N ASP F 91 -18.64 10.10 39.51
CA ASP F 91 -17.82 8.99 39.02
C ASP F 91 -16.92 8.42 40.13
N ARG F 92 -17.34 8.55 41.38
CA ARG F 92 -16.54 8.13 42.55
C ARG F 92 -16.21 6.63 42.61
N GLN F 93 -16.99 5.83 41.88
CA GLN F 93 -16.74 4.41 41.70
C GLN F 93 -15.28 4.10 41.36
N VAL F 94 -14.76 4.84 40.38
CA VAL F 94 -13.40 4.64 39.88
C VAL F 94 -12.31 4.79 40.95
N LEU F 95 -12.58 5.57 41.99
CA LEU F 95 -11.64 5.71 43.08
C LEU F 95 -11.88 4.60 44.10
N GLU F 96 -13.09 4.58 44.65
CA GLU F 96 -13.50 3.61 45.68
C GLU F 96 -13.08 2.17 45.36
N ASP F 97 -13.04 1.85 44.07
CA ASP F 97 -12.71 0.49 43.61
C ASP F 97 -11.50 0.48 42.68
N PHE F 98 -10.44 1.18 43.09
CA PHE F 98 -9.25 1.37 42.25
C PHE F 98 -8.27 0.19 42.12
N PRO F 99 -8.22 -0.72 43.11
CA PRO F 99 -7.39 -1.93 43.02
C PRO F 99 -7.67 -2.81 41.79
N THR F 100 -8.92 -2.90 41.37
CA THR F 100 -9.22 -3.69 40.18
C THR F 100 -8.78 -3.01 38.89
N ILE F 101 -8.50 -1.71 38.94
CA ILE F 101 -7.97 -1.01 37.77
C ILE F 101 -6.45 -1.15 37.70
N SER F 102 -5.77 -0.79 38.79
CA SER F 102 -4.31 -0.88 38.85
C SER F 102 -3.82 -2.30 38.54
N LEU F 103 -4.55 -3.31 39.03
CA LEU F 103 -4.26 -4.70 38.70
C LEU F 103 -4.24 -4.98 37.20
N GLU F 104 -5.30 -4.57 36.51
CA GLU F 104 -5.41 -4.80 35.08
C GLU F 104 -4.41 -3.93 34.34
N PHE F 105 -3.99 -2.84 34.99
CA PHE F 105 -2.90 -2.04 34.50
C PHE F 105 -1.57 -2.78 34.61
N ARG F 106 -1.31 -3.36 35.78
CA ARG F 106 -0.10 -4.15 36.00
C ARG F 106 -0.10 -5.40 35.11
N ASN F 107 -1.22 -5.66 34.45
CA ASN F 107 -1.33 -6.77 33.50
C ASN F 107 -0.92 -6.36 32.09
N LEU F 108 -1.07 -5.09 31.75
CA LEU F 108 -0.54 -4.53 30.51
C LEU F 108 0.94 -4.84 30.37
N ALA F 109 1.41 -4.94 29.13
CA ALA F 109 2.81 -5.18 28.85
C ALA F 109 3.65 -3.99 29.33
N GLU F 110 4.89 -4.26 29.72
CA GLU F 110 5.75 -3.22 30.30
C GLU F 110 5.74 -1.93 29.49
N LYS F 111 5.79 -2.04 28.17
CA LYS F 111 5.88 -0.86 27.32
C LYS F 111 4.72 0.13 27.48
N TYR F 112 3.50 -0.39 27.63
CA TYR F 112 2.31 0.45 27.86
C TYR F 112 2.30 1.03 29.26
N GLN F 113 2.70 0.20 30.21
CA GLN F 113 2.84 0.62 31.61
C GLN F 113 3.73 1.84 31.73
N THR F 114 4.91 1.78 31.13
CA THR F 114 5.84 2.90 31.28
C THR F 114 5.33 4.15 30.55
N VAL F 115 4.63 3.96 29.43
CA VAL F 115 4.02 5.08 28.71
C VAL F 115 2.97 5.82 29.54
N ILE F 116 1.98 5.09 30.05
CA ILE F 116 0.91 5.74 30.82
C ILE F 116 1.38 6.26 32.18
N ALA F 117 2.25 5.50 32.86
CA ALA F 117 2.75 5.92 34.16
C ALA F 117 3.50 7.25 34.03
N ASP F 118 4.24 7.38 32.94
CA ASP F 118 4.99 8.58 32.57
C ASP F 118 4.02 9.74 32.36
N ILE F 119 2.93 9.49 31.64
CA ILE F 119 1.90 10.51 31.40
C ILE F 119 1.16 10.93 32.68
N CYS F 120 0.73 9.96 33.47
CA CYS F 120 0.05 10.27 34.72
C CYS F 120 0.86 11.18 35.64
N ARG F 121 2.19 11.02 35.62
CA ARG F 121 3.10 11.74 36.52
C ARG F 121 3.20 13.23 36.21
N ARG F 122 3.56 13.53 34.95
CA ARG F 122 3.71 14.89 34.47
C ARG F 122 2.37 15.62 34.55
N MET F 123 1.30 14.88 34.25
CA MET F 123 -0.06 15.37 34.45
C MET F 123 -0.20 15.81 35.90
N GLY F 124 -0.10 14.85 36.82
CA GLY F 124 -0.10 15.13 38.25
C GLY F 124 0.56 16.44 38.60
N ILE F 125 1.86 16.54 38.34
CA ILE F 125 2.62 17.78 38.50
C ILE F 125 1.84 18.97 37.98
N GLY F 126 1.32 18.84 36.76
CA GLY F 126 0.60 19.92 36.09
C GLY F 126 -0.61 20.46 36.82
N MET F 127 -1.54 19.58 37.17
CA MET F 127 -2.79 19.99 37.80
C MET F 127 -2.56 20.65 39.16
N ALA F 128 -1.35 20.48 39.69
CA ALA F 128 -1.02 20.95 41.03
C ALA F 128 -0.98 22.47 41.17
N GLU F 129 -0.49 23.16 40.14
CA GLU F 129 -0.35 24.60 40.27
C GLU F 129 -1.55 25.42 39.79
N PHE F 130 -2.49 24.78 39.10
CA PHE F 130 -3.67 25.49 38.64
C PHE F 130 -4.86 25.37 39.60
N LEU F 131 -4.57 24.88 40.79
CA LEU F 131 -5.55 24.84 41.86
C LEU F 131 -5.50 26.15 42.63
N ASP F 132 -4.31 26.73 42.75
CA ASP F 132 -4.11 27.93 43.57
C ASP F 132 -4.17 29.23 42.76
N LYS F 133 -4.50 29.11 41.48
CA LYS F 133 -4.63 30.24 40.57
C LYS F 133 -5.62 29.89 39.46
N HIS F 134 -6.04 30.90 38.71
CA HIS F 134 -6.85 30.69 37.50
C HIS F 134 -5.99 31.02 36.30
N VAL F 135 -6.38 30.51 35.12
CA VAL F 135 -5.58 30.69 33.91
C VAL F 135 -5.49 32.15 33.50
N THR F 136 -4.26 32.62 33.36
CA THR F 136 -3.97 34.03 33.08
C THR F 136 -3.85 34.32 31.58
N SER F 137 -2.64 34.18 31.02
CA SER F 137 -2.39 34.53 29.63
C SER F 137 -2.85 33.49 28.60
N GLU F 138 -2.76 33.84 27.33
CA GLU F 138 -3.07 32.92 26.24
C GLU F 138 -2.04 31.80 26.18
N GLN F 139 -0.79 32.12 26.48
CA GLN F 139 0.29 31.14 26.61
C GLN F 139 -0.04 30.18 27.76
N GLU F 140 -0.48 30.75 28.88
CA GLU F 140 -0.91 30.00 30.05
C GLU F 140 -2.08 29.05 29.77
N TRP F 141 -2.97 29.48 28.87
CA TRP F 141 -4.10 28.65 28.46
C TRP F 141 -3.58 27.38 27.77
N ASP F 142 -2.57 27.53 26.91
CA ASP F 142 -1.94 26.38 26.25
C ASP F 142 -1.28 25.47 27.29
N LYS F 143 -0.57 26.08 28.23
CA LYS F 143 0.10 25.36 29.30
C LYS F 143 -0.91 24.54 30.08
N TYR F 144 -2.07 25.13 30.34
CA TYR F 144 -3.13 24.45 31.09
C TYR F 144 -3.67 23.24 30.34
N CYS F 145 -4.12 23.46 29.11
CA CYS F 145 -4.69 22.40 28.30
C CYS F 145 -3.66 21.33 28.03
N HIS F 146 -2.41 21.75 27.87
CA HIS F 146 -1.29 20.84 27.69
C HIS F 146 -1.30 19.82 28.82
N TYR F 147 -1.61 20.31 30.01
CA TYR F 147 -1.59 19.50 31.22
C TYR F 147 -2.81 18.59 31.36
N VAL F 148 -4.00 19.07 31.01
CA VAL F 148 -5.22 18.26 31.20
C VAL F 148 -5.74 17.58 29.93
N ALA F 149 -5.22 17.96 28.76
CA ALA F 149 -5.64 17.32 27.52
C ALA F 149 -4.48 16.95 26.61
N GLY F 150 -3.57 17.91 26.40
CA GLY F 150 -2.43 17.74 25.51
C GLY F 150 -1.59 16.51 25.82
N LEU F 151 -1.11 16.42 27.06
CA LEU F 151 -0.41 15.24 27.54
C LEU F 151 -1.15 13.95 27.22
N VAL F 152 -2.48 13.97 27.32
CA VAL F 152 -3.34 12.82 26.97
C VAL F 152 -3.17 12.43 25.49
N GLY F 153 -3.20 13.42 24.60
CA GLY F 153 -2.95 13.20 23.19
C GLY F 153 -1.59 12.56 22.94
N ILE F 154 -0.60 12.97 23.73
CA ILE F 154 0.75 12.43 23.65
C ILE F 154 0.81 10.98 24.12
N GLY F 155 0.14 10.70 25.24
CA GLY F 155 0.10 9.35 25.79
C GLY F 155 -0.51 8.42 24.76
N LEU F 156 -1.72 8.76 24.35
CA LEU F 156 -2.45 8.06 23.30
C LEU F 156 -1.52 7.75 22.14
N SER F 157 -0.80 8.77 21.69
CA SER F 157 0.09 8.66 20.54
C SER F 157 1.24 7.67 20.73
N ARG F 158 1.90 7.72 21.88
CA ARG F 158 2.98 6.80 22.19
C ARG F 158 2.53 5.33 22.25
N LEU F 159 1.33 5.10 22.80
CA LEU F 159 0.72 3.78 22.80
C LEU F 159 0.45 3.28 21.37
N PHE F 160 0.05 4.18 20.49
CA PHE F 160 -0.23 3.84 19.10
C PHE F 160 1.03 3.24 18.44
N SER F 161 2.16 3.90 18.65
CA SER F 161 3.45 3.44 18.15
C SER F 161 4.00 2.22 18.91
N ALA F 162 3.84 2.21 20.23
CA ALA F 162 4.35 1.10 21.04
C ALA F 162 3.70 -0.22 20.61
N SER F 163 2.42 -0.17 20.25
CA SER F 163 1.67 -1.34 19.82
C SER F 163 2.17 -1.84 18.47
N GLU F 164 2.88 -0.96 17.75
CA GLU F 164 3.37 -1.22 16.40
C GLU F 164 2.23 -1.34 15.37
N PHE F 165 1.00 -1.01 15.75
CA PHE F 165 -0.10 -0.90 14.80
C PHE F 165 0.06 0.38 13.99
N GLU F 166 0.72 1.36 14.59
CA GLU F 166 1.10 2.58 13.90
C GLU F 166 2.62 2.69 13.87
N ASP F 167 3.12 3.24 12.77
CA ASP F 167 4.52 3.59 12.53
C ASP F 167 5.10 4.38 13.72
N PRO F 168 6.37 4.16 14.08
CA PRO F 168 7.00 4.89 15.19
C PRO F 168 7.02 6.41 15.03
N LEU F 169 6.92 6.86 13.78
CA LEU F 169 6.84 8.28 13.42
C LEU F 169 5.62 9.01 14.00
N VAL F 170 4.58 8.25 14.34
CA VAL F 170 3.33 8.80 14.88
C VAL F 170 3.54 9.25 16.33
N GLY F 171 4.14 8.39 17.13
CA GLY F 171 4.51 8.71 18.50
C GLY F 171 5.66 9.70 18.63
N GLU F 172 6.54 9.76 17.63
CA GLU F 172 7.63 10.73 17.65
C GLU F 172 7.09 12.17 17.58
N ASP F 173 6.00 12.36 16.85
CA ASP F 173 5.41 13.68 16.67
C ASP F 173 4.71 14.18 17.93
N THR F 174 5.52 14.66 18.86
CA THR F 174 5.02 15.16 20.13
C THR F 174 4.14 16.40 19.97
N GLU F 175 4.56 17.35 19.15
CA GLU F 175 3.89 18.63 19.10
C GLU F 175 2.46 18.52 18.57
N ARG F 176 2.29 17.81 17.46
CA ARG F 176 0.97 17.73 16.85
C ARG F 176 -0.02 16.89 17.65
N ALA F 177 0.48 15.99 18.48
CA ALA F 177 -0.40 15.23 19.37
C ALA F 177 -0.93 16.12 20.50
N ASN F 178 -0.07 17.02 20.97
CA ASN F 178 -0.41 18.06 21.92
C ASN F 178 -1.53 18.95 21.40
N SER F 179 -1.34 19.55 20.23
CA SER F 179 -2.37 20.34 19.55
C SER F 179 -3.67 19.55 19.44
N MET F 180 -3.54 18.27 19.14
CA MET F 180 -4.69 17.41 18.97
C MET F 180 -5.54 17.49 20.23
N GLY F 181 -4.87 17.46 21.39
CA GLY F 181 -5.49 17.62 22.70
C GLY F 181 -5.92 19.03 23.04
N LEU F 182 -5.02 20.01 22.82
CA LEU F 182 -5.37 21.41 23.06
C LEU F 182 -6.63 21.81 22.30
N PHE F 183 -6.79 21.26 21.11
CA PHE F 183 -7.94 21.59 20.28
C PHE F 183 -9.25 21.15 20.93
N LEU F 184 -9.27 19.92 21.42
CA LEU F 184 -10.42 19.42 22.15
C LEU F 184 -10.74 20.23 23.42
N GLN F 185 -9.74 20.48 24.27
CA GLN F 185 -10.01 21.13 25.56
C GLN F 185 -10.47 22.57 25.39
N LYS F 186 -9.93 23.24 24.37
CA LYS F 186 -10.35 24.59 24.07
C LYS F 186 -11.82 24.58 23.69
N THR F 187 -12.20 23.62 22.87
CA THR F 187 -13.59 23.51 22.41
C THR F 187 -14.55 23.32 23.58
N ASN F 188 -14.23 22.40 24.49
CA ASN F 188 -15.05 22.11 25.65
C ASN F 188 -15.18 23.33 26.55
N ILE F 189 -14.05 23.99 26.77
CA ILE F 189 -13.99 25.17 27.61
C ILE F 189 -14.83 26.29 27.01
N ILE F 190 -14.68 26.47 25.69
CA ILE F 190 -15.52 27.39 24.93
C ILE F 190 -16.98 27.04 25.14
N ARG F 191 -17.34 25.80 24.83
CA ARG F 191 -18.72 25.35 24.86
C ARG F 191 -19.31 25.45 26.27
N ASP F 192 -18.59 24.93 27.25
CA ASP F 192 -19.07 24.77 28.62
C ASP F 192 -18.95 26.00 29.52
N TYR F 193 -19.06 27.20 28.96
CA TYR F 193 -18.87 28.41 29.77
C TYR F 193 -19.79 28.46 31.00
N LEU F 194 -21.05 28.11 30.79
CA LEU F 194 -22.10 28.20 31.81
C LEU F 194 -22.05 27.07 32.84
N GLU F 195 -21.93 25.84 32.37
CA GLU F 195 -21.75 24.68 33.25
C GLU F 195 -20.60 24.98 34.22
N ASP F 196 -19.56 25.61 33.69
CA ASP F 196 -18.40 26.02 34.49
C ASP F 196 -18.68 27.26 35.35
N GLN F 197 -19.62 28.10 34.92
CA GLN F 197 -19.97 29.32 35.66
C GLN F 197 -20.77 28.98 36.90
N GLN F 198 -21.98 28.43 36.72
CA GLN F 198 -22.67 27.80 37.82
C GLN F 198 -21.90 26.50 38.10
N GLY F 199 -21.02 26.58 39.09
CA GLY F 199 -20.09 25.51 39.41
C GLY F 199 -18.83 26.01 40.11
N GLY F 200 -18.53 27.29 39.93
CA GLY F 200 -17.44 27.96 40.64
C GLY F 200 -16.08 28.03 39.96
N ARG F 201 -15.93 27.27 38.88
CA ARG F 201 -14.67 27.16 38.15
C ARG F 201 -14.66 27.99 36.87
N GLU F 202 -13.55 28.67 36.60
CA GLU F 202 -13.43 29.53 35.44
C GLU F 202 -12.16 29.28 34.64
N PHE F 203 -12.33 28.91 33.37
CA PHE F 203 -11.21 28.48 32.54
C PHE F 203 -10.86 29.40 31.38
N TRP F 204 -11.73 30.34 31.05
CA TRP F 204 -11.47 31.33 30.01
C TRP F 204 -10.30 32.26 30.39
N PRO F 205 -9.38 32.53 29.46
CA PRO F 205 -8.12 33.22 29.76
C PRO F 205 -8.28 34.68 30.18
N GLN F 206 -7.62 35.04 31.27
CA GLN F 206 -7.66 36.39 31.85
C GLN F 206 -7.32 37.50 30.86
N GLU F 207 -6.22 37.31 30.12
CA GLU F 207 -5.73 38.31 29.18
C GLU F 207 -6.72 38.57 28.04
N VAL F 208 -7.62 37.63 27.78
CA VAL F 208 -8.64 37.79 26.74
C VAL F 208 -9.93 38.44 27.24
N TRP F 209 -10.62 37.79 28.19
CA TRP F 209 -11.89 38.31 28.70
C TRP F 209 -11.76 39.63 29.46
N SER F 210 -10.57 39.85 30.03
CA SER F 210 -10.28 41.09 30.74
C SER F 210 -10.33 42.33 29.84
N ARG F 211 -10.37 42.12 28.52
CA ARG F 211 -10.46 43.23 27.58
C ARG F 211 -11.89 43.61 27.23
N TYR F 212 -12.86 42.87 27.76
CA TYR F 212 -14.26 43.09 27.39
C TYR F 212 -15.10 43.49 28.60
N VAL F 213 -14.89 42.79 29.70
CA VAL F 213 -15.64 43.01 30.94
C VAL F 213 -14.71 43.05 32.15
N LYS F 214 -15.24 43.51 33.28
CA LYS F 214 -14.50 43.54 34.53
C LYS F 214 -14.35 42.15 35.14
N LYS F 215 -15.47 41.44 35.29
CA LYS F 215 -15.50 40.13 35.93
C LYS F 215 -15.91 39.07 34.92
N LEU F 216 -15.32 37.88 35.00
CA LEU F 216 -15.60 36.83 34.01
C LEU F 216 -17.09 36.50 33.95
N GLY F 217 -17.75 36.54 35.11
CA GLY F 217 -19.18 36.24 35.20
C GLY F 217 -20.13 37.26 34.60
N ASP F 218 -19.60 38.35 34.05
CA ASP F 218 -20.43 39.39 33.42
C ASP F 218 -21.08 38.92 32.12
N PHE F 219 -20.43 37.97 31.44
CA PHE F 219 -20.92 37.40 30.19
C PHE F 219 -22.29 36.72 30.36
N ALA F 220 -22.48 36.11 31.53
CA ALA F 220 -23.74 35.44 31.88
C ALA F 220 -24.92 36.39 32.08
N LYS F 221 -24.65 37.65 32.41
CA LYS F 221 -25.70 38.65 32.63
C LYS F 221 -26.47 38.99 31.35
N PRO F 222 -27.77 39.33 31.47
CA PRO F 222 -28.63 39.62 30.32
C PRO F 222 -28.12 40.79 29.47
N GLU F 223 -27.60 41.80 30.14
CA GLU F 223 -26.90 42.92 29.49
C GLU F 223 -25.53 42.46 28.99
N ASN F 224 -24.86 43.32 28.24
CA ASN F 224 -23.49 43.07 27.77
C ASN F 224 -23.30 41.80 26.96
N ILE F 225 -24.35 41.38 26.26
CA ILE F 225 -24.33 40.12 25.50
C ILE F 225 -23.47 40.24 24.23
N ASP F 226 -23.44 41.43 23.64
CA ASP F 226 -22.61 41.69 22.48
C ASP F 226 -21.12 41.56 22.81
N LEU F 227 -20.73 42.01 23.99
CA LEU F 227 -19.35 41.82 24.46
C LEU F 227 -18.98 40.35 24.62
N ALA F 228 -19.94 39.57 25.12
CA ALA F 228 -19.78 38.14 25.35
C ALA F 228 -19.57 37.35 24.06
N VAL F 229 -20.39 37.65 23.05
CA VAL F 229 -20.31 37.01 21.74
C VAL F 229 -19.02 37.42 21.01
N GLN F 230 -18.56 38.65 21.26
CA GLN F 230 -17.28 39.12 20.74
C GLN F 230 -16.13 38.25 21.23
N CYS F 231 -16.05 38.11 22.56
CA CYS F 231 -15.00 37.33 23.21
C CYS F 231 -14.98 35.87 22.76
N LEU F 232 -16.16 35.28 22.61
CA LEU F 232 -16.30 33.90 22.19
C LEU F 232 -15.66 33.69 20.81
N ASN F 233 -15.81 34.67 19.94
CA ASN F 233 -15.19 34.63 18.62
C ASN F 233 -13.67 34.66 18.64
N GLU F 234 -13.13 35.47 19.54
CA GLU F 234 -11.68 35.56 19.73
C GLU F 234 -11.07 34.21 20.11
N LEU F 235 -11.61 33.62 21.18
CA LEU F 235 -11.18 32.31 21.66
C LEU F 235 -11.34 31.19 20.64
N ILE F 236 -12.49 31.15 19.99
CA ILE F 236 -12.73 30.22 18.89
C ILE F 236 -11.60 30.36 17.87
N THR F 237 -11.35 31.61 17.46
CA THR F 237 -10.30 31.89 16.48
C THR F 237 -8.93 31.39 16.93
N ASN F 238 -8.66 31.49 18.23
CA ASN F 238 -7.50 30.86 18.85
C ASN F 238 -7.49 29.33 18.64
N ALA F 239 -8.63 28.67 18.87
CA ALA F 239 -8.69 27.23 18.76
C ALA F 239 -8.50 26.71 17.33
N LEU F 240 -8.98 27.47 16.35
CA LEU F 240 -8.88 27.09 14.94
C LEU F 240 -7.43 26.91 14.53
N HIS F 241 -6.54 27.69 15.13
CA HIS F 241 -5.11 27.60 14.84
C HIS F 241 -4.50 26.21 14.96
N HIS F 242 -5.20 25.29 15.62
CA HIS F 242 -4.68 23.94 15.83
C HIS F 242 -5.07 23.02 14.69
N ILE F 243 -6.04 23.47 13.88
CA ILE F 243 -6.60 22.60 12.85
C ILE F 243 -5.58 22.08 11.81
N PRO F 244 -4.58 22.88 11.40
CA PRO F 244 -3.62 22.31 10.46
C PRO F 244 -2.85 21.13 11.04
N ASP F 245 -2.53 21.21 12.33
CA ASP F 245 -1.84 20.13 13.04
C ASP F 245 -2.69 18.88 13.19
N VAL F 246 -3.98 19.09 13.45
CA VAL F 246 -4.93 18.00 13.49
C VAL F 246 -4.96 17.25 12.16
N ILE F 247 -5.02 17.99 11.06
CA ILE F 247 -5.11 17.40 9.73
C ILE F 247 -3.84 16.58 9.48
N THR F 248 -2.68 17.16 9.81
CA THR F 248 -1.38 16.53 9.64
C THR F 248 -1.20 15.30 10.54
N TYR F 249 -1.60 15.43 11.80
CA TYR F 249 -1.55 14.25 12.67
C TYR F 249 -2.45 13.14 12.11
N LEU F 250 -3.66 13.48 11.69
CA LEU F 250 -4.55 12.45 11.16
C LEU F 250 -4.03 11.85 9.85
N SER F 251 -3.48 12.69 8.98
CA SER F 251 -3.09 12.26 7.64
C SER F 251 -2.03 11.18 7.71
N ARG F 252 -1.35 11.16 8.85
CA ARG F 252 -0.24 10.24 9.07
C ARG F 252 -0.71 8.83 9.44
N LEU F 253 -1.90 8.72 10.01
CA LEU F 253 -2.39 7.43 10.53
C LEU F 253 -2.68 6.40 9.44
N ARG F 254 -2.26 5.15 9.68
CA ARG F 254 -2.53 4.02 8.76
C ARG F 254 -3.41 2.91 9.34
N ASN F 255 -3.72 2.98 10.63
CA ASN F 255 -4.60 1.99 11.22
C ASN F 255 -6.04 2.46 11.33
N GLN F 256 -6.94 1.70 10.73
CA GLN F 256 -8.34 2.11 10.64
C GLN F 256 -8.93 2.29 12.04
N SER F 257 -8.65 1.35 12.93
CA SER F 257 -9.20 1.42 14.27
C SER F 257 -8.70 2.65 15.02
N VAL F 258 -7.45 3.04 14.75
CA VAL F 258 -6.87 4.20 15.40
C VAL F 258 -7.40 5.50 14.77
N PHE F 259 -7.47 5.53 13.44
CA PHE F 259 -8.01 6.67 12.73
C PHE F 259 -9.38 7.07 13.26
N ASN F 260 -10.30 6.11 13.25
CA ASN F 260 -11.64 6.29 13.80
C ASN F 260 -11.58 6.90 15.19
N PHE F 261 -10.64 6.43 15.99
CA PHE F 261 -10.64 6.80 17.38
C PHE F 261 -10.21 8.27 17.49
N CYS F 262 -9.25 8.67 16.65
CA CYS F 262 -8.72 10.02 16.73
C CYS F 262 -9.59 10.98 15.95
N ALA F 263 -10.19 10.51 14.85
CA ALA F 263 -10.83 11.42 13.91
C ALA F 263 -12.14 11.93 14.45
N ILE F 264 -12.96 11.00 14.95
CA ILE F 264 -14.31 11.33 15.44
C ILE F 264 -14.34 12.43 16.52
N PRO F 265 -13.53 12.33 17.59
CA PRO F 265 -13.62 13.45 18.53
C PRO F 265 -13.26 14.78 17.86
N GLN F 266 -12.19 14.80 17.10
CA GLN F 266 -11.74 16.02 16.43
C GLN F 266 -12.86 16.61 15.57
N VAL F 267 -13.60 15.75 14.89
CA VAL F 267 -14.69 16.18 14.01
C VAL F 267 -15.88 16.72 14.80
N MET F 268 -16.17 16.10 15.94
CA MET F 268 -17.20 16.61 16.86
C MET F 268 -16.81 17.98 17.38
N ALA F 269 -15.52 18.17 17.66
CA ALA F 269 -15.01 19.46 18.13
C ALA F 269 -15.25 20.59 17.12
N ILE F 270 -14.94 20.32 15.84
CA ILE F 270 -15.08 21.32 14.79
C ILE F 270 -16.55 21.68 14.57
N ALA F 271 -17.41 20.66 14.59
CA ALA F 271 -18.84 20.87 14.48
C ALA F 271 -19.35 21.76 15.61
N THR F 272 -18.83 21.55 16.82
CA THR F 272 -19.24 22.31 18.00
C THR F 272 -18.81 23.77 17.90
N LEU F 273 -17.51 23.99 17.70
CA LEU F 273 -16.95 25.30 17.47
C LEU F 273 -17.73 26.06 16.38
N ALA F 274 -18.20 25.31 15.38
CA ALA F 274 -19.04 25.87 14.32
C ALA F 274 -20.46 26.17 14.79
N ALA F 275 -21.01 25.29 15.63
CA ALA F 275 -22.31 25.53 16.23
C ALA F 275 -22.24 26.79 17.09
N CYS F 276 -21.09 26.98 17.72
CA CYS F 276 -20.90 28.01 18.74
C CYS F 276 -20.53 29.39 18.19
N TYR F 277 -19.88 29.45 17.03
CA TYR F 277 -19.39 30.73 16.51
C TYR F 277 -20.51 31.75 16.40
N ASN F 278 -20.23 32.98 16.81
CA ASN F 278 -21.19 34.07 16.77
C ASN F 278 -22.60 33.71 17.24
N ASN F 279 -22.67 32.86 18.27
CA ASN F 279 -23.92 32.26 18.75
C ASN F 279 -24.23 32.65 20.20
N GLN F 280 -25.23 33.51 20.36
CA GLN F 280 -25.65 33.98 21.69
C GLN F 280 -26.09 32.83 22.58
N GLN F 281 -26.62 31.79 21.97
CA GLN F 281 -27.22 30.66 22.69
C GLN F 281 -26.34 30.03 23.77
N VAL F 282 -25.01 30.12 23.60
CA VAL F 282 -24.07 29.53 24.57
C VAL F 282 -24.06 30.23 25.93
N PHE F 283 -24.56 31.46 25.95
CA PHE F 283 -24.75 32.22 27.18
C PHE F 283 -26.19 32.07 27.68
N LYS F 284 -26.85 31.01 27.24
CA LYS F 284 -28.17 30.62 27.73
C LYS F 284 -28.15 29.17 28.22
N GLY F 285 -27.46 28.30 27.50
CA GLY F 285 -27.35 26.88 27.86
C GLY F 285 -26.38 26.10 27.01
N ALA F 286 -26.79 24.88 26.64
CA ALA F 286 -25.95 23.98 25.85
C ALA F 286 -26.26 24.03 24.36
N VAL F 287 -25.24 23.80 23.54
CA VAL F 287 -25.39 23.78 22.08
C VAL F 287 -24.69 22.55 21.52
N MET F 298 -23.37 13.14 2.86
CA MET F 298 -23.35 11.70 2.58
C MET F 298 -21.93 11.17 2.61
N MET F 299 -21.37 11.13 3.82
CA MET F 299 -20.09 10.50 4.13
C MET F 299 -19.68 10.89 5.56
N ASP F 300 -18.77 10.13 6.17
CA ASP F 300 -18.37 10.42 7.54
C ASP F 300 -16.96 9.93 7.87
N ALA F 301 -16.54 10.19 9.11
CA ALA F 301 -15.14 10.38 9.48
C ALA F 301 -14.24 9.14 9.52
N THR F 302 -14.27 8.33 8.47
CA THR F 302 -13.58 7.05 8.51
C THR F 302 -12.42 6.95 7.51
N ASN F 303 -12.29 7.99 6.69
CA ASN F 303 -11.11 8.13 5.85
C ASN F 303 -10.76 9.61 5.78
N MET F 304 -9.51 9.89 5.46
CA MET F 304 -8.94 11.23 5.52
C MET F 304 -9.54 12.26 4.57
N PRO F 305 -9.76 11.89 3.30
CA PRO F 305 -10.46 12.82 2.43
C PRO F 305 -11.87 13.20 2.94
N ALA F 306 -12.62 12.23 3.48
CA ALA F 306 -13.93 12.53 4.06
C ALA F 306 -13.79 13.44 5.27
N VAL F 307 -12.76 13.24 6.08
CA VAL F 307 -12.51 14.08 7.23
C VAL F 307 -12.13 15.49 6.79
N LYS F 308 -11.25 15.57 5.78
CA LYS F 308 -10.83 16.88 5.28
C LYS F 308 -12.07 17.64 4.83
N ALA F 309 -12.96 16.95 4.13
CA ALA F 309 -14.14 17.57 3.52
C ALA F 309 -15.09 18.06 4.60
N ILE F 310 -15.27 17.26 5.64
CA ILE F 310 -16.08 17.68 6.76
C ILE F 310 -15.55 19.00 7.34
N ILE F 311 -14.23 19.03 7.62
CA ILE F 311 -13.59 20.19 8.21
C ILE F 311 -13.81 21.43 7.35
N TYR F 312 -13.48 21.33 6.07
CA TYR F 312 -13.68 22.48 5.18
C TYR F 312 -15.13 22.95 5.15
N GLN F 313 -16.09 22.02 5.20
CA GLN F 313 -17.52 22.33 5.15
C GLN F 313 -17.94 23.11 6.39
N TYR F 314 -17.28 22.81 7.50
CA TYR F 314 -17.46 23.58 8.73
C TYR F 314 -16.70 24.90 8.72
N MET F 315 -15.52 24.94 8.08
CA MET F 315 -14.75 26.18 8.00
C MET F 315 -15.53 27.24 7.25
N GLU F 316 -16.20 26.81 6.19
CA GLU F 316 -17.07 27.69 5.40
C GLU F 316 -18.32 28.08 6.19
N GLU F 317 -18.96 27.12 6.85
CA GLU F 317 -20.11 27.40 7.71
C GLU F 317 -19.80 28.53 8.70
N ILE F 318 -18.55 28.60 9.15
CA ILE F 318 -18.09 29.65 10.06
C ILE F 318 -17.73 30.92 9.28
N TYR F 319 -16.95 30.78 8.22
CA TYR F 319 -16.54 31.90 7.39
C TYR F 319 -17.75 32.73 6.95
N HIS F 320 -18.85 32.05 6.69
CA HIS F 320 -20.09 32.63 6.16
C HIS F 320 -20.86 33.44 7.20
N ARG F 321 -20.67 33.09 8.47
CA ARG F 321 -21.23 33.83 9.60
C ARG F 321 -20.22 34.80 10.20
N ILE F 322 -19.28 35.33 9.42
CA ILE F 322 -18.36 36.29 9.99
C ILE F 322 -18.89 37.71 9.84
N PRO F 323 -19.29 38.34 10.96
CA PRO F 323 -19.74 39.74 10.89
C PRO F 323 -18.57 40.68 10.67
N ASP F 324 -18.75 41.65 9.77
CA ASP F 324 -17.82 42.76 9.60
C ASP F 324 -17.63 43.49 10.94
N SER F 325 -18.69 43.46 11.73
CA SER F 325 -18.75 44.10 13.05
C SER F 325 -17.85 43.48 14.12
N ASP F 326 -17.44 42.23 13.95
CA ASP F 326 -16.61 41.58 14.96
C ASP F 326 -15.17 42.09 14.95
N PRO F 327 -14.57 42.28 16.13
CA PRO F 327 -13.21 42.81 16.22
C PRO F 327 -12.13 41.83 15.79
N SER F 328 -12.45 40.54 15.76
CA SER F 328 -11.49 39.52 15.33
C SER F 328 -11.79 38.94 13.94
N SER F 329 -12.80 39.49 13.28
CA SER F 329 -13.17 39.09 11.92
C SER F 329 -11.96 38.75 11.06
N SER F 330 -11.00 39.67 11.03
CA SER F 330 -9.83 39.55 10.17
C SER F 330 -8.96 38.32 10.43
N LYS F 331 -8.60 38.11 11.70
CA LYS F 331 -7.77 36.97 12.09
C LYS F 331 -8.49 35.65 11.89
N THR F 332 -9.81 35.70 11.99
CA THR F 332 -10.64 34.52 11.78
C THR F 332 -10.56 34.14 10.31
N ARG F 333 -10.68 35.14 9.46
CA ARG F 333 -10.59 34.94 8.02
C ARG F 333 -9.20 34.45 7.63
N GLN F 334 -8.18 35.00 8.28
CA GLN F 334 -6.79 34.60 8.06
C GLN F 334 -6.51 33.13 8.38
N ILE F 335 -6.85 32.68 9.58
CA ILE F 335 -6.61 31.28 9.94
C ILE F 335 -7.41 30.35 9.05
N ILE F 336 -8.67 30.68 8.81
CA ILE F 336 -9.49 29.93 7.87
C ILE F 336 -8.83 29.87 6.48
N SER F 337 -8.32 31.00 6.00
CA SER F 337 -7.59 31.01 4.73
C SER F 337 -6.40 30.06 4.74
N THR F 338 -5.62 30.08 5.81
CA THR F 338 -4.45 29.22 5.95
C THR F 338 -4.84 27.75 5.93
N ILE F 339 -5.86 27.41 6.72
CA ILE F 339 -6.45 26.06 6.72
C ILE F 339 -6.83 25.63 5.31
N ARG F 340 -7.42 26.55 4.55
CA ARG F 340 -7.97 26.25 3.23
C ARG F 340 -6.95 25.99 2.12
N THR F 341 -5.84 26.72 2.12
CA THR F 341 -4.94 26.65 0.98
C THR F 341 -3.67 25.88 1.31
N GLN F 342 -3.46 25.62 2.60
CA GLN F 342 -2.30 24.87 3.09
C GLN F 342 -0.96 25.43 2.63
C1 FPS G . 11.43 -14.47 -26.26
S1 FPS G . 11.65 -16.20 -26.79
C2 FPS G . 10.08 -14.12 -26.23
C3 FPS G . 9.49 -13.03 -26.86
C4 FPS G . 10.36 -12.11 -27.72
C5 FPS G . 7.98 -12.83 -26.74
C6 FPS G . 7.56 -11.64 -25.89
C7 FPS G . 7.60 -11.98 -24.54
C8 FPS G . 6.86 -11.56 -23.44
C10 FPS G . 5.72 -10.54 -23.51
C9 FPS G . 7.21 -12.19 -22.10
C11 FPS G . 6.00 -9.24 -22.76
C12 FPS G . 5.83 -9.38 -21.39
C13 FPS G . 4.84 -8.86 -20.55
C14 FPS G . 4.94 -9.16 -19.07
C15 FPS G . 3.65 -8.02 -21.04
PA FPS G . 12.84 -16.89 -25.28
O1A FPS G . 11.78 -17.44 -24.18
O2A FPS G . 13.75 -15.84 -24.75
O3A FPS G . 13.65 -18.21 -25.75
PB FPS G . 14.75 -18.89 -24.77
O1B FPS G . 16.01 -18.12 -24.63
O2B FPS G . 14.01 -19.06 -23.34
O3B FPS G . 14.97 -20.40 -25.33
C1 FPS H . 8.04 -16.58 -32.41
S1 FPS H . 9.65 -15.80 -32.79
C2 FPS H . 7.42 -16.10 -31.26
C3 FPS H . 7.78 -16.14 -29.90
C4 FPS H . 9.10 -16.73 -29.39
C5 FPS H . 6.82 -15.54 -28.88
C6 FPS H . 6.33 -16.58 -27.86
C7 FPS H . 7.01 -16.42 -26.67
C8 FPS H . 7.73 -17.34 -25.92
C10 FPS H . 8.43 -16.86 -24.65
C9 FPS H . 7.84 -18.82 -26.31
C11 FPS H . 7.65 -15.76 -23.90
C12 FPS H . 7.67 -16.00 -22.53
C13 FPS H . 6.63 -16.46 -21.73
C14 FPS H . 6.91 -16.65 -20.25
C15 FPS H . 5.24 -16.81 -22.26
PA FPS H . 10.97 -17.25 -32.07
O1A FPS H . 10.13 -18.62 -32.03
O2A FPS H . 11.53 -16.90 -30.74
O3A FPS H . 12.16 -17.53 -33.15
PB FPS H . 13.45 -18.47 -32.80
O1B FPS H . 13.41 -19.10 -31.46
O2B FPS H . 13.54 -19.56 -34.00
O3B FPS H . 14.77 -17.55 -33.00
C1 FPS I . 28.91 -20.93 10.74
S1 FPS I . 29.14 -19.30 11.54
C2 FPS I . 27.75 -21.49 11.24
C3 FPS I . 27.12 -22.70 10.96
C4 FPS I . 27.72 -23.68 9.95
C5 FPS I . 25.80 -23.04 11.69
C6 FPS I . 24.54 -23.10 10.81
C7 FPS I . 24.07 -21.84 10.49
C8 FPS I . 22.81 -21.25 10.56
C10 FPS I . 21.58 -21.99 11.09
C9 FPS I . 22.68 -19.79 10.12
C11 FPS I . 20.40 -22.15 10.11
C12 FPS I . 19.80 -20.94 9.79
C13 FPS I . 18.50 -20.43 9.89
C14 FPS I . 18.32 -19.04 9.34
C15 FPS I . 17.25 -21.16 10.39
PA FPS I . 30.91 -18.42 10.83
O1A FPS I . 31.50 -17.60 12.10
O2A FPS I . 30.78 -17.49 9.69
O3A FPS I . 32.00 -19.56 10.54
PB FPS I . 33.46 -19.01 10.15
O1B FPS I . 33.49 -17.55 10.02
O2B FPS I . 34.45 -19.56 11.31
O3B FPS I . 33.88 -19.76 8.77
C1 FPS J . 31.06 -25.22 13.31
S1 FPS J . 30.81 -26.58 12.11
C2 FPS J . 30.88 -25.74 14.58
C3 FPS J . 29.83 -25.60 15.48
C4 FPS J . 29.95 -26.36 16.79
C5 FPS J . 28.61 -24.70 15.22
C6 FPS J . 28.71 -23.38 16.00
C7 FPS J . 28.05 -22.35 15.35
C8 FPS J . 28.32 -20.98 15.37
C10 FPS J . 27.42 -20.05 14.56
C9 FPS J . 29.50 -20.35 16.10
C11 FPS J . 26.07 -19.74 15.23
C12 FPS J . 25.35 -19.03 14.28
C13 FPS J . 24.55 -17.89 14.32
C14 FPS J . 24.02 -17.44 12.97
C15 FPS J . 24.18 -17.13 15.59
PA FPS J . 32.19 -27.99 12.73
O1A FPS J . 32.44 -28.96 11.46
O2A FPS J . 31.70 -28.77 13.90
O3A FPS J . 33.58 -27.21 13.00
PB FPS J . 34.35 -27.21 14.43
O1B FPS J . 33.50 -27.53 15.59
O2B FPS J . 35.57 -28.25 14.28
O3B FPS J . 35.01 -25.73 14.52
C1 FPS K . 28.76 14.59 -5.00
S1 FPS K . 29.93 15.08 -6.33
C2 FPS K . 28.05 15.60 -4.34
C3 FPS K . 28.26 16.34 -3.16
C4 FPS K . 29.58 16.24 -2.39
C5 FPS K . 27.22 17.35 -2.65
C6 FPS K . 26.45 16.95 -1.38
C7 FPS K . 25.34 16.22 -1.74
C8 FPS K . 24.10 15.86 -1.21
C10 FPS K . 23.52 16.24 0.15
C9 FPS K . 23.27 15.00 -2.17
C11 FPS K . 23.08 15.04 1.02
C12 FPS K . 22.04 14.24 0.54
C13 FPS K . 20.84 13.85 1.17
C14 FPS K . 19.87 12.93 0.48
C15 FPS K . 20.38 14.37 2.53
PA FPS K . 28.94 15.08 -8.15
O1A FPS K . 29.59 16.36 -8.87
O2A FPS K . 27.47 15.22 -8.09
O3A FPS K . 29.47 13.84 -9.05
PB FPS K . 28.93 13.69 -10.58
O1B FPS K . 29.47 12.54 -11.35
O2B FPS K . 27.32 13.67 -10.42
O3B FPS K . 29.30 15.09 -11.29
C1 FPS L . -34.17 -13.27 4.65
S1 FPS L . -34.58 -13.50 2.87
C2 FPS L . -33.45 -14.38 5.08
C3 FPS L . -32.64 -14.59 6.20
C4 FPS L . -32.44 -13.49 7.25
C5 FPS L . -31.98 -15.98 6.35
C6 FPS L . -30.49 -16.02 6.74
C7 FPS L . -29.68 -15.36 5.83
C8 FPS L . -28.30 -15.42 5.59
C10 FPS L . -27.37 -16.39 6.31
C9 FPS L . -27.76 -14.51 4.50
C11 FPS L . -26.25 -15.75 7.15
C12 FPS L . -25.44 -14.85 6.47
C13 FPS L . -24.08 -14.88 6.19
C14 FPS L . -23.47 -13.71 5.43
C15 FPS L . -23.14 -16.04 6.56
PA FPS L . -35.56 -11.79 2.30
O1A FPS L . -36.73 -12.23 1.27
O2A FPS L . -34.68 -10.81 1.62
O3A FPS L . -36.30 -11.21 3.62
PB FPS L . -37.70 -11.85 4.16
O1B FPS L . -38.73 -12.05 3.11
O2B FPS L . -37.32 -13.24 4.91
O3B FPS L . -38.20 -10.85 5.33
C1 FPS M . -22.36 21.94 -11.52
S1 FPS M . -21.27 23.13 -10.66
C2 FPS M . -21.65 21.31 -12.54
C3 FPS M . -22.09 20.41 -13.50
C4 FPS M . -23.55 19.99 -13.56
C5 FPS M . -21.06 19.87 -14.51
C6 FPS M . -20.76 18.36 -14.38
C7 FPS M . -19.89 18.13 -13.33
C8 FPS M . -18.82 17.26 -13.18
C10 FPS M . -18.31 16.35 -14.32
C9 FPS M . -18.08 17.29 -11.84
C11 FPS M . -18.56 14.86 -14.10
C12 FPS M . -17.73 14.29 -13.15
C13 FPS M . -16.73 13.32 -13.22
C14 FPS M . -16.06 12.94 -11.92
C15 FPS M . -16.26 12.63 -14.51
PA FPS M . -22.21 23.38 -8.86
O1A FPS M . -21.09 23.85 -7.79
O2A FPS M . -22.91 22.16 -8.39
O3A FPS M . -23.18 24.66 -9.03
PB FPS M . -23.70 25.41 -7.70
O1B FPS M . -22.82 26.51 -7.25
O2B FPS M . -25.20 25.89 -8.08
O3B FPS M . -23.90 24.26 -6.57
C1 FPS N . -24.31 24.20 -16.64
S1 FPS N . -25.72 24.47 -17.78
C2 FPS N . -23.08 24.49 -17.21
C3 FPS N . -21.90 24.53 -16.48
C4 FPS N . -22.02 24.29 -14.96
C5 FPS N . -20.57 24.82 -17.19
C6 FPS N . -19.43 25.21 -16.25
C7 FPS N . -19.12 24.21 -15.33
C8 FPS N . -18.94 24.29 -13.95
C10 FPS N . -18.66 22.99 -13.22
C9 FPS N . -19.00 25.59 -13.14
C11 FPS N . -17.17 22.78 -12.99
C12 FPS N . -17.04 21.87 -11.96
C13 FPS N . -15.91 21.19 -11.53
C14 FPS N . -16.07 20.22 -10.38
C15 FPS N . -14.56 21.39 -12.21
PA FPS N . -26.16 26.23 -17.28
O1A FPS N . -24.72 26.97 -17.26
O2A FPS N . -26.81 26.30 -15.94
O3A FPS N . -26.99 26.87 -18.48
PB FPS N . -27.07 28.48 -18.60
O1B FPS N . -27.72 28.98 -19.83
O2B FPS N . -27.83 28.93 -17.24
O3B FPS N . -25.55 29.00 -18.47
#